data_8GB1
#
_entry.id   8GB1
#
_cell.length_a   81.783
_cell.length_b   144.040
_cell.length_c   200.318
_cell.angle_alpha   90.000
_cell.angle_beta   90.000
_cell.angle_gamma   90.000
#
_symmetry.space_group_name_H-M   'P 21 21 21'
#
loop_
_entity.id
_entity.type
_entity.pdbx_description
1 polymer 'Deoxynucleoside triphosphate triphosphohydrolase SAMHD1'
2 non-polymer "5'-O-[(R)-(3-{[(1M)-3'-bromo[1,1'-biphenyl]-3-carbonyl]amino}propoxy)(hydroxy)phosphoryl]-2'-deoxyguanosine"
3 non-polymer 'FE (III) ION'
4 water water
#
_entity_poly.entity_id   1
_entity_poly.type   'polypeptide(L)'
_entity_poly.pdbx_seq_one_letter_code
;SMDTMKVINDPIHGHIELHPLLVRIIDTPQFQRLRYIKQLGGGYYVFPGASHNRFEHSLGVGYLAGCLVHALGEKQPELQ
ISERDVLCVQIAGLCHDLGHGPFSHMFDGRFIPLARPEVKWTHEQGSVMMFEHLINSNGIKPVMEQYGLIPEEDICFIKE
QIVGPLESPVEDSLWPYKGRPENKSFLYEIVSNKRNGIDVDKWDYFARDCHHLGIQNNFDYKRFIKFARVCEVDNELRIC
ARDKEVGNLYDMFHTRNSLHRRAYQHKVGNIIDTMITDAFLKADDYIEITGAGGKKYRISTAIDDMEAYTKLTDNIFLEI
LYSTDPKLKDAREILKQIEYRNLFKYVGETQPTGQIKIKREDYESLPKEVASAKPKVLLDVKLKAEDFIVDVINMDYGMQ
EKNPIDHVSFYCKTAPNRAIRITKNQVSQLLPEKFAEQLIRVYCKKVDRKSLYAARQYFVQWCADRNFTKPQDGDVIAPL
ITPQKKEWNDSTSVQNPTRLREASKSRVQLFKDDPM
;
_entity_poly.pdbx_strand_id   A,B,C,D
#
loop_
_chem_comp.id
_chem_comp.type
_chem_comp.name
_chem_comp.formula
FE non-polymer 'FE (III) ION' 'Fe 3'
YWI non-polymer 5'-O-[(R)-(3-{[(1M)-3'-bromo[1,1'-biphenyl]-3-carbonyl]amino}propoxy)(hydroxy)phosphoryl]-2'-deoxyguanosine 'C26 H28 Br N6 O8 P'
#
# COMPACT_ATOMS: atom_id res chain seq x y z
N ASP A 3 16.95 -26.95 17.49
CA ASP A 3 16.01 -25.87 17.76
C ASP A 3 16.54 -24.55 17.23
N THR A 4 15.71 -23.84 16.46
CA THR A 4 16.08 -22.54 15.92
C THR A 4 14.83 -21.66 15.88
N MET A 5 15.06 -20.38 15.55
CA MET A 5 13.96 -19.44 15.46
C MET A 5 12.93 -19.90 14.43
N LYS A 6 11.73 -19.34 14.54
CA LYS A 6 10.68 -19.58 13.55
C LYS A 6 10.16 -18.23 13.06
N VAL A 7 9.59 -18.22 11.87
CA VAL A 7 9.04 -17.01 11.28
C VAL A 7 7.56 -17.25 10.99
N ILE A 8 6.71 -16.39 11.55
CA ILE A 8 5.27 -16.45 11.30
C ILE A 8 4.87 -15.19 10.53
N ASN A 9 4.04 -15.36 9.51
CA ASN A 9 3.53 -14.24 8.73
C ASN A 9 2.19 -13.80 9.29
N ASP A 10 2.13 -12.57 9.80
CA ASP A 10 0.99 -11.96 10.44
C ASP A 10 0.48 -10.79 9.60
N PRO A 11 -0.84 -10.62 9.46
CA PRO A 11 -1.34 -9.51 8.64
C PRO A 11 -1.08 -8.13 9.24
N ILE A 12 -0.91 -8.03 10.56
CA ILE A 12 -0.65 -6.73 11.18
C ILE A 12 0.84 -6.39 11.19
N HIS A 13 1.70 -7.37 11.49
CA HIS A 13 3.11 -7.10 11.75
C HIS A 13 4.04 -7.68 10.68
N GLY A 14 3.51 -8.33 9.64
CA GLY A 14 4.39 -8.96 8.68
C GLY A 14 5.10 -10.15 9.28
N HIS A 15 6.38 -10.28 8.99
CA HIS A 15 7.17 -11.40 9.48
C HIS A 15 7.56 -11.15 10.94
N ILE A 16 7.16 -12.05 11.83
CA ILE A 16 7.55 -11.98 13.22
C ILE A 16 8.42 -13.20 13.53
N GLU A 17 9.61 -12.93 14.05
CA GLU A 17 10.57 -13.95 14.44
C GLU A 17 10.30 -14.38 15.88
N LEU A 18 10.40 -15.69 16.13
CA LEU A 18 10.15 -16.26 17.44
C LEU A 18 11.37 -17.04 17.89
N HIS A 19 11.88 -16.68 19.06
CA HIS A 19 12.96 -17.41 19.72
C HIS A 19 12.51 -18.82 20.05
N PRO A 20 13.40 -19.81 19.97
CA PRO A 20 12.97 -21.20 20.22
C PRO A 20 12.30 -21.42 21.57
N LEU A 21 12.70 -20.68 22.60
CA LEU A 21 12.03 -20.80 23.90
C LEU A 21 10.58 -20.33 23.80
N LEU A 22 10.34 -19.22 23.11
CA LEU A 22 8.97 -18.76 22.90
C LEU A 22 8.18 -19.79 22.11
N VAL A 23 8.80 -20.41 21.11
CA VAL A 23 8.13 -21.46 20.34
C VAL A 23 7.76 -22.63 21.24
N ARG A 24 8.67 -23.03 22.12
CA ARG A 24 8.38 -24.13 23.04
C ARG A 24 7.21 -23.79 23.94
N ILE A 25 7.12 -22.52 24.38
CA ILE A 25 6.00 -22.11 25.21
C ILE A 25 4.71 -22.12 24.41
N ILE A 26 4.76 -21.69 23.15
CA ILE A 26 3.56 -21.57 22.34
C ILE A 26 2.98 -22.95 22.03
N ASP A 27 3.83 -23.92 21.74
CA ASP A 27 3.38 -25.25 21.32
C ASP A 27 3.03 -26.10 22.55
N THR A 28 2.05 -25.62 23.30
CA THR A 28 1.48 -26.31 24.44
C THR A 28 -0.02 -26.24 24.38
N PRO A 29 -0.72 -27.21 24.98
CA PRO A 29 -2.19 -27.09 25.03
C PRO A 29 -2.63 -25.81 25.71
N GLN A 30 -1.89 -25.39 26.74
CA GLN A 30 -2.27 -24.22 27.52
C GLN A 30 -2.24 -22.94 26.69
N PHE A 31 -1.33 -22.84 25.73
CA PHE A 31 -1.27 -21.67 24.86
C PHE A 31 -2.14 -21.82 23.62
N GLN A 32 -2.11 -22.99 22.99
CA GLN A 32 -2.97 -23.22 21.82
C GLN A 32 -4.44 -23.06 22.17
N ARG A 33 -4.79 -23.20 23.45
CA ARG A 33 -6.16 -22.96 23.89
C ARG A 33 -6.69 -21.61 23.39
N LEU A 34 -5.83 -20.60 23.27
CA LEU A 34 -6.28 -19.27 22.92
C LEU A 34 -6.77 -19.16 21.48
N ARG A 35 -6.54 -20.18 20.65
CA ARG A 35 -7.12 -20.20 19.31
C ARG A 35 -8.64 -20.32 19.33
N TYR A 36 -9.23 -20.64 20.48
CA TYR A 36 -10.65 -20.96 20.59
C TYR A 36 -11.40 -19.99 21.49
N ILE A 37 -10.87 -18.79 21.69
CA ILE A 37 -11.51 -17.75 22.47
C ILE A 37 -11.48 -16.47 21.64
N LYS A 38 -12.65 -16.00 21.21
CA LYS A 38 -12.72 -14.86 20.32
C LYS A 38 -12.29 -13.59 21.04
N GLN A 39 -11.53 -12.75 20.33
CA GLN A 39 -11.00 -11.53 20.92
C GLN A 39 -12.12 -10.65 21.47
N LEU A 40 -13.18 -10.45 20.68
CA LEU A 40 -14.23 -9.49 21.00
C LEU A 40 -15.50 -10.16 21.49
N GLY A 41 -15.44 -11.43 21.87
CA GLY A 41 -16.60 -12.09 22.43
C GLY A 41 -17.75 -12.10 21.43
N GLY A 42 -18.89 -11.54 21.84
CA GLY A 42 -20.07 -11.51 21.00
C GLY A 42 -20.06 -10.50 19.88
N GLY A 43 -19.02 -9.66 19.80
CA GLY A 43 -18.96 -8.69 18.72
C GLY A 43 -19.00 -9.31 17.35
N TYR A 44 -18.54 -10.56 17.22
CA TYR A 44 -18.57 -11.25 15.95
C TYR A 44 -19.99 -11.42 15.42
N TYR A 45 -21.00 -11.37 16.30
CA TYR A 45 -22.39 -11.46 15.86
C TYR A 45 -22.94 -10.11 15.40
N VAL A 46 -22.14 -9.05 15.49
CA VAL A 46 -22.48 -7.76 14.91
C VAL A 46 -21.49 -7.37 13.80
N PHE A 47 -20.22 -7.72 13.97
CA PHE A 47 -19.18 -7.39 13.00
C PHE A 47 -18.65 -8.67 12.36
N PRO A 48 -19.11 -9.03 11.15
CA PRO A 48 -18.71 -10.33 10.58
C PRO A 48 -17.21 -10.48 10.38
N GLY A 49 -16.45 -9.38 10.32
CA GLY A 49 -15.01 -9.50 10.20
C GLY A 49 -14.29 -9.81 11.49
N ALA A 50 -14.99 -9.78 12.62
CA ALA A 50 -14.35 -9.88 13.94
C ALA A 50 -14.36 -11.32 14.45
N SER A 51 -13.76 -12.21 13.65
CA SER A 51 -13.61 -13.62 14.00
C SER A 51 -12.28 -13.94 14.65
N HIS A 52 -11.44 -12.93 14.91
CA HIS A 52 -10.10 -13.15 15.42
C HIS A 52 -10.12 -13.55 16.89
N ASN A 53 -9.13 -14.36 17.28
CA ASN A 53 -9.04 -14.96 18.60
C ASN A 53 -7.84 -14.39 19.37
N ARG A 54 -7.77 -14.77 20.65
CA ARG A 54 -6.73 -14.25 21.53
C ARG A 54 -5.34 -14.73 21.15
N PHE A 55 -5.24 -15.84 20.43
CA PHE A 55 -3.94 -16.44 20.10
C PHE A 55 -3.09 -15.50 19.24
N GLU A 56 -3.65 -15.02 18.13
CA GLU A 56 -2.88 -14.18 17.22
C GLU A 56 -2.54 -12.84 17.86
N HIS A 57 -3.48 -12.30 18.65
CA HIS A 57 -3.20 -11.06 19.38
C HIS A 57 -2.06 -11.27 20.37
N SER A 58 -2.03 -12.42 21.04
CA SER A 58 -0.94 -12.72 21.98
C SER A 58 0.40 -12.79 21.26
N LEU A 59 0.44 -13.43 20.09
CA LEU A 59 1.66 -13.44 19.30
C LEU A 59 2.11 -12.02 19.00
N GLY A 60 1.18 -11.18 18.57
CA GLY A 60 1.52 -9.80 18.26
C GLY A 60 2.08 -9.06 19.46
N VAL A 61 1.48 -9.28 20.64
CA VAL A 61 1.95 -8.57 21.83
C VAL A 61 3.37 -9.01 22.17
N GLY A 62 3.66 -10.31 22.10
CA GLY A 62 5.03 -10.75 22.32
C GLY A 62 6.01 -10.10 21.36
N TYR A 63 5.64 -10.06 20.07
CA TYR A 63 6.52 -9.47 19.07
C TYR A 63 6.79 -8.00 19.36
N LEU A 64 5.74 -7.25 19.71
CA LEU A 64 5.92 -5.82 19.97
C LEU A 64 6.73 -5.57 21.24
N ALA A 65 6.52 -6.38 22.28
CA ALA A 65 7.33 -6.26 23.48
C ALA A 65 8.81 -6.43 23.14
N GLY A 66 9.12 -7.49 22.38
CA GLY A 66 10.50 -7.69 21.96
C GLY A 66 11.03 -6.49 21.19
N CYS A 67 10.24 -5.98 20.25
CA CYS A 67 10.71 -4.87 19.42
C CYS A 67 11.05 -3.65 20.26
N LEU A 68 10.12 -3.23 21.11
CA LEU A 68 10.33 -2.02 21.90
C LEU A 68 11.55 -2.17 22.82
N VAL A 69 11.65 -3.31 23.51
CA VAL A 69 12.73 -3.46 24.47
C VAL A 69 14.08 -3.53 23.76
N HIS A 70 14.14 -4.22 22.61
CA HIS A 70 15.38 -4.28 21.86
C HIS A 70 15.78 -2.90 21.35
N ALA A 71 14.81 -2.11 20.87
CA ALA A 71 15.15 -0.78 20.38
C ALA A 71 15.71 0.08 21.50
N LEU A 72 15.09 0.03 22.68
CA LEU A 72 15.61 0.80 23.80
C LEU A 72 17.02 0.35 24.16
N GLY A 73 17.27 -0.96 24.15
CA GLY A 73 18.61 -1.45 24.45
C GLY A 73 19.64 -1.00 23.43
N GLU A 74 19.27 -1.03 22.15
CA GLU A 74 20.20 -0.62 21.10
C GLU A 74 20.53 0.86 21.19
N LYS A 75 19.53 1.69 21.49
CA LYS A 75 19.78 3.13 21.55
C LYS A 75 20.57 3.52 22.79
N GLN A 76 20.38 2.80 23.90
CA GLN A 76 20.95 3.16 25.19
C GLN A 76 21.62 1.95 25.81
N PRO A 77 22.88 1.67 25.46
CA PRO A 77 23.58 0.55 26.10
C PRO A 77 23.69 0.70 27.60
N GLU A 78 23.75 1.95 28.10
CA GLU A 78 23.98 2.17 29.52
C GLU A 78 22.90 1.54 30.40
N LEU A 79 21.71 1.30 29.86
CA LEU A 79 20.64 0.70 30.66
C LEU A 79 20.91 -0.75 31.01
N GLN A 80 21.89 -1.39 30.36
CA GLN A 80 22.25 -2.78 30.66
C GLN A 80 21.08 -3.72 30.46
N ILE A 81 20.32 -3.51 29.39
CA ILE A 81 19.26 -4.44 29.01
C ILE A 81 19.92 -5.65 28.34
N SER A 82 19.70 -6.83 28.91
CA SER A 82 20.28 -8.07 28.41
C SER A 82 19.25 -8.85 27.59
N GLU A 83 19.76 -9.77 26.76
CA GLU A 83 18.88 -10.62 25.99
C GLU A 83 17.98 -11.46 26.90
N ARG A 84 18.47 -11.78 28.10
CA ARG A 84 17.62 -12.43 29.09
C ARG A 84 16.41 -11.56 29.43
N ASP A 85 16.65 -10.27 29.66
CA ASP A 85 15.55 -9.35 29.94
C ASP A 85 14.59 -9.28 28.77
N VAL A 86 15.11 -9.25 27.55
CA VAL A 86 14.26 -9.19 26.38
C VAL A 86 13.38 -10.43 26.30
N LEU A 87 13.96 -11.61 26.53
CA LEU A 87 13.17 -12.83 26.46
C LEU A 87 12.09 -12.85 27.55
N CYS A 88 12.41 -12.38 28.75
CA CYS A 88 11.40 -12.36 29.81
C CYS A 88 10.26 -11.40 29.46
N VAL A 89 10.59 -10.21 28.95
CA VAL A 89 9.54 -9.28 28.54
C VAL A 89 8.71 -9.86 27.41
N GLN A 90 9.36 -10.54 26.46
CA GLN A 90 8.64 -11.17 25.36
C GLN A 90 7.68 -12.24 25.88
N ILE A 91 8.13 -13.07 26.82
CA ILE A 91 7.27 -14.11 27.36
C ILE A 91 6.08 -13.48 28.08
N ALA A 92 6.33 -12.41 28.85
CA ALA A 92 5.23 -11.74 29.53
C ALA A 92 4.22 -11.21 28.53
N GLY A 93 4.69 -10.59 27.44
CA GLY A 93 3.77 -10.14 26.41
C GLY A 93 2.99 -11.30 25.80
N LEU A 94 3.66 -12.44 25.60
CA LEU A 94 3.01 -13.61 25.01
C LEU A 94 1.88 -14.12 25.90
N CYS A 95 2.12 -14.16 27.21
CA CYS A 95 1.26 -14.92 28.12
C CYS A 95 0.30 -14.05 28.93
N HIS A 96 0.22 -12.75 28.63
CA HIS A 96 -0.61 -11.86 29.45
C HIS A 96 -2.09 -12.19 29.37
N ASP A 97 -2.54 -12.85 28.30
CA ASP A 97 -3.96 -13.15 28.09
C ASP A 97 -4.28 -14.63 28.27
N LEU A 98 -3.39 -15.41 28.90
CA LEU A 98 -3.65 -16.82 29.09
C LEU A 98 -4.90 -17.06 29.93
N GLY A 99 -5.22 -16.13 30.83
CA GLY A 99 -6.31 -16.33 31.78
C GLY A 99 -7.69 -16.06 31.26
N HIS A 100 -7.84 -15.66 30.00
CA HIS A 100 -9.16 -15.32 29.49
C HIS A 100 -10.02 -16.57 29.36
N GLY A 101 -11.31 -16.41 29.69
CA GLY A 101 -12.27 -17.47 29.52
C GLY A 101 -13.07 -17.27 28.25
N PRO A 102 -14.12 -18.08 28.08
CA PRO A 102 -14.93 -17.98 26.86
C PRO A 102 -15.42 -16.55 26.61
N PHE A 103 -15.29 -16.12 25.36
CA PHE A 103 -15.76 -14.81 24.92
C PHE A 103 -15.09 -13.68 25.69
N SER A 104 -13.87 -13.93 26.16
CA SER A 104 -12.99 -12.91 26.71
C SER A 104 -13.66 -12.10 27.82
N HIS A 105 -13.82 -10.79 27.61
CA HIS A 105 -14.22 -9.90 28.70
C HIS A 105 -15.62 -10.21 29.21
N MET A 106 -16.41 -10.96 28.46
CA MET A 106 -17.71 -11.41 28.96
C MET A 106 -17.54 -12.32 30.18
N PHE A 107 -16.54 -13.21 30.14
CA PHE A 107 -16.44 -14.25 31.16
C PHE A 107 -16.19 -13.66 32.55
N ASP A 108 -15.10 -12.92 32.71
CA ASP A 108 -14.79 -12.34 34.02
C ASP A 108 -15.51 -11.01 34.24
N GLY A 109 -15.87 -10.31 33.17
CA GLY A 109 -16.62 -9.06 33.33
C GLY A 109 -18.00 -9.27 33.91
N ARG A 110 -18.73 -10.26 33.41
CA ARG A 110 -20.14 -10.42 33.80
C ARG A 110 -20.51 -11.81 34.29
N PHE A 111 -20.02 -12.87 33.66
CA PHE A 111 -20.53 -14.21 33.98
C PHE A 111 -20.15 -14.61 35.40
N ILE A 112 -18.85 -14.58 35.72
CA ILE A 112 -18.40 -15.03 37.04
C ILE A 112 -19.04 -14.20 38.14
N PRO A 113 -19.10 -12.87 38.05
CA PRO A 113 -19.82 -12.11 39.09
C PRO A 113 -21.26 -12.54 39.28
N LEU A 114 -21.95 -12.93 38.20
CA LEU A 114 -23.33 -13.36 38.33
C LEU A 114 -23.44 -14.77 38.91
N ALA A 115 -22.49 -15.65 38.60
CA ALA A 115 -22.57 -17.03 39.10
C ALA A 115 -22.11 -17.12 40.55
N ARG A 116 -20.98 -16.49 40.87
CA ARG A 116 -20.38 -16.56 42.20
C ARG A 116 -20.04 -15.15 42.65
N PRO A 117 -21.03 -14.38 43.09
CA PRO A 117 -20.76 -12.99 43.49
C PRO A 117 -19.69 -12.87 44.57
N GLU A 118 -19.47 -13.94 45.33
CA GLU A 118 -18.54 -13.86 46.47
C GLU A 118 -17.08 -13.86 46.04
N VAL A 119 -16.75 -14.45 44.89
CA VAL A 119 -15.36 -14.66 44.52
C VAL A 119 -14.84 -13.44 43.76
N LYS A 120 -13.51 -13.29 43.79
CA LYS A 120 -12.83 -12.17 43.13
C LYS A 120 -11.91 -12.78 42.08
N TRP A 121 -12.34 -12.72 40.81
CA TRP A 121 -11.63 -13.35 39.71
C TRP A 121 -11.32 -12.33 38.63
N THR A 122 -10.08 -12.30 38.17
CA THR A 122 -9.69 -11.52 37.01
C THR A 122 -8.93 -12.41 36.03
N HIS A 123 -9.02 -12.07 34.75
CA HIS A 123 -8.27 -12.82 33.75
C HIS A 123 -6.76 -12.68 33.94
N GLU A 124 -6.30 -11.67 34.68
CA GLU A 124 -4.88 -11.55 34.96
C GLU A 124 -4.42 -12.59 35.99
N GLN A 125 -5.21 -12.79 37.05
CA GLN A 125 -4.98 -13.92 37.95
C GLN A 125 -4.96 -15.22 37.16
N GLY A 126 -5.92 -15.38 36.26
CA GLY A 126 -5.96 -16.58 35.45
C GLY A 126 -4.73 -16.74 34.57
N SER A 127 -4.22 -15.63 34.05
CA SER A 127 -3.00 -15.70 33.25
C SER A 127 -1.83 -16.18 34.10
N VAL A 128 -1.72 -15.69 35.33
CA VAL A 128 -0.65 -16.15 36.22
C VAL A 128 -0.79 -17.65 36.48
N MET A 129 -2.00 -18.10 36.80
CA MET A 129 -2.22 -19.51 37.11
C MET A 129 -1.95 -20.40 35.91
N MET A 130 -2.47 -20.01 34.74
CA MET A 130 -2.23 -20.77 33.51
C MET A 130 -0.75 -20.78 33.16
N PHE A 131 -0.02 -19.69 33.44
CA PHE A 131 1.40 -19.67 33.14
C PHE A 131 2.15 -20.68 34.01
N GLU A 132 1.88 -20.68 35.32
CA GLU A 132 2.48 -21.68 36.18
C GLU A 132 2.16 -23.09 35.69
N HIS A 133 0.90 -23.33 35.36
CA HIS A 133 0.48 -24.65 34.93
C HIS A 133 1.17 -25.05 33.63
N LEU A 134 1.31 -24.11 32.69
CA LEU A 134 1.98 -24.40 31.43
C LEU A 134 3.45 -24.75 31.66
N ILE A 135 4.11 -24.01 32.56
CA ILE A 135 5.52 -24.32 32.84
C ILE A 135 5.65 -25.71 33.43
N ASN A 136 4.85 -26.01 34.45
CA ASN A 136 5.02 -27.27 35.17
C ASN A 136 4.43 -28.47 34.42
N SER A 137 3.63 -28.23 33.38
CA SER A 137 3.08 -29.31 32.58
C SER A 137 3.92 -29.61 31.34
N ASN A 138 4.98 -28.86 31.08
CA ASN A 138 5.69 -28.97 29.83
C ASN A 138 7.21 -28.87 29.98
N GLY A 139 7.74 -28.92 31.20
CA GLY A 139 9.18 -28.88 31.38
C GLY A 139 9.84 -27.65 30.79
N ILE A 140 9.24 -26.48 30.99
CA ILE A 140 9.79 -25.26 30.40
C ILE A 140 11.07 -24.82 31.12
N LYS A 141 11.16 -25.07 32.42
CA LYS A 141 12.27 -24.53 33.21
C LYS A 141 13.64 -24.92 32.65
N PRO A 142 13.89 -26.19 32.30
CA PRO A 142 15.19 -26.50 31.69
C PRO A 142 15.45 -25.75 30.39
N VAL A 143 14.42 -25.50 29.58
CA VAL A 143 14.62 -24.72 28.35
C VAL A 143 15.01 -23.28 28.70
N MET A 144 14.30 -22.69 29.66
CA MET A 144 14.66 -21.37 30.14
C MET A 144 16.12 -21.32 30.54
N GLU A 145 16.56 -22.29 31.34
CA GLU A 145 17.97 -22.35 31.74
C GLU A 145 18.87 -22.51 30.53
N GLN A 146 18.44 -23.34 29.57
CA GLN A 146 19.19 -23.54 28.33
C GLN A 146 19.52 -22.21 27.68
N TYR A 147 18.58 -21.27 27.70
CA TYR A 147 18.78 -19.98 27.05
C TYR A 147 19.11 -18.86 28.04
N GLY A 148 19.69 -19.20 29.19
CA GLY A 148 20.29 -18.22 30.07
C GLY A 148 19.38 -17.62 31.12
N LEU A 149 18.09 -17.93 31.10
CA LEU A 149 17.19 -17.41 32.11
C LEU A 149 17.43 -18.11 33.45
N ILE A 150 17.05 -17.44 34.53
CA ILE A 150 17.11 -18.00 35.87
C ILE A 150 15.67 -18.22 36.33
N PRO A 151 15.16 -19.45 36.29
CA PRO A 151 13.70 -19.65 36.37
C PRO A 151 13.00 -18.98 37.55
N GLU A 152 13.54 -19.06 38.76
CA GLU A 152 12.85 -18.48 39.91
C GLU A 152 12.64 -16.97 39.70
N GLU A 153 13.74 -16.22 39.61
CA GLU A 153 13.66 -14.77 39.46
C GLU A 153 12.81 -14.39 38.26
N ASP A 154 13.06 -15.04 37.11
CA ASP A 154 12.47 -14.60 35.86
C ASP A 154 11.00 -14.97 35.76
N ILE A 155 10.59 -16.10 36.33
CA ILE A 155 9.17 -16.44 36.44
C ILE A 155 8.47 -15.39 37.30
N CYS A 156 9.09 -15.03 38.43
CA CYS A 156 8.50 -13.98 39.25
C CYS A 156 8.38 -12.68 38.46
N PHE A 157 9.41 -12.34 37.69
CA PHE A 157 9.40 -11.11 36.92
C PHE A 157 8.27 -11.11 35.88
N ILE A 158 8.09 -12.22 35.18
CA ILE A 158 7.03 -12.32 34.18
C ILE A 158 5.66 -12.17 34.84
N LYS A 159 5.43 -12.92 35.92
CA LYS A 159 4.15 -12.82 36.61
C LYS A 159 3.91 -11.40 37.09
N GLU A 160 4.95 -10.72 37.58
CA GLU A 160 4.80 -9.35 38.03
C GLU A 160 4.41 -8.42 36.88
N GLN A 161 5.02 -8.62 35.71
CA GLN A 161 4.61 -7.82 34.55
C GLN A 161 3.14 -8.05 34.23
N ILE A 162 2.67 -9.30 34.34
CA ILE A 162 1.31 -9.61 33.92
C ILE A 162 0.28 -9.05 34.90
N VAL A 163 0.46 -9.32 36.19
CA VAL A 163 -0.57 -9.02 37.17
C VAL A 163 -0.25 -7.80 38.03
N GLY A 164 1.02 -7.43 38.17
CA GLY A 164 1.39 -6.31 39.01
C GLY A 164 2.20 -6.76 40.21
N PRO A 165 2.44 -5.85 41.15
CA PRO A 165 3.30 -6.17 42.29
C PRO A 165 2.60 -7.10 43.27
N LEU A 166 3.40 -7.62 44.22
CA LEU A 166 2.95 -8.55 45.24
C LEU A 166 1.76 -8.02 46.03
N GLU A 167 1.48 -6.72 45.92
CA GLU A 167 0.53 -6.04 46.80
C GLU A 167 1.16 -5.93 48.18
N SER A 168 0.36 -6.04 49.24
CA SER A 168 0.81 -5.72 50.59
C SER A 168 1.47 -4.34 50.57
N PRO A 169 0.72 -3.28 50.19
CA PRO A 169 1.33 -1.95 50.06
C PRO A 169 2.19 -1.57 51.24
N VAL A 170 1.61 -1.59 52.44
CA VAL A 170 2.35 -1.34 53.67
C VAL A 170 2.99 0.06 53.60
N GLU A 171 4.32 0.12 53.53
CA GLU A 171 5.00 1.41 53.56
C GLU A 171 4.81 2.18 52.26
N ASP A 172 4.93 1.49 51.12
CA ASP A 172 4.71 2.00 49.78
C ASP A 172 5.76 3.03 49.34
N SER A 173 6.70 3.41 50.21
CA SER A 173 7.82 4.26 49.82
C SER A 173 9.00 3.45 49.32
N LEU A 174 8.76 2.26 48.80
CA LEU A 174 9.82 1.29 48.52
C LEU A 174 9.43 0.46 47.31
N TRP A 175 10.41 0.23 46.45
CA TRP A 175 10.28 -0.60 45.25
C TRP A 175 9.59 -1.91 45.59
N PRO A 176 8.36 -2.14 45.12
CA PRO A 176 7.64 -3.34 45.55
C PRO A 176 7.97 -4.60 44.76
N TYR A 177 8.61 -4.47 43.60
CA TYR A 177 8.84 -5.62 42.75
C TYR A 177 10.06 -6.41 43.22
N LYS A 178 10.07 -7.70 42.85
CA LYS A 178 11.16 -8.60 43.19
C LYS A 178 11.80 -9.25 41.97
N GLY A 179 11.12 -9.27 40.82
CA GLY A 179 11.72 -9.85 39.63
C GLY A 179 12.93 -9.09 39.15
N ARG A 180 12.89 -7.77 39.23
CA ARG A 180 13.98 -6.90 38.82
C ARG A 180 14.09 -5.73 39.78
N PRO A 181 15.27 -5.11 39.88
CA PRO A 181 15.42 -3.94 40.76
C PRO A 181 15.02 -2.62 40.10
N GLU A 182 15.11 -1.52 40.85
CA GLU A 182 14.59 -0.24 40.39
C GLU A 182 15.27 0.25 39.11
N ASN A 183 16.55 -0.06 38.94
CA ASN A 183 17.26 0.43 37.76
C ASN A 183 16.74 -0.21 36.47
N LYS A 184 15.81 -1.15 36.55
CA LYS A 184 15.14 -1.70 35.38
C LYS A 184 13.63 -1.45 35.42
N SER A 185 13.20 -0.45 36.18
CA SER A 185 11.78 -0.20 36.38
C SER A 185 11.05 -0.03 35.05
N PHE A 186 11.70 0.61 34.07
CA PHE A 186 11.03 0.87 32.80
C PHE A 186 10.56 -0.41 32.13
N LEU A 187 11.20 -1.54 32.44
CA LEU A 187 10.79 -2.80 31.84
C LEU A 187 9.36 -3.16 32.22
N TYR A 188 8.91 -2.75 33.41
CA TYR A 188 7.55 -3.02 33.84
C TYR A 188 6.53 -2.16 33.13
N GLU A 189 6.96 -1.20 32.29
CA GLU A 189 6.07 -0.29 31.59
C GLU A 189 5.78 -0.71 30.16
N ILE A 190 6.20 -1.91 29.77
CA ILE A 190 6.15 -2.31 28.36
C ILE A 190 4.86 -3.07 28.06
N VAL A 191 4.63 -4.17 28.79
CA VAL A 191 3.50 -5.04 28.46
C VAL A 191 2.19 -4.45 28.96
N SER A 192 2.17 -3.92 30.19
CA SER A 192 0.95 -3.40 30.78
C SER A 192 1.28 -2.14 31.56
N ASN A 193 0.84 -0.99 31.06
CA ASN A 193 1.11 0.31 31.67
C ASN A 193 -0.22 0.96 32.02
N LYS A 194 -0.57 0.88 33.30
CA LYS A 194 -1.78 1.48 33.86
C LYS A 194 -1.65 2.99 34.03
N ARG A 195 -0.45 3.50 34.33
CA ARG A 195 -0.32 4.89 34.74
C ARG A 195 -0.80 5.84 33.65
N ASN A 196 -0.40 5.59 32.41
CA ASN A 196 -0.72 6.48 31.30
C ASN A 196 -1.49 5.80 30.18
N GLY A 197 -1.55 4.47 30.16
CA GLY A 197 -2.34 3.77 29.15
C GLY A 197 -1.67 3.61 27.81
N ILE A 198 -0.36 3.36 27.80
CA ILE A 198 0.41 3.16 26.57
C ILE A 198 1.25 1.91 26.79
N ASP A 199 0.88 0.81 26.13
CA ASP A 199 1.62 -0.43 26.19
C ASP A 199 1.43 -1.18 24.88
N VAL A 200 2.32 -2.14 24.63
CA VAL A 200 2.29 -2.87 23.37
C VAL A 200 1.04 -3.73 23.25
N ASP A 201 0.43 -4.13 24.37
CA ASP A 201 -0.84 -4.87 24.31
C ASP A 201 -1.91 -4.04 23.62
N LYS A 202 -2.08 -2.79 24.05
CA LYS A 202 -3.04 -1.90 23.41
C LYS A 202 -2.65 -1.64 21.97
N TRP A 203 -1.37 -1.49 21.69
CA TRP A 203 -0.95 -1.25 20.31
C TRP A 203 -1.42 -2.38 19.41
N ASP A 204 -1.16 -3.63 19.80
CA ASP A 204 -1.57 -4.74 18.96
C ASP A 204 -3.07 -4.83 18.83
N TYR A 205 -3.82 -4.76 19.94
CA TYR A 205 -5.24 -5.00 19.75
C TYR A 205 -5.95 -3.81 19.15
N PHE A 206 -5.44 -2.59 19.32
CA PHE A 206 -5.94 -1.47 18.51
C PHE A 206 -5.77 -1.78 17.02
N ALA A 207 -4.56 -2.14 16.61
CA ALA A 207 -4.31 -2.39 15.19
C ALA A 207 -5.15 -3.55 14.67
N ARG A 208 -5.19 -4.64 15.43
CA ARG A 208 -5.86 -5.86 14.99
C ARG A 208 -7.37 -5.68 14.94
N ASP A 209 -7.95 -5.08 15.98
CA ASP A 209 -9.38 -4.82 15.99
C ASP A 209 -9.78 -3.87 14.88
N CYS A 210 -8.97 -2.84 14.63
CA CYS A 210 -9.26 -1.95 13.50
C CYS A 210 -9.18 -2.70 12.18
N HIS A 211 -8.19 -3.59 12.04
CA HIS A 211 -8.05 -4.38 10.82
C HIS A 211 -9.30 -5.22 10.57
N HIS A 212 -9.80 -5.87 11.62
CA HIS A 212 -10.90 -6.80 11.45
C HIS A 212 -12.27 -6.14 11.44
N LEU A 213 -12.39 -4.93 12.02
CA LEU A 213 -13.67 -4.26 12.15
C LEU A 213 -13.98 -3.34 10.98
N GLY A 214 -12.96 -2.86 10.27
CA GLY A 214 -13.17 -1.86 9.24
C GLY A 214 -12.97 -0.43 9.69
N ILE A 215 -12.32 -0.22 10.84
CA ILE A 215 -12.07 1.11 11.38
C ILE A 215 -10.63 1.49 11.08
N GLN A 216 -10.41 2.78 10.81
CA GLN A 216 -9.08 3.24 10.49
C GLN A 216 -8.27 3.47 11.77
N ASN A 217 -7.03 3.02 11.75
CA ASN A 217 -6.09 3.17 12.87
C ASN A 217 -5.01 4.16 12.44
N ASN A 218 -5.03 5.35 13.01
CA ASN A 218 -4.08 6.40 12.64
C ASN A 218 -2.84 6.43 13.51
N PHE A 219 -2.69 5.49 14.45
CA PHE A 219 -1.50 5.42 15.27
C PHE A 219 -0.43 4.60 14.56
N ASP A 220 0.76 5.18 14.43
CA ASP A 220 1.92 4.50 13.87
C ASP A 220 2.77 4.03 15.05
N TYR A 221 2.60 2.76 15.44
CA TYR A 221 3.38 2.25 16.57
C TYR A 221 4.85 2.13 16.21
N LYS A 222 5.16 1.85 14.95
CA LYS A 222 6.55 1.66 14.55
C LYS A 222 7.35 2.95 14.71
N ARG A 223 6.76 4.07 14.31
CA ARG A 223 7.39 5.38 14.52
C ARG A 223 7.62 5.65 15.99
N PHE A 224 6.60 5.36 16.82
CA PHE A 224 6.74 5.58 18.25
C PHE A 224 7.87 4.74 18.83
N ILE A 225 7.99 3.49 18.40
CA ILE A 225 9.09 2.65 18.87
C ILE A 225 10.42 3.26 18.44
N LYS A 226 10.52 3.71 17.19
CA LYS A 226 11.77 4.29 16.73
C LYS A 226 12.19 5.45 17.62
N PHE A 227 11.24 6.30 18.03
CA PHE A 227 11.58 7.52 18.76
C PHE A 227 11.38 7.42 20.26
N ALA A 228 11.05 6.24 20.79
CA ALA A 228 10.97 6.09 22.23
C ALA A 228 12.37 6.03 22.84
N ARG A 229 12.49 6.52 24.07
CA ARG A 229 13.74 6.42 24.82
C ARG A 229 13.41 6.22 26.29
N VAL A 230 14.45 6.06 27.10
CA VAL A 230 14.33 6.03 28.55
C VAL A 230 14.91 7.33 29.10
N CYS A 231 14.19 7.96 30.03
CA CYS A 231 14.66 9.21 30.60
C CYS A 231 14.21 9.30 32.06
N GLU A 232 14.72 10.31 32.74
CA GLU A 232 14.65 10.42 34.19
C GLU A 232 13.55 11.38 34.59
N VAL A 233 12.64 10.91 35.43
CA VAL A 233 11.56 11.71 36.01
C VAL A 233 11.53 11.42 37.51
N ASP A 234 11.77 12.45 38.32
CA ASP A 234 11.62 12.35 39.77
C ASP A 234 12.51 11.26 40.36
N ASN A 235 13.75 11.18 39.88
CA ASN A 235 14.73 10.19 40.34
C ASN A 235 14.34 8.77 39.97
N GLU A 236 13.37 8.61 39.06
CA GLU A 236 12.98 7.31 38.53
C GLU A 236 13.21 7.30 37.03
N LEU A 237 13.19 6.11 36.44
CA LEU A 237 13.41 5.93 35.02
C LEU A 237 12.11 5.52 34.36
N ARG A 238 11.74 6.22 33.28
CA ARG A 238 10.49 5.94 32.58
C ARG A 238 10.70 5.99 31.07
N ILE A 239 9.86 5.26 30.37
CA ILE A 239 9.80 5.36 28.91
C ILE A 239 9.18 6.70 28.54
N CYS A 240 9.84 7.42 27.65
CA CYS A 240 9.37 8.73 27.20
C CYS A 240 9.42 8.80 25.69
N ALA A 241 8.59 9.69 25.14
CA ALA A 241 8.43 9.85 23.71
C ALA A 241 9.07 11.15 23.25
N ARG A 242 9.54 11.16 22.01
CA ARG A 242 10.04 12.40 21.42
C ARG A 242 8.91 13.42 21.34
N ASP A 243 9.24 14.68 21.60
CA ASP A 243 8.20 15.71 21.56
C ASP A 243 7.45 15.67 20.23
N LYS A 244 8.19 15.53 19.12
CA LYS A 244 7.58 15.50 17.81
C LYS A 244 6.52 14.41 17.65
N GLU A 245 6.46 13.44 18.58
CA GLU A 245 5.50 12.36 18.50
C GLU A 245 4.12 12.73 19.03
N VAL A 246 3.93 13.96 19.53
CA VAL A 246 2.66 14.28 20.18
C VAL A 246 1.49 13.94 19.26
N GLY A 247 1.57 14.35 18.00
CA GLY A 247 0.47 14.10 17.10
C GLY A 247 0.13 12.63 17.02
N ASN A 248 1.15 11.78 16.89
CA ASN A 248 0.93 10.34 16.89
C ASN A 248 0.08 9.94 18.08
N LEU A 249 0.47 10.38 19.27
CA LEU A 249 -0.27 9.99 20.47
C LEU A 249 -1.72 10.46 20.38
N TYR A 250 -1.94 11.69 19.93
CA TYR A 250 -3.32 12.14 19.77
C TYR A 250 -4.12 11.12 18.97
N ASP A 251 -3.58 10.72 17.82
CA ASP A 251 -4.29 9.76 16.98
C ASP A 251 -4.56 8.48 17.78
N MET A 252 -3.53 7.95 18.45
CA MET A 252 -3.73 6.77 19.27
C MET A 252 -4.96 6.93 20.14
N PHE A 253 -4.99 7.99 20.94
CA PHE A 253 -6.10 8.14 21.88
C PHE A 253 -7.42 8.21 21.14
N HIS A 254 -7.46 9.00 20.06
CA HIS A 254 -8.71 9.08 19.30
C HIS A 254 -9.12 7.70 18.80
N THR A 255 -8.16 6.94 18.26
CA THR A 255 -8.49 5.59 17.82
C THR A 255 -9.09 4.79 18.96
N ARG A 256 -8.45 4.85 20.13
CA ARG A 256 -9.01 4.16 21.29
C ARG A 256 -10.47 4.54 21.46
N ASN A 257 -10.74 5.85 21.50
CA ASN A 257 -12.11 6.30 21.70
C ASN A 257 -13.03 5.68 20.66
N SER A 258 -12.65 5.76 19.39
CA SER A 258 -13.50 5.20 18.34
C SER A 258 -13.81 3.75 18.64
N LEU A 259 -12.76 2.96 18.93
CA LEU A 259 -12.99 1.53 19.13
C LEU A 259 -13.94 1.30 20.29
N HIS A 260 -13.86 2.12 21.33
CA HIS A 260 -14.76 1.94 22.46
C HIS A 260 -16.19 2.32 22.08
N ARG A 261 -16.35 3.40 21.31
CA ARG A 261 -17.70 3.91 21.07
C ARG A 261 -18.42 3.08 20.02
N ARG A 262 -17.73 2.72 18.94
CA ARG A 262 -18.40 2.06 17.82
C ARG A 262 -18.53 0.56 18.03
N ALA A 263 -17.54 -0.08 18.65
CA ALA A 263 -17.48 -1.54 18.71
C ALA A 263 -17.59 -2.09 20.13
N TYR A 264 -16.70 -1.69 21.05
CA TYR A 264 -16.61 -2.39 22.32
C TYR A 264 -17.91 -2.26 23.12
N GLN A 265 -18.52 -1.08 23.12
CA GLN A 265 -19.80 -0.87 23.80
C GLN A 265 -20.92 -0.64 22.80
N HIS A 266 -20.90 -1.42 21.72
CA HIS A 266 -22.01 -1.47 20.77
C HIS A 266 -23.25 -2.05 21.44
N LYS A 267 -24.41 -1.48 21.12
CA LYS A 267 -25.63 -1.84 21.84
C LYS A 267 -25.99 -3.31 21.63
N VAL A 268 -26.08 -3.75 20.37
CA VAL A 268 -26.49 -5.11 20.08
C VAL A 268 -25.42 -6.11 20.52
N GLY A 269 -24.14 -5.76 20.33
CA GLY A 269 -23.08 -6.67 20.75
C GLY A 269 -23.15 -6.96 22.23
N ASN A 270 -23.39 -5.93 23.05
CA ASN A 270 -23.48 -6.14 24.48
C ASN A 270 -24.76 -6.87 24.86
N ILE A 271 -25.87 -6.61 24.15
CA ILE A 271 -27.07 -7.40 24.40
C ILE A 271 -26.79 -8.89 24.15
N ILE A 272 -26.03 -9.18 23.10
CA ILE A 272 -25.73 -10.58 22.77
C ILE A 272 -24.78 -11.20 23.79
N ASP A 273 -23.80 -10.43 24.26
CA ASP A 273 -22.97 -10.90 25.38
C ASP A 273 -23.85 -11.26 26.56
N THR A 274 -24.83 -10.41 26.86
CA THR A 274 -25.77 -10.68 27.94
C THR A 274 -26.54 -11.97 27.72
N MET A 275 -27.01 -12.20 26.49
CA MET A 275 -27.77 -13.42 26.21
C MET A 275 -26.90 -14.66 26.37
N ILE A 276 -25.67 -14.60 25.86
CA ILE A 276 -24.76 -15.73 26.02
C ILE A 276 -24.50 -16.02 27.48
N THR A 277 -24.32 -14.97 28.29
CA THR A 277 -24.10 -15.17 29.72
C THR A 277 -25.32 -15.79 30.39
N ASP A 278 -26.52 -15.36 29.97
CA ASP A 278 -27.74 -15.96 30.51
C ASP A 278 -27.81 -17.46 30.19
N ALA A 279 -27.46 -17.83 28.96
CA ALA A 279 -27.44 -19.25 28.61
C ALA A 279 -26.42 -20.00 29.45
N PHE A 280 -25.24 -19.41 29.66
CA PHE A 280 -24.23 -20.06 30.50
C PHE A 280 -24.77 -20.26 31.92
N LEU A 281 -25.44 -19.25 32.46
CA LEU A 281 -25.99 -19.36 33.82
C LEU A 281 -27.03 -20.47 33.89
N LYS A 282 -27.89 -20.58 32.88
CA LYS A 282 -28.90 -21.63 32.88
C LYS A 282 -28.34 -22.99 32.52
N ALA A 283 -27.08 -23.06 32.07
CA ALA A 283 -26.44 -24.33 31.77
C ALA A 283 -25.42 -24.76 32.82
N ASP A 284 -25.13 -23.90 33.80
CA ASP A 284 -23.98 -24.14 34.68
C ASP A 284 -24.14 -25.42 35.48
N ASP A 285 -25.35 -25.72 35.94
CA ASP A 285 -25.58 -26.87 36.82
C ASP A 285 -25.43 -28.20 36.12
N TYR A 286 -25.39 -28.23 34.78
CA TYR A 286 -25.50 -29.48 34.04
C TYR A 286 -24.31 -29.79 33.15
N ILE A 287 -23.41 -28.84 32.92
CA ILE A 287 -22.22 -29.08 32.12
C ILE A 287 -21.08 -29.45 33.06
N GLU A 288 -20.41 -30.56 32.76
CA GLU A 288 -19.24 -30.99 33.51
C GLU A 288 -17.99 -30.83 32.64
N ILE A 289 -16.94 -30.29 33.23
CA ILE A 289 -15.61 -30.25 32.62
C ILE A 289 -14.68 -31.03 33.54
N THR A 290 -14.00 -32.02 32.98
CA THR A 290 -13.17 -32.91 33.78
C THR A 290 -11.79 -32.28 33.96
N GLY A 291 -11.37 -32.11 35.22
CA GLY A 291 -10.09 -31.53 35.52
C GLY A 291 -9.11 -32.52 36.13
N ALA A 292 -8.31 -32.05 37.09
CA ALA A 292 -7.31 -32.90 37.71
C ALA A 292 -7.97 -34.03 38.48
N GLY A 293 -7.42 -35.22 38.34
CA GLY A 293 -7.92 -36.38 39.07
C GLY A 293 -9.28 -36.86 38.63
N GLY A 294 -9.70 -36.55 37.41
CA GLY A 294 -11.02 -36.93 36.95
C GLY A 294 -12.15 -36.21 37.64
N LYS A 295 -11.85 -35.19 38.46
CA LYS A 295 -12.88 -34.44 39.14
C LYS A 295 -13.64 -33.58 38.14
N LYS A 296 -14.96 -33.51 38.33
CA LYS A 296 -15.82 -32.72 37.47
C LYS A 296 -15.89 -31.28 37.98
N TYR A 297 -16.04 -30.34 37.04
CA TYR A 297 -16.20 -28.94 37.37
C TYR A 297 -17.32 -28.36 36.51
N ARG A 298 -17.87 -27.24 36.99
CA ARG A 298 -18.85 -26.49 36.24
C ARG A 298 -18.15 -25.39 35.44
N ILE A 299 -18.92 -24.70 34.60
CA ILE A 299 -18.39 -23.55 33.89
C ILE A 299 -17.88 -22.51 34.87
N SER A 300 -18.64 -22.29 35.96
CA SER A 300 -18.31 -21.25 36.93
C SER A 300 -17.22 -21.65 37.91
N THR A 301 -16.87 -22.94 38.00
CA THR A 301 -15.84 -23.40 38.93
C THR A 301 -14.58 -23.90 38.23
N ALA A 302 -14.59 -23.98 36.89
CA ALA A 302 -13.39 -24.42 36.18
C ALA A 302 -12.20 -23.51 36.42
N ILE A 303 -12.43 -22.25 36.82
CA ILE A 303 -11.34 -21.34 37.10
C ILE A 303 -10.49 -21.81 38.27
N ASP A 304 -11.00 -22.74 39.08
CA ASP A 304 -10.31 -23.20 40.28
C ASP A 304 -9.41 -24.41 40.02
N ASP A 305 -9.36 -24.92 38.79
CA ASP A 305 -8.49 -26.03 38.44
C ASP A 305 -8.01 -25.82 37.01
N MET A 306 -6.74 -25.50 36.85
CA MET A 306 -6.24 -25.06 35.54
C MET A 306 -6.31 -26.18 34.51
N GLU A 307 -6.26 -27.45 34.95
CA GLU A 307 -6.47 -28.54 34.01
C GLU A 307 -7.87 -28.46 33.39
N ALA A 308 -8.87 -28.12 34.19
CA ALA A 308 -10.22 -27.96 33.66
C ALA A 308 -10.33 -26.67 32.84
N TYR A 309 -9.77 -25.57 33.36
CA TYR A 309 -9.82 -24.31 32.64
C TYR A 309 -9.22 -24.45 31.24
N THR A 310 -8.20 -25.29 31.10
CA THR A 310 -7.55 -25.47 29.81
C THR A 310 -8.53 -25.92 28.74
N LYS A 311 -9.59 -26.61 29.14
CA LYS A 311 -10.59 -27.12 28.20
C LYS A 311 -11.86 -26.29 28.17
N LEU A 312 -11.84 -25.08 28.74
CA LEU A 312 -13.01 -24.20 28.78
C LEU A 312 -12.78 -23.05 27.80
N THR A 313 -13.40 -23.16 26.62
CA THR A 313 -13.27 -22.14 25.58
C THR A 313 -14.64 -21.80 25.00
N ASP A 314 -14.66 -21.04 23.91
CA ASP A 314 -15.93 -20.73 23.25
C ASP A 314 -16.67 -21.99 22.83
N ASN A 315 -15.98 -23.13 22.73
CA ASN A 315 -16.64 -24.38 22.39
C ASN A 315 -17.87 -24.63 23.25
N ILE A 316 -17.86 -24.15 24.49
CA ILE A 316 -18.99 -24.40 25.39
C ILE A 316 -20.28 -23.88 24.77
N PHE A 317 -20.23 -22.71 24.13
CA PHE A 317 -21.35 -22.20 23.35
C PHE A 317 -21.94 -23.32 22.50
N LEU A 318 -21.14 -23.85 21.58
CA LEU A 318 -21.66 -24.87 20.67
C LEU A 318 -22.09 -26.11 21.44
N GLU A 319 -21.38 -26.45 22.52
CA GLU A 319 -21.77 -27.62 23.29
C GLU A 319 -23.20 -27.46 23.80
N ILE A 320 -23.56 -26.25 24.22
CA ILE A 320 -24.94 -26.01 24.65
C ILE A 320 -25.88 -26.05 23.45
N LEU A 321 -25.46 -25.49 22.32
CA LEU A 321 -26.36 -25.35 21.18
C LEU A 321 -26.69 -26.72 20.58
N TYR A 322 -25.71 -27.61 20.52
CA TYR A 322 -25.87 -28.93 19.93
C TYR A 322 -26.40 -29.98 20.92
N SER A 323 -26.68 -29.58 22.16
CA SER A 323 -27.00 -30.55 23.20
C SER A 323 -28.40 -31.12 23.01
N THR A 324 -28.57 -32.37 23.48
CA THR A 324 -29.86 -33.04 23.49
C THR A 324 -30.36 -33.32 24.90
N ASP A 325 -29.57 -33.03 25.92
CA ASP A 325 -30.00 -33.25 27.29
C ASP A 325 -31.23 -32.40 27.59
N PRO A 326 -32.33 -33.01 28.08
CA PRO A 326 -33.50 -32.18 28.42
C PRO A 326 -33.19 -31.10 29.43
N LYS A 327 -32.33 -31.40 30.41
CA LYS A 327 -32.04 -30.45 31.48
C LYS A 327 -31.30 -29.22 30.98
N LEU A 328 -30.81 -29.22 29.75
CA LEU A 328 -30.16 -28.06 29.15
C LEU A 328 -31.08 -27.26 28.25
N LYS A 329 -32.31 -27.72 28.02
CA LYS A 329 -33.18 -27.10 27.02
C LYS A 329 -33.25 -25.59 27.21
N ASP A 330 -33.51 -25.15 28.45
CA ASP A 330 -33.55 -23.72 28.74
C ASP A 330 -32.39 -22.99 28.09
N ALA A 331 -31.16 -23.36 28.48
CA ALA A 331 -29.99 -22.69 27.92
C ALA A 331 -30.03 -22.72 26.40
N ARG A 332 -30.25 -23.92 25.85
CA ARG A 332 -30.29 -24.08 24.40
C ARG A 332 -31.21 -23.04 23.78
N GLU A 333 -32.41 -22.89 24.34
CA GLU A 333 -33.39 -22.02 23.71
C GLU A 333 -32.83 -20.61 23.55
N ILE A 334 -32.18 -20.09 24.59
CA ILE A 334 -31.66 -18.72 24.50
C ILE A 334 -30.69 -18.63 23.32
N LEU A 335 -29.78 -19.60 23.21
CA LEU A 335 -28.83 -19.56 22.10
C LEU A 335 -29.55 -19.64 20.77
N LYS A 336 -30.62 -20.43 20.70
CA LYS A 336 -31.38 -20.49 19.45
C LYS A 336 -32.00 -19.14 19.13
N GLN A 337 -32.47 -18.41 20.15
CA GLN A 337 -32.97 -17.07 19.90
CA GLN A 337 -32.96 -17.05 19.91
C GLN A 337 -31.91 -16.19 19.25
N ILE A 338 -30.63 -16.41 19.60
CA ILE A 338 -29.56 -15.66 18.97
C ILE A 338 -29.49 -15.98 17.49
N GLU A 339 -29.63 -17.26 17.14
CA GLU A 339 -29.55 -17.65 15.73
C GLU A 339 -30.70 -17.05 14.93
N TYR A 340 -31.92 -17.11 15.47
CA TYR A 340 -33.08 -16.51 14.82
C TYR A 340 -33.10 -15.00 14.94
N ARG A 341 -32.15 -14.41 15.66
CA ARG A 341 -32.09 -12.96 15.86
C ARG A 341 -33.31 -12.46 16.62
N ASN A 342 -33.77 -13.25 17.59
CA ASN A 342 -34.83 -12.82 18.50
C ASN A 342 -34.17 -12.42 19.82
N LEU A 343 -33.69 -11.18 19.85
CA LEU A 343 -32.81 -10.71 20.91
C LEU A 343 -33.60 -9.97 21.99
N PHE A 344 -32.98 -9.88 23.18
CA PHE A 344 -33.50 -9.01 24.22
C PHE A 344 -33.65 -7.59 23.68
N LYS A 345 -34.60 -6.86 24.25
CA LYS A 345 -34.93 -5.53 23.77
C LYS A 345 -34.22 -4.46 24.58
N TYR A 346 -33.59 -3.52 23.89
CA TYR A 346 -32.92 -2.41 24.54
C TYR A 346 -33.96 -1.48 25.16
N VAL A 347 -33.89 -1.30 26.47
CA VAL A 347 -34.80 -0.43 27.19
C VAL A 347 -34.19 0.93 27.45
N GLY A 348 -32.97 0.98 27.96
CA GLY A 348 -32.39 2.30 28.17
C GLY A 348 -30.99 2.27 28.74
N GLU A 349 -30.47 3.49 28.95
CA GLU A 349 -29.11 3.74 29.42
C GLU A 349 -29.11 4.83 30.48
N THR A 350 -28.19 4.70 31.43
CA THR A 350 -28.05 5.64 32.53
C THR A 350 -26.61 5.61 33.00
N GLN A 351 -26.27 6.59 33.86
CA GLN A 351 -24.93 6.69 34.42
C GLN A 351 -25.03 7.05 35.89
N PRO A 352 -24.13 6.50 36.73
CA PRO A 352 -24.10 6.86 38.17
C PRO A 352 -23.27 8.10 38.44
N THR A 353 -23.52 9.18 37.69
CA THR A 353 -22.70 10.38 37.81
C THR A 353 -22.88 11.01 39.19
N GLY A 354 -21.77 11.21 39.89
CA GLY A 354 -21.79 11.76 41.22
C GLY A 354 -22.13 10.78 42.32
N GLN A 355 -22.36 9.51 41.99
CA GLN A 355 -22.71 8.48 42.96
C GLN A 355 -21.62 7.43 43.02
N ILE A 356 -21.67 6.62 44.09
CA ILE A 356 -20.80 5.45 44.16
C ILE A 356 -21.08 4.57 42.96
N LYS A 357 -20.02 3.97 42.41
CA LYS A 357 -20.17 3.12 41.24
C LYS A 357 -20.61 1.72 41.67
N ILE A 358 -21.21 0.99 40.73
CA ILE A 358 -21.77 -0.32 41.02
C ILE A 358 -20.65 -1.35 41.04
N LYS A 359 -20.63 -2.16 42.10
CA LYS A 359 -19.61 -3.18 42.27
C LYS A 359 -20.08 -4.51 41.69
N ARG A 360 -19.11 -5.35 41.30
CA ARG A 360 -19.44 -6.64 40.72
C ARG A 360 -20.27 -7.48 41.68
N GLU A 361 -19.88 -7.49 42.96
CA GLU A 361 -20.57 -8.29 43.98
C GLU A 361 -22.07 -7.99 44.06
N ASP A 362 -22.54 -6.88 43.47
CA ASP A 362 -23.95 -6.51 43.54
C ASP A 362 -24.69 -6.69 42.22
N TYR A 363 -24.00 -7.07 41.14
CA TYR A 363 -24.67 -7.18 39.84
C TYR A 363 -25.94 -8.01 39.95
N GLU A 364 -25.85 -9.18 40.59
CA GLU A 364 -26.98 -10.10 40.60
C GLU A 364 -28.23 -9.47 41.21
N SER A 365 -28.06 -8.52 42.12
CA SER A 365 -29.22 -7.93 42.79
C SER A 365 -29.95 -6.90 41.92
N LEU A 366 -29.34 -6.46 40.81
CA LEU A 366 -29.91 -5.31 40.09
C LEU A 366 -31.25 -5.61 39.46
N PRO A 367 -31.47 -6.73 38.76
CA PRO A 367 -32.79 -6.95 38.14
C PRO A 367 -33.92 -6.84 39.15
N LYS A 368 -33.79 -7.50 40.30
CA LYS A 368 -34.80 -7.40 41.34
C LYS A 368 -35.10 -5.95 41.66
N GLU A 369 -34.06 -5.15 41.92
CA GLU A 369 -34.24 -3.74 42.21
C GLU A 369 -35.12 -3.10 41.15
N VAL A 370 -34.81 -3.34 39.87
CA VAL A 370 -35.56 -2.70 38.80
C VAL A 370 -37.02 -3.11 38.86
N ALA A 371 -37.29 -4.39 39.05
CA ALA A 371 -38.68 -4.84 39.12
C ALA A 371 -39.35 -4.39 40.40
N SER A 372 -38.58 -4.00 41.41
CA SER A 372 -39.13 -3.50 42.66
C SER A 372 -39.38 -2.00 42.64
N ALA A 373 -38.96 -1.31 41.58
CA ALA A 373 -39.30 0.10 41.43
C ALA A 373 -40.82 0.25 41.29
N LYS A 374 -41.35 1.33 41.84
CA LYS A 374 -42.78 1.60 41.84
C LYS A 374 -43.07 2.77 40.91
N PRO A 375 -43.29 2.52 39.62
CA PRO A 375 -43.70 3.61 38.72
C PRO A 375 -45.00 4.25 39.21
N LYS A 376 -45.11 5.55 39.03
CA LYS A 376 -46.24 6.31 39.57
C LYS A 376 -47.40 6.38 38.57
N VAL A 377 -47.77 5.22 38.03
CA VAL A 377 -48.90 5.10 37.13
C VAL A 377 -49.38 3.65 37.20
N LEU A 378 -50.63 3.41 36.82
CA LEU A 378 -51.21 2.07 36.93
C LEU A 378 -50.36 1.05 36.19
N LEU A 379 -50.08 1.31 34.91
CA LEU A 379 -49.17 0.53 34.07
C LEU A 379 -49.73 -0.82 33.65
N ASP A 380 -50.82 -1.27 34.27
CA ASP A 380 -51.65 -2.39 33.80
C ASP A 380 -50.85 -3.59 33.28
N VAL A 381 -49.55 -3.66 33.58
CA VAL A 381 -48.72 -4.79 33.19
C VAL A 381 -47.59 -4.91 34.21
N LYS A 382 -47.50 -6.05 34.89
CA LYS A 382 -46.50 -6.24 35.92
C LYS A 382 -45.34 -7.07 35.39
N LEU A 383 -44.12 -6.67 35.76
CA LEU A 383 -42.91 -7.33 35.32
C LEU A 383 -42.15 -7.88 36.53
N LYS A 384 -41.51 -9.03 36.32
CA LYS A 384 -40.76 -9.70 37.36
C LYS A 384 -39.26 -9.42 37.17
N ALA A 385 -38.46 -9.96 38.10
CA ALA A 385 -37.01 -9.76 38.02
C ALA A 385 -36.41 -10.44 36.79
N GLU A 386 -36.84 -11.66 36.50
CA GLU A 386 -36.22 -12.42 35.41
C GLU A 386 -36.57 -11.85 34.04
N ASP A 387 -37.49 -10.89 33.96
CA ASP A 387 -37.75 -10.19 32.71
C ASP A 387 -36.69 -9.14 32.39
N PHE A 388 -35.88 -8.75 33.37
CA PHE A 388 -34.95 -7.65 33.23
C PHE A 388 -33.51 -8.14 33.14
N ILE A 389 -32.71 -7.43 32.34
CA ILE A 389 -31.26 -7.58 32.34
C ILE A 389 -30.66 -6.21 32.61
N VAL A 390 -29.72 -6.16 33.54
CA VAL A 390 -28.95 -4.96 33.84
C VAL A 390 -27.51 -5.22 33.43
N ASP A 391 -27.01 -4.46 32.46
CA ASP A 391 -25.67 -4.59 31.92
C ASP A 391 -24.83 -3.42 32.43
N VAL A 392 -23.77 -3.72 33.17
CA VAL A 392 -22.87 -2.71 33.70
C VAL A 392 -21.61 -2.73 32.84
N ILE A 393 -21.38 -1.65 32.10
CA ILE A 393 -20.28 -1.56 31.15
C ILE A 393 -19.25 -0.59 31.72
N ASN A 394 -18.09 -1.11 32.08
CA ASN A 394 -17.02 -0.33 32.69
C ASN A 394 -15.96 -0.01 31.64
N MET A 395 -15.65 1.28 31.51
CA MET A 395 -14.50 1.71 30.72
C MET A 395 -13.33 1.89 31.67
N ASP A 396 -12.33 1.02 31.54
CA ASP A 396 -11.19 0.97 32.46
C ASP A 396 -9.95 1.48 31.75
N TYR A 397 -9.41 2.59 32.23
CA TYR A 397 -8.23 3.20 31.64
C TYR A 397 -6.99 2.86 32.45
N LYS A 402 -9.14 8.36 34.14
CA LYS A 402 -9.01 9.80 34.01
C LYS A 402 -7.56 10.23 33.96
N ASN A 403 -6.87 9.87 32.89
CA ASN A 403 -5.45 10.18 32.74
C ASN A 403 -5.15 10.40 31.27
N PRO A 404 -5.33 11.63 30.78
CA PRO A 404 -5.05 11.93 29.37
C PRO A 404 -3.56 12.00 29.07
N ILE A 405 -3.24 12.50 27.88
CA ILE A 405 -1.86 12.74 27.43
C ILE A 405 -1.01 13.32 28.56
N ASP A 406 -1.64 14.02 29.49
CA ASP A 406 -0.91 14.73 30.55
C ASP A 406 0.07 13.81 31.27
N HIS A 407 -0.27 12.53 31.42
CA HIS A 407 0.56 11.61 32.18
C HIS A 407 1.68 10.98 31.36
N VAL A 408 1.95 11.50 30.15
CA VAL A 408 3.03 11.01 29.31
C VAL A 408 4.25 11.89 29.50
N SER A 409 5.43 11.29 29.39
CA SER A 409 6.70 11.98 29.53
C SER A 409 7.33 12.16 28.16
N PHE A 410 7.81 13.38 27.89
CA PHE A 410 8.40 13.74 26.61
C PHE A 410 9.84 14.22 26.81
N TYR A 411 10.61 14.20 25.73
CA TYR A 411 11.99 14.65 25.77
C TYR A 411 12.31 15.43 24.49
N CYS A 412 13.26 16.35 24.61
CA CYS A 412 13.74 17.11 23.47
C CYS A 412 14.97 16.43 22.87
N LYS A 413 15.09 16.50 21.54
CA LYS A 413 16.28 16.00 20.87
C LYS A 413 17.53 16.78 21.29
N THR A 414 17.36 17.88 22.04
CA THR A 414 18.48 18.62 22.61
C THR A 414 18.95 18.03 23.93
N ALA A 415 18.03 17.59 24.78
CA ALA A 415 18.34 17.05 26.11
C ALA A 415 17.61 15.73 26.30
N PRO A 416 18.00 14.68 25.57
CA PRO A 416 17.25 13.41 25.64
C PRO A 416 17.14 12.82 27.04
N ASN A 417 18.15 12.99 27.89
CA ASN A 417 18.14 12.29 29.18
C ASN A 417 17.09 12.82 30.14
N ARG A 418 16.59 14.04 29.93
CA ARG A 418 15.70 14.71 30.87
C ARG A 418 14.30 14.86 30.26
N ALA A 419 13.28 14.55 31.07
CA ALA A 419 11.90 14.72 30.65
C ALA A 419 11.48 16.18 30.76
N ILE A 420 10.52 16.57 29.93
CA ILE A 420 10.07 17.95 29.86
C ILE A 420 8.94 18.16 30.86
N ARG A 421 8.89 19.36 31.42
CA ARG A 421 7.90 19.72 32.43
C ARG A 421 6.63 20.25 31.77
N SER A 428 -4.67 21.02 25.63
CA SER A 428 -5.75 21.61 24.85
C SER A 428 -7.04 20.83 25.01
N GLN A 429 -8.17 21.53 24.79
CA GLN A 429 -9.46 20.86 24.77
C GLN A 429 -9.60 19.91 23.60
N LEU A 430 -8.72 20.02 22.59
CA LEU A 430 -8.80 19.16 21.42
C LEU A 430 -8.57 17.69 21.77
N LEU A 431 -8.03 17.42 22.97
CA LEU A 431 -7.85 16.04 23.42
C LEU A 431 -9.21 15.36 23.55
N PRO A 432 -9.24 14.03 23.45
CA PRO A 432 -10.53 13.33 23.43
C PRO A 432 -11.34 13.56 24.69
N GLU A 433 -12.66 13.57 24.53
CA GLU A 433 -13.58 13.79 25.64
C GLU A 433 -13.39 12.71 26.70
N LYS A 434 -13.95 12.96 27.89
CA LYS A 434 -13.82 12.02 28.99
C LYS A 434 -14.53 10.71 28.65
N PHE A 435 -14.26 9.69 29.46
CA PHE A 435 -14.58 8.32 29.12
C PHE A 435 -15.94 7.85 29.64
N ALA A 436 -16.51 8.53 30.65
CA ALA A 436 -17.76 8.08 31.27
C ALA A 436 -17.59 6.66 31.83
N GLU A 437 -16.77 6.59 32.87
CA GLU A 437 -16.15 5.34 33.30
C GLU A 437 -17.15 4.22 33.59
N GLN A 438 -18.43 4.51 33.79
CA GLN A 438 -19.41 3.45 34.01
C GLN A 438 -20.73 3.80 33.33
N LEU A 439 -21.19 2.91 32.46
CA LEU A 439 -22.52 2.98 31.88
C LEU A 439 -23.37 1.83 32.41
N ILE A 440 -24.67 2.07 32.54
CA ILE A 440 -25.61 1.06 33.01
C ILE A 440 -26.75 1.00 32.03
N ARG A 441 -26.93 -0.13 31.35
CA ARG A 441 -28.00 -0.30 30.39
C ARG A 441 -28.96 -1.36 30.89
N VAL A 442 -30.20 -1.28 30.42
CA VAL A 442 -31.23 -2.24 30.80
C VAL A 442 -31.92 -2.73 29.55
N TYR A 443 -32.06 -4.06 29.45
CA TYR A 443 -32.77 -4.76 28.40
C TYR A 443 -33.92 -5.57 29.00
N CYS A 444 -34.91 -5.88 28.17
CA CYS A 444 -36.08 -6.63 28.62
C CYS A 444 -36.27 -7.86 27.74
N LYS A 445 -36.46 -9.02 28.39
CA LYS A 445 -36.65 -10.26 27.64
C LYS A 445 -38.01 -10.32 26.97
N LYS A 446 -39.03 -9.71 27.56
CA LYS A 446 -40.34 -9.61 26.93
C LYS A 446 -40.30 -8.59 25.80
N VAL A 447 -40.99 -8.89 24.71
CA VAL A 447 -40.87 -8.12 23.48
C VAL A 447 -42.18 -7.49 23.05
N ASP A 448 -43.31 -7.91 23.58
CA ASP A 448 -44.57 -7.24 23.30
C ASP A 448 -44.47 -5.78 23.75
N ARG A 449 -45.15 -4.89 23.00
CA ARG A 449 -44.94 -3.47 23.20
C ARG A 449 -45.44 -2.99 24.56
N LYS A 450 -46.51 -3.59 25.08
CA LYS A 450 -46.97 -3.21 26.41
C LYS A 450 -45.92 -3.51 27.47
N SER A 451 -45.32 -4.71 27.39
CA SER A 451 -44.28 -5.07 28.34
C SER A 451 -43.08 -4.13 28.23
N LEU A 452 -42.76 -3.67 27.01
CA LEU A 452 -41.63 -2.76 26.85
C LEU A 452 -41.93 -1.39 27.44
N TYR A 453 -43.15 -0.88 27.24
CA TYR A 453 -43.53 0.38 27.88
C TYR A 453 -43.44 0.26 29.40
N ALA A 454 -43.94 -0.85 29.95
CA ALA A 454 -43.84 -1.05 31.39
C ALA A 454 -42.39 -1.10 31.84
N ALA A 455 -41.55 -1.83 31.10
CA ALA A 455 -40.15 -1.97 31.48
C ALA A 455 -39.45 -0.61 31.48
N ARG A 456 -39.75 0.23 30.50
CA ARG A 456 -39.18 1.59 30.48
C ARG A 456 -39.62 2.38 31.70
N GLN A 457 -40.90 2.25 32.08
CA GLN A 457 -41.38 2.95 33.28
C GLN A 457 -40.58 2.51 34.51
N TYR A 458 -40.43 1.18 34.67
CA TYR A 458 -39.64 0.66 35.78
C TYR A 458 -38.23 1.20 35.75
N PHE A 459 -37.61 1.22 34.57
CA PHE A 459 -36.22 1.67 34.47
C PHE A 459 -36.07 3.12 34.90
N VAL A 460 -36.97 3.98 34.43
CA VAL A 460 -36.87 5.40 34.76
C VAL A 460 -37.05 5.58 36.27
N GLN A 461 -38.02 4.90 36.87
CA GLN A 461 -38.20 5.03 38.31
C GLN A 461 -36.98 4.52 39.07
N TRP A 462 -36.37 3.44 38.58
CA TRP A 462 -35.18 2.90 39.24
C TRP A 462 -34.02 3.90 39.17
N CYS A 463 -33.82 4.53 38.02
CA CYS A 463 -32.79 5.57 37.91
C CYS A 463 -33.06 6.70 38.89
N ALA A 464 -34.33 7.11 39.00
CA ALA A 464 -34.68 8.16 39.96
C ALA A 464 -34.31 7.73 41.38
N ASP A 465 -34.63 6.49 41.74
CA ASP A 465 -34.37 6.02 43.09
C ASP A 465 -32.87 5.96 43.37
N ARG A 466 -32.07 5.53 42.40
CA ARG A 466 -30.63 5.44 42.60
C ARG A 466 -29.90 6.76 42.41
N ASN A 467 -30.61 7.82 42.02
CA ASN A 467 -30.01 9.12 41.74
C ASN A 467 -29.03 9.04 40.58
N PHE A 468 -29.29 8.13 39.64
CA PHE A 468 -28.51 8.03 38.42
C PHE A 468 -29.07 8.99 37.37
N THR A 469 -28.36 9.08 36.24
CA THR A 469 -28.77 9.98 35.18
C THR A 469 -30.18 9.66 34.72
N LYS A 470 -30.98 10.70 34.50
CA LYS A 470 -32.29 10.52 33.88
C LYS A 470 -32.08 10.01 32.46
N PRO A 471 -32.66 8.86 32.08
CA PRO A 471 -32.41 8.31 30.75
C PRO A 471 -32.81 9.27 29.64
N GLN A 472 -32.00 9.30 28.59
CA GLN A 472 -32.33 10.03 27.37
C GLN A 472 -33.40 9.26 26.60
N ASP A 473 -33.83 9.82 25.47
CA ASP A 473 -35.01 9.38 24.72
C ASP A 473 -36.29 9.92 25.35
N GLY A 474 -36.18 10.94 26.18
CA GLY A 474 -37.32 11.56 26.82
C GLY A 474 -36.94 12.81 27.59
N THR B 4 -35.91 -3.78 8.36
CA THR B 4 -36.04 -3.73 6.91
C THR B 4 -34.66 -3.93 6.26
N MET B 5 -33.98 -2.83 5.91
CA MET B 5 -32.70 -2.89 5.21
C MET B 5 -31.56 -2.75 6.22
N LYS B 6 -30.88 -3.86 6.50
CA LYS B 6 -29.78 -3.87 7.45
C LYS B 6 -28.47 -3.55 6.75
N VAL B 7 -27.52 -2.99 7.52
CA VAL B 7 -26.19 -2.64 7.03
C VAL B 7 -25.15 -3.28 7.95
N ILE B 8 -24.05 -3.77 7.36
CA ILE B 8 -23.27 -4.82 8.01
C ILE B 8 -21.82 -4.44 8.37
N ASN B 9 -21.20 -3.55 7.63
CA ASN B 9 -19.82 -3.11 7.94
C ASN B 9 -18.81 -4.25 7.86
N ASP B 10 -18.56 -4.70 6.61
CA ASP B 10 -17.56 -5.72 6.31
C ASP B 10 -16.16 -5.09 6.20
N PRO B 11 -15.11 -5.78 6.66
CA PRO B 11 -13.76 -5.17 6.62
C PRO B 11 -13.21 -4.92 5.23
N ILE B 12 -13.70 -5.60 4.19
CA ILE B 12 -13.17 -5.42 2.84
C ILE B 12 -14.15 -4.73 1.91
N HIS B 13 -15.45 -4.91 2.10
CA HIS B 13 -16.46 -4.27 1.26
C HIS B 13 -17.06 -3.04 1.93
N GLY B 14 -16.62 -2.71 3.13
CA GLY B 14 -17.20 -1.56 3.82
C GLY B 14 -18.63 -1.84 4.23
N HIS B 15 -19.51 -0.87 3.98
CA HIS B 15 -20.92 -1.00 4.33
C HIS B 15 -21.65 -1.86 3.32
N ILE B 16 -22.49 -2.76 3.81
CA ILE B 16 -23.22 -3.72 2.99
C ILE B 16 -24.69 -3.64 3.36
N GLU B 17 -25.51 -3.09 2.45
CA GLU B 17 -26.95 -3.06 2.67
C GLU B 17 -27.55 -4.41 2.28
N LEU B 18 -28.50 -4.87 3.09
CA LEU B 18 -29.08 -6.20 2.92
C LEU B 18 -30.60 -6.12 2.86
N HIS B 19 -31.17 -6.71 1.82
CA HIS B 19 -32.61 -6.75 1.64
C HIS B 19 -33.25 -7.59 2.74
N PRO B 20 -34.48 -7.27 3.15
CA PRO B 20 -35.09 -8.03 4.26
C PRO B 20 -35.20 -9.52 3.99
N LEU B 21 -35.47 -9.91 2.74
CA LEU B 21 -35.53 -11.33 2.39
C LEU B 21 -34.20 -12.02 2.69
N LEU B 22 -33.10 -11.38 2.30
CA LEU B 22 -31.79 -11.94 2.59
C LEU B 22 -31.55 -12.04 4.08
N VAL B 23 -31.97 -11.02 4.84
CA VAL B 23 -31.79 -11.06 6.29
C VAL B 23 -32.54 -12.24 6.89
N ARG B 24 -33.77 -12.46 6.44
CA ARG B 24 -34.54 -13.59 6.96
C ARG B 24 -33.91 -14.92 6.57
N ILE B 25 -33.27 -14.99 5.40
CA ILE B 25 -32.56 -16.22 5.04
C ILE B 25 -31.33 -16.40 5.93
N ILE B 26 -30.66 -15.30 6.28
CA ILE B 26 -29.42 -15.37 7.05
C ILE B 26 -29.72 -15.79 8.49
N ASP B 27 -30.79 -15.27 9.07
CA ASP B 27 -31.09 -15.50 10.49
C ASP B 27 -31.79 -16.85 10.69
N THR B 28 -31.07 -17.91 10.36
CA THR B 28 -31.52 -19.28 10.53
C THR B 28 -30.35 -20.11 11.03
N PRO B 29 -30.62 -21.23 11.71
CA PRO B 29 -29.50 -22.11 12.10
C PRO B 29 -28.71 -22.60 10.90
N GLN B 30 -29.41 -22.88 9.80
CA GLN B 30 -28.76 -23.49 8.63
C GLN B 30 -27.73 -22.56 8.02
N PHE B 31 -27.94 -21.25 8.08
CA PHE B 31 -26.98 -20.29 7.58
C PHE B 31 -26.00 -19.85 8.65
N GLN B 32 -26.47 -19.62 9.87
CA GLN B 32 -25.58 -19.26 10.97
C GLN B 32 -24.53 -20.32 11.23
N ARG B 33 -24.79 -21.56 10.80
CA ARG B 33 -23.82 -22.63 10.97
C ARG B 33 -22.46 -22.27 10.37
N LEU B 34 -22.44 -21.46 9.30
CA LEU B 34 -21.20 -21.14 8.62
C LEU B 34 -20.29 -20.24 9.46
N ARG B 35 -20.78 -19.70 10.57
CA ARG B 35 -19.90 -19.00 11.50
C ARG B 35 -18.88 -19.93 12.15
N TYR B 36 -19.07 -21.24 12.05
CA TYR B 36 -18.28 -22.22 12.78
C TYR B 36 -17.47 -23.12 11.86
N ILE B 37 -17.28 -22.71 10.60
CA ILE B 37 -16.47 -23.44 9.63
C ILE B 37 -15.42 -22.48 9.10
N LYS B 38 -14.15 -22.78 9.38
CA LYS B 38 -13.07 -21.90 8.95
C LYS B 38 -12.89 -21.95 7.44
N GLN B 39 -12.70 -20.78 6.84
CA GLN B 39 -12.61 -20.68 5.38
C GLN B 39 -11.47 -21.54 4.83
N LEU B 40 -10.31 -21.49 5.49
CA LEU B 40 -9.11 -22.13 4.98
C LEU B 40 -8.76 -23.42 5.73
N GLY B 41 -9.70 -23.96 6.51
CA GLY B 41 -9.42 -25.19 7.23
C GLY B 41 -8.20 -25.05 8.13
N GLY B 42 -7.24 -25.95 7.95
CA GLY B 42 -6.05 -25.97 8.77
C GLY B 42 -5.04 -24.87 8.48
N GLY B 43 -5.27 -24.04 7.47
CA GLY B 43 -4.35 -22.94 7.21
C GLY B 43 -4.15 -22.05 8.42
N TYR B 44 -5.18 -21.93 9.27
CA TYR B 44 -5.08 -21.11 10.48
C TYR B 44 -3.94 -21.59 11.37
N TYR B 45 -3.61 -22.88 11.34
CA TYR B 45 -2.51 -23.39 12.15
C TYR B 45 -1.15 -23.04 11.56
N VAL B 46 -1.13 -22.45 10.36
CA VAL B 46 0.09 -21.90 9.79
C VAL B 46 0.05 -20.39 9.69
N PHE B 47 -1.12 -19.80 9.45
CA PHE B 47 -1.28 -18.35 9.32
C PHE B 47 -2.17 -17.86 10.44
N PRO B 48 -1.62 -17.21 11.47
CA PRO B 48 -2.45 -16.80 12.61
C PRO B 48 -3.54 -15.80 12.24
N GLY B 49 -3.42 -15.15 11.08
CA GLY B 49 -4.45 -14.24 10.64
C GLY B 49 -5.64 -14.88 9.95
N ALA B 50 -5.54 -16.15 9.59
CA ALA B 50 -6.57 -16.83 8.81
C ALA B 50 -7.63 -17.47 9.70
N SER B 51 -8.21 -16.66 10.59
CA SER B 51 -9.24 -17.12 11.51
C SER B 51 -10.64 -17.00 10.94
N HIS B 52 -10.78 -16.50 9.71
CA HIS B 52 -12.09 -16.17 9.16
C HIS B 52 -12.84 -17.42 8.72
N ASN B 53 -14.17 -17.29 8.69
CA ASN B 53 -15.08 -18.40 8.43
C ASN B 53 -15.90 -18.14 7.18
N ARG B 54 -16.62 -19.18 6.73
CA ARG B 54 -17.38 -19.11 5.49
C ARG B 54 -18.53 -18.12 5.55
N PHE B 55 -18.97 -17.73 6.75
CA PHE B 55 -20.16 -16.89 6.89
C PHE B 55 -19.93 -15.50 6.30
N GLU B 56 -18.85 -14.83 6.71
CA GLU B 56 -18.58 -13.49 6.20
C GLU B 56 -18.27 -13.53 4.72
N HIS B 57 -17.54 -14.55 4.27
CA HIS B 57 -17.28 -14.73 2.85
C HIS B 57 -18.59 -14.84 2.06
N SER B 58 -19.56 -15.59 2.59
CA SER B 58 -20.83 -15.74 1.89
C SER B 58 -21.59 -14.42 1.81
N LEU B 59 -21.58 -13.65 2.91
CA LEU B 59 -22.17 -12.32 2.85
C LEU B 59 -21.54 -11.49 1.74
N GLY B 60 -20.21 -11.52 1.67
CA GLY B 60 -19.52 -10.76 0.64
C GLY B 60 -19.88 -11.19 -0.76
N VAL B 61 -20.00 -12.51 -0.98
CA VAL B 61 -20.34 -13.00 -2.31
C VAL B 61 -21.74 -12.56 -2.71
N GLY B 62 -22.70 -12.65 -1.78
CA GLY B 62 -24.03 -12.16 -2.08
C GLY B 62 -24.03 -10.69 -2.43
N TYR B 63 -23.30 -9.89 -1.65
CA TYR B 63 -23.23 -8.45 -1.91
C TYR B 63 -22.62 -8.15 -3.27
N LEU B 64 -21.54 -8.85 -3.63
CA LEU B 64 -20.88 -8.60 -4.91
C LEU B 64 -21.76 -9.04 -6.08
N ALA B 65 -22.46 -10.16 -5.93
CA ALA B 65 -23.37 -10.60 -6.98
C ALA B 65 -24.45 -9.55 -7.20
N GLY B 66 -25.02 -9.02 -6.11
CA GLY B 66 -25.98 -7.94 -6.25
C GLY B 66 -25.39 -6.74 -6.96
N CYS B 67 -24.18 -6.34 -6.56
CA CYS B 67 -23.54 -5.17 -7.18
C CYS B 67 -23.38 -5.36 -8.69
N LEU B 68 -22.87 -6.53 -9.09
CA LEU B 68 -22.62 -6.76 -10.51
C LEU B 68 -23.92 -6.79 -11.31
N VAL B 69 -24.93 -7.53 -10.81
CA VAL B 69 -26.18 -7.61 -11.56
C VAL B 69 -26.81 -6.23 -11.68
N HIS B 70 -26.82 -5.47 -10.59
CA HIS B 70 -27.44 -4.15 -10.63
C HIS B 70 -26.68 -3.22 -11.56
N ALA B 71 -25.35 -3.26 -11.53
CA ALA B 71 -24.58 -2.42 -12.44
C ALA B 71 -24.91 -2.75 -13.89
N LEU B 72 -24.98 -4.03 -14.22
CA LEU B 72 -25.39 -4.41 -15.57
C LEU B 72 -26.79 -3.91 -15.88
N GLY B 73 -27.69 -3.97 -14.90
CA GLY B 73 -29.07 -3.55 -15.14
C GLY B 73 -29.19 -2.07 -15.40
N GLU B 74 -28.40 -1.24 -14.70
CA GLU B 74 -28.45 0.20 -14.93
C GLU B 74 -28.07 0.52 -16.37
N LYS B 75 -26.93 -0.04 -16.81
CA LYS B 75 -26.60 -0.08 -18.22
C LYS B 75 -27.50 -1.11 -18.90
N GLN B 76 -27.36 -1.24 -20.22
CA GLN B 76 -28.04 -2.26 -21.01
C GLN B 76 -29.43 -2.58 -20.47
N PRO B 77 -30.36 -1.62 -20.47
CA PRO B 77 -31.73 -1.95 -20.04
C PRO B 77 -32.40 -2.97 -20.93
N GLU B 78 -31.89 -3.17 -22.15
CA GLU B 78 -32.49 -4.15 -23.06
C GLU B 78 -32.39 -5.56 -22.51
N LEU B 79 -31.53 -5.81 -21.53
CA LEU B 79 -31.41 -7.15 -20.96
C LEU B 79 -32.64 -7.51 -20.13
N GLN B 80 -33.37 -6.53 -19.61
CA GLN B 80 -34.61 -6.75 -18.88
C GLN B 80 -34.35 -7.44 -17.54
N ILE B 81 -33.31 -6.98 -16.83
CA ILE B 81 -33.00 -7.48 -15.50
C ILE B 81 -33.97 -6.83 -14.52
N SER B 82 -34.83 -7.64 -13.92
CA SER B 82 -35.76 -7.17 -12.90
C SER B 82 -35.10 -7.25 -11.53
N GLU B 83 -35.69 -6.51 -10.57
CA GLU B 83 -35.25 -6.66 -9.19
C GLU B 83 -35.35 -8.11 -8.73
N ARG B 84 -36.31 -8.85 -9.28
CA ARG B 84 -36.44 -10.27 -8.96
C ARG B 84 -35.18 -11.04 -9.36
N ASP B 85 -34.64 -10.74 -10.55
CA ASP B 85 -33.39 -11.37 -10.96
C ASP B 85 -32.26 -11.01 -10.01
N VAL B 86 -32.17 -9.75 -9.61
CA VAL B 86 -31.12 -9.33 -8.69
C VAL B 86 -31.22 -10.08 -7.38
N LEU B 87 -32.44 -10.21 -6.84
CA LEU B 87 -32.62 -10.89 -5.57
C LEU B 87 -32.25 -12.36 -5.68
N CYS B 88 -32.65 -13.03 -6.78
CA CYS B 88 -32.31 -14.43 -6.94
C CYS B 88 -30.80 -14.62 -7.04
N VAL B 89 -30.11 -13.75 -7.78
CA VAL B 89 -28.66 -13.86 -7.90
C VAL B 89 -28.00 -13.60 -6.54
N GLN B 90 -28.51 -12.62 -5.80
CA GLN B 90 -27.97 -12.34 -4.47
C GLN B 90 -28.13 -13.54 -3.55
N ILE B 91 -29.30 -14.19 -3.60
CA ILE B 91 -29.51 -15.35 -2.74
C ILE B 91 -28.58 -16.49 -3.15
N ALA B 92 -28.39 -16.70 -4.44
CA ALA B 92 -27.48 -17.75 -4.89
C ALA B 92 -26.06 -17.50 -4.40
N GLY B 93 -25.59 -16.26 -4.54
CA GLY B 93 -24.28 -15.93 -4.01
C GLY B 93 -24.21 -16.11 -2.50
N LEU B 94 -25.28 -15.73 -1.81
CA LEU B 94 -25.32 -15.84 -0.36
C LEU B 94 -25.24 -17.29 0.10
N CYS B 95 -25.81 -18.21 -0.68
CA CYS B 95 -26.00 -19.59 -0.25
C CYS B 95 -25.09 -20.57 -0.96
N HIS B 96 -24.12 -20.09 -1.74
CA HIS B 96 -23.31 -20.99 -2.56
C HIS B 96 -22.44 -21.92 -1.72
N ASP B 97 -22.14 -21.56 -0.47
CA ASP B 97 -21.25 -22.34 0.37
C ASP B 97 -21.96 -23.02 1.54
N LEU B 98 -23.29 -23.09 1.50
CA LEU B 98 -24.03 -23.68 2.62
C LEU B 98 -23.63 -25.13 2.87
N GLY B 99 -23.18 -25.83 1.84
CA GLY B 99 -22.90 -27.24 1.94
C GLY B 99 -21.51 -27.61 2.44
N HIS B 100 -20.66 -26.64 2.73
CA HIS B 100 -19.31 -26.96 3.18
C HIS B 100 -19.34 -27.67 4.53
N GLY B 101 -18.38 -28.57 4.72
CA GLY B 101 -18.27 -29.31 5.95
C GLY B 101 -17.14 -28.78 6.82
N PRO B 102 -16.88 -29.46 7.93
CA PRO B 102 -15.81 -29.03 8.83
C PRO B 102 -14.51 -28.82 8.07
N PHE B 103 -13.88 -27.66 8.31
CA PHE B 103 -12.61 -27.30 7.69
C PHE B 103 -12.71 -27.23 6.17
N SER B 104 -13.91 -26.87 5.68
CA SER B 104 -14.12 -26.56 4.27
C SER B 104 -13.63 -27.67 3.35
N HIS B 105 -12.67 -27.37 2.48
CA HIS B 105 -12.30 -28.29 1.40
C HIS B 105 -11.62 -29.55 1.92
N MET B 106 -11.17 -29.55 3.18
CA MET B 106 -10.71 -30.79 3.78
C MET B 106 -11.81 -31.86 3.79
N PHE B 107 -13.07 -31.44 3.93
CA PHE B 107 -14.14 -32.39 4.17
C PHE B 107 -14.54 -33.13 2.89
N ASP B 108 -15.02 -32.40 1.89
CA ASP B 108 -15.40 -33.04 0.64
C ASP B 108 -14.18 -33.39 -0.22
N GLY B 109 -13.07 -32.69 -0.02
CA GLY B 109 -11.87 -32.97 -0.77
C GLY B 109 -11.11 -34.21 -0.34
N ARG B 110 -11.05 -34.47 0.97
CA ARG B 110 -10.28 -35.63 1.41
C ARG B 110 -11.02 -36.56 2.37
N PHE B 111 -11.76 -36.04 3.35
CA PHE B 111 -12.25 -36.91 4.41
C PHE B 111 -13.31 -37.87 3.91
N ILE B 112 -14.34 -37.36 3.23
CA ILE B 112 -15.39 -38.24 2.71
C ILE B 112 -14.82 -39.26 1.73
N PRO B 113 -13.95 -38.89 0.78
CA PRO B 113 -13.36 -39.91 -0.10
C PRO B 113 -12.66 -41.05 0.65
N LEU B 114 -11.93 -40.75 1.72
CA LEU B 114 -11.28 -41.82 2.48
C LEU B 114 -12.29 -42.61 3.30
N ALA B 115 -13.28 -41.92 3.87
CA ALA B 115 -14.25 -42.57 4.74
C ALA B 115 -15.24 -43.41 3.96
N ARG B 116 -15.77 -42.87 2.85
CA ARG B 116 -16.78 -43.53 2.04
C ARG B 116 -16.36 -43.45 0.58
N PRO B 117 -15.39 -44.26 0.17
CA PRO B 117 -14.84 -44.13 -1.19
C PRO B 117 -15.86 -44.26 -2.31
N GLU B 118 -17.07 -44.73 -2.01
CA GLU B 118 -18.03 -45.09 -3.05
C GLU B 118 -19.07 -44.01 -3.33
N VAL B 119 -19.27 -43.07 -2.41
CA VAL B 119 -20.26 -42.02 -2.58
C VAL B 119 -19.63 -40.86 -3.34
N LYS B 120 -20.45 -40.17 -4.15
CA LYS B 120 -20.03 -38.97 -4.86
C LYS B 120 -20.64 -37.78 -4.12
N TRP B 121 -19.81 -37.07 -3.36
CA TRP B 121 -20.27 -35.95 -2.54
C TRP B 121 -19.46 -34.71 -2.88
N THR B 122 -20.15 -33.59 -3.05
CA THR B 122 -19.52 -32.30 -3.28
C THR B 122 -20.21 -31.26 -2.40
N HIS B 123 -19.47 -30.20 -2.07
CA HIS B 123 -20.07 -29.16 -1.24
C HIS B 123 -21.10 -28.34 -1.99
N GLU B 124 -21.10 -28.37 -3.33
CA GLU B 124 -22.14 -27.67 -4.09
C GLU B 124 -23.48 -28.39 -3.99
N GLN B 125 -23.48 -29.72 -4.18
CA GLN B 125 -24.71 -30.48 -4.01
C GLN B 125 -25.18 -30.42 -2.56
N GLY B 126 -24.23 -30.44 -1.62
CA GLY B 126 -24.59 -30.18 -0.23
C GLY B 126 -25.22 -28.81 -0.05
N SER B 127 -24.73 -27.81 -0.78
CA SER B 127 -25.30 -26.48 -0.69
C SER B 127 -26.76 -26.48 -1.16
N VAL B 128 -27.04 -27.20 -2.25
CA VAL B 128 -28.41 -27.29 -2.74
C VAL B 128 -29.30 -27.97 -1.70
N MET B 129 -28.84 -29.09 -1.15
CA MET B 129 -29.62 -29.80 -0.14
C MET B 129 -29.90 -28.90 1.06
N MET B 130 -28.86 -28.23 1.56
CA MET B 130 -29.00 -27.38 2.74
C MET B 130 -29.87 -26.16 2.45
N PHE B 131 -29.80 -25.62 1.23
CA PHE B 131 -30.69 -24.52 0.87
C PHE B 131 -32.15 -24.97 0.91
N GLU B 132 -32.44 -26.15 0.34
CA GLU B 132 -33.81 -26.66 0.41
C GLU B 132 -34.26 -26.85 1.86
N HIS B 133 -33.37 -27.42 2.68
CA HIS B 133 -33.70 -27.63 4.09
C HIS B 133 -33.96 -26.31 4.80
N LEU B 134 -33.15 -25.29 4.50
CA LEU B 134 -33.35 -23.96 5.08
C LEU B 134 -34.69 -23.38 4.68
N ILE B 135 -35.04 -23.48 3.40
CA ILE B 135 -36.30 -22.95 2.91
C ILE B 135 -37.46 -23.60 3.65
N ASN B 136 -37.42 -24.93 3.75
CA ASN B 136 -38.57 -25.66 4.28
C ASN B 136 -38.65 -25.61 5.80
N SER B 137 -37.54 -25.36 6.50
CA SER B 137 -37.56 -25.33 7.96
C SER B 137 -37.87 -23.95 8.53
N ASN B 138 -37.92 -22.91 7.70
CA ASN B 138 -38.12 -21.55 8.19
C ASN B 138 -39.15 -20.78 7.37
N GLY B 139 -40.00 -21.49 6.61
CA GLY B 139 -41.10 -20.85 5.91
C GLY B 139 -40.68 -19.69 5.04
N ILE B 140 -39.66 -19.89 4.21
CA ILE B 140 -39.14 -18.78 3.41
C ILE B 140 -39.99 -18.54 2.17
N LYS B 141 -40.63 -19.57 1.63
CA LYS B 141 -41.40 -19.43 0.39
C LYS B 141 -42.41 -18.29 0.44
N PRO B 142 -43.25 -18.16 1.48
CA PRO B 142 -44.15 -17.02 1.54
C PRO B 142 -43.42 -15.69 1.54
N VAL B 143 -42.25 -15.62 2.16
CA VAL B 143 -41.49 -14.37 2.17
C VAL B 143 -40.99 -14.05 0.76
N MET B 144 -40.50 -15.06 0.05
CA MET B 144 -40.10 -14.86 -1.34
C MET B 144 -41.26 -14.34 -2.16
N GLU B 145 -42.45 -14.92 -1.98
CA GLU B 145 -43.63 -14.40 -2.68
C GLU B 145 -43.90 -12.96 -2.29
N GLN B 146 -43.80 -12.66 -0.99
CA GLN B 146 -44.05 -11.31 -0.51
C GLN B 146 -43.18 -10.28 -1.22
N TYR B 147 -41.95 -10.66 -1.59
CA TYR B 147 -41.04 -9.71 -2.23
C TYR B 147 -40.96 -9.88 -3.74
N GLY B 148 -41.92 -10.58 -4.34
CA GLY B 148 -42.08 -10.60 -5.78
C GLY B 148 -41.50 -11.80 -6.50
N LEU B 149 -40.99 -12.79 -5.77
CA LEU B 149 -40.39 -13.96 -6.39
C LEU B 149 -41.44 -15.03 -6.67
N ILE B 150 -41.16 -15.87 -7.65
CA ILE B 150 -41.98 -17.04 -7.95
C ILE B 150 -41.20 -18.25 -7.45
N PRO B 151 -41.51 -18.78 -6.26
CA PRO B 151 -40.68 -19.87 -5.70
C PRO B 151 -40.42 -21.01 -6.67
N GLU B 152 -41.43 -21.44 -7.42
CA GLU B 152 -41.26 -22.56 -8.35
C GLU B 152 -40.08 -22.31 -9.28
N GLU B 153 -40.16 -21.23 -10.06
CA GLU B 153 -39.09 -20.90 -10.99
C GLU B 153 -37.80 -20.54 -10.25
N ASP B 154 -37.91 -19.71 -9.22
CA ASP B 154 -36.74 -19.02 -8.69
C ASP B 154 -35.89 -19.88 -7.77
N ILE B 155 -36.49 -20.80 -7.01
CA ILE B 155 -35.68 -21.75 -6.24
C ILE B 155 -34.84 -22.60 -7.18
N CYS B 156 -35.45 -23.08 -8.26
CA CYS B 156 -34.70 -23.81 -9.28
C CYS B 156 -33.60 -22.94 -9.87
N PHE B 157 -33.90 -21.66 -10.11
CA PHE B 157 -32.89 -20.75 -10.65
C PHE B 157 -31.68 -20.66 -9.72
N ILE B 158 -31.93 -20.49 -8.42
CA ILE B 158 -30.85 -20.38 -7.45
C ILE B 158 -30.03 -21.67 -7.41
N LYS B 159 -30.72 -22.82 -7.38
CA LYS B 159 -30.01 -24.10 -7.31
C LYS B 159 -29.17 -24.32 -8.56
N GLU B 160 -29.68 -23.90 -9.73
CA GLU B 160 -28.91 -24.03 -10.96
C GLU B 160 -27.69 -23.12 -10.93
N GLN B 161 -27.83 -21.91 -10.37
CA GLN B 161 -26.67 -21.04 -10.21
C GLN B 161 -25.61 -21.69 -9.34
N ILE B 162 -26.04 -22.42 -8.31
CA ILE B 162 -25.07 -22.97 -7.37
C ILE B 162 -24.39 -24.21 -7.92
N VAL B 163 -25.17 -25.20 -8.36
CA VAL B 163 -24.62 -26.51 -8.68
C VAL B 163 -24.41 -26.74 -10.16
N GLY B 164 -25.06 -25.96 -11.03
CA GLY B 164 -25.02 -26.20 -12.45
C GLY B 164 -26.33 -26.79 -12.93
N PRO B 165 -26.36 -27.24 -14.19
CA PRO B 165 -27.59 -27.85 -14.72
C PRO B 165 -28.04 -29.04 -13.87
N LEU B 166 -29.36 -29.15 -13.69
CA LEU B 166 -29.95 -30.34 -13.10
C LEU B 166 -29.97 -31.52 -14.07
N GLU B 167 -29.62 -31.28 -15.33
CA GLU B 167 -29.72 -32.25 -16.40
C GLU B 167 -28.40 -33.02 -16.53
N SER B 168 -28.16 -33.58 -17.73
CA SER B 168 -27.16 -34.60 -18.02
C SER B 168 -27.52 -35.97 -17.46
N PRO B 169 -28.75 -36.46 -17.72
CA PRO B 169 -28.97 -37.91 -17.71
C PRO B 169 -28.80 -38.54 -19.10
N VAL B 170 -28.98 -37.71 -20.14
CA VAL B 170 -28.87 -38.16 -21.53
C VAL B 170 -28.28 -37.01 -22.33
N GLU B 171 -28.09 -37.21 -23.64
CA GLU B 171 -27.26 -36.29 -24.41
C GLU B 171 -27.92 -34.92 -24.59
N ASP B 172 -29.00 -34.85 -25.38
CA ASP B 172 -29.83 -33.66 -25.50
C ASP B 172 -29.05 -32.36 -25.38
N SER B 173 -28.07 -32.13 -26.25
CA SER B 173 -27.17 -30.98 -26.11
C SER B 173 -27.86 -29.72 -26.61
N LEU B 174 -28.44 -28.95 -25.69
CA LEU B 174 -29.08 -27.67 -25.97
C LEU B 174 -29.11 -26.88 -24.67
N TRP B 175 -29.92 -25.82 -24.62
CA TRP B 175 -30.07 -25.03 -23.40
C TRP B 175 -30.60 -25.91 -22.28
N PRO B 176 -29.80 -26.22 -21.27
CA PRO B 176 -30.25 -27.15 -20.21
C PRO B 176 -30.82 -26.50 -18.95
N TYR B 177 -30.79 -25.18 -18.83
CA TYR B 177 -31.30 -24.53 -17.63
C TYR B 177 -32.81 -24.32 -17.73
N LYS B 178 -33.49 -24.49 -16.60
CA LYS B 178 -34.93 -24.32 -16.52
C LYS B 178 -35.36 -23.10 -15.73
N GLY B 179 -34.50 -22.56 -14.87
CA GLY B 179 -34.88 -21.42 -14.06
C GLY B 179 -34.98 -20.12 -14.81
N ARG B 180 -34.30 -20.00 -15.95
CA ARG B 180 -34.33 -18.77 -16.73
C ARG B 180 -34.15 -19.11 -18.21
N PRO B 181 -34.64 -18.27 -19.11
CA PRO B 181 -34.47 -18.53 -20.54
C PRO B 181 -33.04 -18.24 -20.98
N GLU B 182 -32.77 -18.58 -22.25
CA GLU B 182 -31.44 -18.38 -22.80
C GLU B 182 -31.08 -16.91 -22.88
N ASN B 183 -32.07 -16.03 -23.06
CA ASN B 183 -31.78 -14.60 -23.16
C ASN B 183 -31.25 -14.02 -21.87
N LYS B 184 -31.37 -14.73 -20.74
CA LYS B 184 -30.77 -14.34 -19.47
C LYS B 184 -29.55 -15.19 -19.12
N SER B 185 -28.98 -15.88 -20.11
CA SER B 185 -27.91 -16.84 -19.82
C SER B 185 -26.78 -16.22 -19.01
N PHE B 186 -26.47 -14.95 -19.30
CA PHE B 186 -25.34 -14.31 -18.63
C PHE B 186 -25.47 -14.34 -17.12
N LEU B 187 -26.70 -14.38 -16.59
CA LEU B 187 -26.88 -14.38 -15.14
C LEU B 187 -26.26 -15.62 -14.50
N TYR B 188 -26.14 -16.72 -15.25
CA TYR B 188 -25.53 -17.92 -14.71
C TYR B 188 -24.02 -17.82 -14.60
N GLU B 189 -23.41 -16.76 -15.13
CA GLU B 189 -21.97 -16.58 -15.10
C GLU B 189 -21.47 -15.77 -13.90
N ILE B 190 -22.37 -15.34 -13.02
CA ILE B 190 -22.01 -14.34 -12.02
C ILE B 190 -21.47 -15.01 -10.76
N VAL B 191 -22.27 -15.86 -10.13
CA VAL B 191 -21.86 -16.42 -8.83
C VAL B 191 -20.81 -17.51 -9.01
N SER B 192 -21.01 -18.41 -9.96
CA SER B 192 -20.08 -19.51 -10.20
C SER B 192 -19.90 -19.69 -11.70
N ASN B 193 -18.75 -19.26 -12.21
CA ASN B 193 -18.45 -19.31 -13.64
C ASN B 193 -17.48 -20.44 -13.90
N LYS B 194 -17.94 -21.48 -14.59
CA LYS B 194 -17.14 -22.67 -14.83
C LYS B 194 -16.18 -22.51 -16.00
N ARG B 195 -16.35 -21.49 -16.84
CA ARG B 195 -15.60 -21.40 -18.09
C ARG B 195 -14.26 -20.69 -17.91
N ASN B 196 -14.28 -19.43 -17.48
CA ASN B 196 -13.07 -18.62 -17.40
C ASN B 196 -12.63 -18.32 -15.97
N GLY B 197 -13.18 -19.02 -14.98
CA GLY B 197 -12.72 -18.86 -13.62
C GLY B 197 -12.81 -17.43 -13.12
N ILE B 198 -13.85 -16.71 -13.52
CA ILE B 198 -14.06 -15.32 -13.11
C ILE B 198 -15.48 -15.23 -12.56
N ASP B 199 -15.59 -15.09 -11.24
CA ASP B 199 -16.89 -14.95 -10.61
C ASP B 199 -16.72 -14.16 -9.32
N VAL B 200 -17.85 -13.68 -8.79
CA VAL B 200 -17.82 -12.84 -7.60
C VAL B 200 -17.34 -13.63 -6.38
N ASP B 201 -17.63 -14.93 -6.33
CA ASP B 201 -17.11 -15.79 -5.26
C ASP B 201 -15.60 -15.69 -5.18
N LYS B 202 -14.94 -15.83 -6.33
CA LYS B 202 -13.48 -15.74 -6.37
C LYS B 202 -13.00 -14.34 -6.01
N TRP B 203 -13.69 -13.29 -6.49
CA TRP B 203 -13.31 -11.94 -6.12
C TRP B 203 -13.28 -11.78 -4.61
N ASP B 204 -14.39 -12.15 -3.95
CA ASP B 204 -14.47 -11.99 -2.51
C ASP B 204 -13.39 -12.79 -1.80
N TYR B 205 -13.20 -14.07 -2.17
CA TYR B 205 -12.29 -14.86 -1.34
C TYR B 205 -10.83 -14.57 -1.68
N PHE B 206 -10.50 -14.14 -2.90
CA PHE B 206 -9.17 -13.59 -3.12
C PHE B 206 -8.93 -12.41 -2.21
N ALA B 207 -9.83 -11.42 -2.23
CA ALA B 207 -9.63 -10.22 -1.42
C ALA B 207 -9.54 -10.56 0.07
N ARG B 208 -10.44 -11.42 0.54
CA ARG B 208 -10.53 -11.72 1.96
C ARG B 208 -9.33 -12.54 2.44
N ASP B 209 -8.97 -13.58 1.68
CA ASP B 209 -7.80 -14.38 2.05
C ASP B 209 -6.54 -13.53 2.04
N CYS B 210 -6.41 -12.61 1.07
CA CYS B 210 -5.29 -11.68 1.09
C CYS B 210 -5.33 -10.82 2.36
N HIS B 211 -6.50 -10.27 2.68
CA HIS B 211 -6.62 -9.41 3.85
C HIS B 211 -6.18 -10.12 5.12
N HIS B 212 -6.58 -11.38 5.28
CA HIS B 212 -6.31 -12.09 6.53
C HIS B 212 -4.97 -12.82 6.56
N LEU B 213 -4.38 -13.10 5.41
CA LEU B 213 -3.12 -13.85 5.36
C LEU B 213 -1.89 -12.96 5.41
N GLY B 214 -2.01 -11.70 5.05
CA GLY B 214 -0.84 -10.86 4.89
C GLY B 214 -0.22 -10.95 3.51
N ILE B 215 -1.02 -11.20 2.49
CA ILE B 215 -0.56 -11.36 1.12
C ILE B 215 -1.12 -10.23 0.28
N GLN B 216 -0.30 -9.73 -0.63
CA GLN B 216 -0.66 -8.52 -1.37
C GLN B 216 -1.75 -8.81 -2.39
N ASN B 217 -2.80 -8.01 -2.36
CA ASN B 217 -3.92 -8.11 -3.30
C ASN B 217 -3.72 -7.05 -4.37
N ASN B 218 -3.45 -7.48 -5.60
CA ASN B 218 -3.04 -6.57 -6.66
C ASN B 218 -4.20 -6.07 -7.53
N PHE B 219 -5.41 -6.61 -7.38
CA PHE B 219 -6.50 -6.29 -8.28
C PHE B 219 -7.64 -5.59 -7.55
N ASP B 220 -8.52 -4.98 -8.34
CA ASP B 220 -9.57 -4.08 -7.85
C ASP B 220 -10.88 -4.47 -8.53
N TYR B 221 -11.71 -5.25 -7.84
CA TYR B 221 -12.95 -5.74 -8.42
C TYR B 221 -13.92 -4.61 -8.77
N LYS B 222 -13.81 -3.46 -8.11
CA LYS B 222 -14.69 -2.34 -8.41
C LYS B 222 -14.49 -1.87 -9.85
N ARG B 223 -13.24 -1.83 -10.32
CA ARG B 223 -12.99 -1.48 -11.70
C ARG B 223 -13.69 -2.45 -12.65
N PHE B 224 -13.65 -3.75 -12.32
CA PHE B 224 -14.38 -4.73 -13.12
C PHE B 224 -15.86 -4.40 -13.19
N ILE B 225 -16.49 -4.19 -12.04
CA ILE B 225 -17.93 -3.98 -12.04
C ILE B 225 -18.29 -2.72 -12.82
N LYS B 226 -17.51 -1.64 -12.62
CA LYS B 226 -17.84 -0.38 -13.27
C LYS B 226 -17.70 -0.46 -14.79
N PHE B 227 -16.78 -1.28 -15.29
CA PHE B 227 -16.51 -1.37 -16.73
C PHE B 227 -16.95 -2.71 -17.32
N ALA B 228 -17.91 -3.38 -16.69
CA ALA B 228 -18.43 -4.64 -17.21
C ALA B 228 -19.69 -4.39 -18.02
N ARG B 229 -19.85 -5.14 -19.11
CA ARG B 229 -21.04 -5.08 -19.94
C ARG B 229 -21.44 -6.50 -20.32
N VAL B 230 -22.55 -6.64 -21.01
CA VAL B 230 -22.98 -7.90 -21.60
C VAL B 230 -22.87 -7.76 -23.12
N CYS B 231 -22.26 -8.75 -23.76
CA CYS B 231 -22.09 -8.69 -25.21
C CYS B 231 -22.15 -10.11 -25.77
N GLU B 232 -22.37 -10.19 -27.08
CA GLU B 232 -22.51 -11.46 -27.77
C GLU B 232 -21.14 -11.98 -28.18
N VAL B 233 -20.88 -13.25 -27.90
CA VAL B 233 -19.63 -13.90 -28.25
C VAL B 233 -19.98 -15.28 -28.80
N ASP B 234 -19.79 -15.46 -30.11
CA ASP B 234 -20.07 -16.73 -30.77
C ASP B 234 -21.53 -17.14 -30.57
N ASN B 235 -22.44 -16.18 -30.73
CA ASN B 235 -23.88 -16.42 -30.66
C ASN B 235 -24.33 -16.78 -29.25
N GLU B 236 -23.82 -16.06 -28.25
CA GLU B 236 -24.25 -16.25 -26.88
C GLU B 236 -23.96 -14.99 -26.09
N LEU B 237 -24.89 -14.62 -25.21
CA LEU B 237 -24.69 -13.49 -24.33
C LEU B 237 -23.72 -13.86 -23.22
N ARG B 238 -22.77 -12.97 -22.94
CA ARG B 238 -21.76 -13.25 -21.92
C ARG B 238 -21.28 -11.94 -21.32
N ILE B 239 -20.60 -12.07 -20.17
CA ILE B 239 -20.04 -10.93 -19.48
C ILE B 239 -18.74 -10.53 -20.17
N CYS B 240 -18.71 -9.34 -20.75
CA CYS B 240 -17.56 -8.82 -21.46
C CYS B 240 -17.01 -7.60 -20.73
N ALA B 241 -15.73 -7.31 -20.98
CA ALA B 241 -15.01 -6.25 -20.29
C ALA B 241 -14.41 -5.29 -21.29
N ARG B 242 -14.42 -4.01 -20.94
CA ARG B 242 -13.70 -3.01 -21.73
C ARG B 242 -12.23 -3.39 -21.81
N ASP B 243 -11.66 -3.25 -23.01
CA ASP B 243 -10.32 -3.79 -23.27
C ASP B 243 -9.28 -3.23 -22.30
N LYS B 244 -9.35 -1.93 -21.99
CA LYS B 244 -8.34 -1.31 -21.14
C LYS B 244 -8.24 -1.96 -19.77
N GLU B 245 -9.17 -2.86 -19.42
CA GLU B 245 -9.14 -3.54 -18.13
C GLU B 245 -8.21 -4.76 -18.11
N VAL B 246 -7.58 -5.11 -19.24
CA VAL B 246 -6.74 -6.30 -19.26
C VAL B 246 -5.69 -6.23 -18.15
N GLY B 247 -5.09 -5.04 -17.96
CA GLY B 247 -4.08 -4.91 -16.93
C GLY B 247 -4.60 -5.29 -15.56
N ASN B 248 -5.84 -4.90 -15.24
CA ASN B 248 -6.45 -5.35 -14.00
C ASN B 248 -6.62 -6.86 -14.00
N LEU B 249 -7.12 -7.42 -15.10
CA LEU B 249 -7.35 -8.87 -15.15
C LEU B 249 -6.08 -9.64 -14.81
N TYR B 250 -4.98 -9.30 -15.48
CA TYR B 250 -3.71 -9.98 -15.19
C TYR B 250 -3.40 -9.89 -13.71
N ASP B 251 -3.55 -8.71 -13.12
CA ASP B 251 -3.28 -8.55 -11.70
C ASP B 251 -4.04 -9.59 -10.89
N MET B 252 -5.33 -9.76 -11.19
CA MET B 252 -6.12 -10.75 -10.49
C MET B 252 -5.46 -12.11 -10.57
N PHE B 253 -5.11 -12.55 -11.78
CA PHE B 253 -4.53 -13.87 -11.95
C PHE B 253 -3.20 -13.98 -11.22
N HIS B 254 -2.47 -12.87 -11.05
CA HIS B 254 -1.28 -12.94 -10.22
C HIS B 254 -1.65 -13.21 -8.77
N THR B 255 -2.60 -12.43 -8.24
CA THR B 255 -3.03 -12.64 -6.86
C THR B 255 -3.43 -14.09 -6.64
N ARG B 256 -4.33 -14.59 -7.49
CA ARG B 256 -4.72 -15.99 -7.40
C ARG B 256 -3.49 -16.87 -7.35
N ASN B 257 -2.58 -16.70 -8.33
CA ASN B 257 -1.39 -17.54 -8.38
C ASN B 257 -0.67 -17.48 -7.04
N SER B 258 -0.41 -16.27 -6.54
CA SER B 258 0.27 -16.13 -5.26
C SER B 258 -0.50 -16.88 -4.18
N LEU B 259 -1.81 -16.63 -4.11
CA LEU B 259 -2.61 -17.26 -3.06
C LEU B 259 -2.50 -18.78 -3.14
N HIS B 260 -2.37 -19.34 -4.34
CA HIS B 260 -2.27 -20.78 -4.44
C HIS B 260 -0.90 -21.27 -3.98
N ARG B 261 0.16 -20.55 -4.34
CA ARG B 261 1.51 -21.03 -4.05
C ARG B 261 1.89 -20.78 -2.59
N ARG B 262 1.54 -19.61 -2.06
CA ARG B 262 1.98 -19.27 -0.71
C ARG B 262 1.11 -19.92 0.36
N ALA B 263 -0.20 -19.99 0.14
CA ALA B 263 -1.13 -20.41 1.19
C ALA B 263 -1.84 -21.72 0.88
N TYR B 264 -2.58 -21.81 -0.23
CA TYR B 264 -3.42 -22.99 -0.46
C TYR B 264 -2.57 -24.25 -0.59
N GLN B 265 -1.36 -24.15 -1.12
CA GLN B 265 -0.47 -25.29 -1.29
C GLN B 265 0.66 -25.30 -0.27
N HIS B 266 0.51 -24.58 0.84
CA HIS B 266 1.51 -24.60 1.89
C HIS B 266 1.73 -26.02 2.37
N LYS B 267 3.01 -26.42 2.44
CA LYS B 267 3.35 -27.80 2.76
C LYS B 267 2.87 -28.19 4.15
N VAL B 268 3.18 -27.36 5.15
CA VAL B 268 2.82 -27.69 6.52
C VAL B 268 1.30 -27.63 6.71
N GLY B 269 0.65 -26.65 6.10
CA GLY B 269 -0.79 -26.55 6.21
C GLY B 269 -1.51 -27.76 5.65
N ASN B 270 -1.04 -28.26 4.51
CA ASN B 270 -1.64 -29.47 3.94
C ASN B 270 -1.34 -30.69 4.79
N ILE B 271 -0.13 -30.78 5.36
CA ILE B 271 0.14 -31.87 6.29
C ILE B 271 -0.85 -31.83 7.45
N ILE B 272 -1.16 -30.64 7.95
CA ILE B 272 -2.06 -30.53 9.10
C ILE B 272 -3.49 -30.87 8.69
N ASP B 273 -3.91 -30.45 7.49
CA ASP B 273 -5.19 -30.91 6.97
C ASP B 273 -5.27 -32.43 7.01
N THR B 274 -4.19 -33.07 6.56
CA THR B 274 -4.12 -34.53 6.56
C THR B 274 -4.23 -35.10 7.98
N MET B 275 -3.53 -34.48 8.93
CA MET B 275 -3.56 -34.98 10.30
C MET B 275 -4.96 -34.88 10.89
N ILE B 276 -5.63 -33.75 10.65
CA ILE B 276 -7.00 -33.58 11.14
C ILE B 276 -7.91 -34.62 10.51
N THR B 277 -7.72 -34.91 9.22
CA THR B 277 -8.55 -35.93 8.57
C THR B 277 -8.30 -37.30 9.19
N ASP B 278 -7.05 -37.62 9.50
CA ASP B 278 -6.73 -38.89 10.14
C ASP B 278 -7.42 -39.00 11.50
N ALA B 279 -7.40 -37.92 12.27
CA ALA B 279 -8.12 -37.91 13.55
C ALA B 279 -9.62 -38.13 13.32
N PHE B 280 -10.19 -37.45 12.34
CA PHE B 280 -11.61 -37.64 12.03
C PHE B 280 -11.91 -39.10 11.71
N LEU B 281 -11.03 -39.73 10.92
CA LEU B 281 -11.23 -41.13 10.57
C LEU B 281 -11.20 -42.02 11.81
N LYS B 282 -10.25 -41.75 12.72
CA LYS B 282 -10.17 -42.57 13.92
C LYS B 282 -11.24 -42.23 14.95
N ALA B 283 -12.04 -41.18 14.73
CA ALA B 283 -13.18 -40.89 15.58
C ALA B 283 -14.52 -41.26 14.95
N ASP B 284 -14.53 -41.65 13.67
CA ASP B 284 -15.78 -41.78 12.94
C ASP B 284 -16.69 -42.84 13.56
N ASP B 285 -16.12 -43.96 14.02
CA ASP B 285 -16.93 -45.03 14.57
C ASP B 285 -17.65 -44.64 15.86
N TYR B 286 -17.28 -43.51 16.48
CA TYR B 286 -17.72 -43.23 17.84
C TYR B 286 -18.42 -41.90 18.01
N ILE B 287 -18.05 -40.88 17.22
CA ILE B 287 -18.68 -39.57 17.36
C ILE B 287 -20.14 -39.67 16.92
N GLU B 288 -21.03 -39.09 17.74
CA GLU B 288 -22.47 -39.16 17.51
C GLU B 288 -23.02 -37.77 17.22
N ILE B 289 -23.81 -37.65 16.15
CA ILE B 289 -24.42 -36.40 15.75
C ILE B 289 -25.91 -36.67 15.58
N THR B 290 -26.73 -36.18 16.50
CA THR B 290 -28.16 -36.41 16.45
C THR B 290 -28.77 -35.68 15.27
N GLY B 291 -29.67 -36.36 14.55
CA GLY B 291 -30.25 -35.87 13.33
C GLY B 291 -31.77 -35.91 13.37
N ALA B 292 -32.35 -36.14 12.20
CA ALA B 292 -33.80 -36.11 12.07
C ALA B 292 -34.44 -37.26 12.85
N GLY B 293 -35.44 -36.94 13.66
CA GLY B 293 -36.17 -37.94 14.40
C GLY B 293 -35.44 -38.51 15.59
N GLY B 294 -34.29 -37.94 15.96
CA GLY B 294 -33.47 -38.50 17.02
C GLY B 294 -32.53 -39.59 16.60
N LYS B 295 -32.44 -39.88 15.30
CA LYS B 295 -31.50 -40.87 14.80
C LYS B 295 -30.08 -40.33 14.88
N LYS B 296 -29.16 -41.14 15.40
CA LYS B 296 -27.78 -40.71 15.61
C LYS B 296 -26.95 -41.05 14.37
N TYR B 297 -26.17 -40.09 13.90
CA TYR B 297 -25.33 -40.24 12.73
C TYR B 297 -23.86 -40.17 13.11
N ARG B 298 -23.00 -40.53 12.16
CA ARG B 298 -21.57 -40.37 12.26
C ARG B 298 -21.13 -39.14 11.47
N ILE B 299 -19.86 -38.77 11.64
CA ILE B 299 -19.31 -37.67 10.85
C ILE B 299 -19.45 -37.96 9.37
N SER B 300 -19.16 -39.19 8.96
CA SER B 300 -19.13 -39.55 7.55
C SER B 300 -20.51 -39.81 6.96
N THR B 301 -21.54 -39.98 7.78
CA THR B 301 -22.89 -40.19 7.30
C THR B 301 -23.82 -39.01 7.58
N ALA B 302 -23.33 -37.99 8.28
CA ALA B 302 -24.15 -36.81 8.56
C ALA B 302 -24.56 -36.09 7.29
N ILE B 303 -23.89 -36.36 6.17
CA ILE B 303 -24.26 -35.73 4.90
C ILE B 303 -25.53 -36.31 4.30
N ASP B 304 -26.07 -37.38 4.87
CA ASP B 304 -27.32 -37.96 4.40
C ASP B 304 -28.54 -37.43 5.14
N ASP B 305 -28.35 -36.50 6.08
CA ASP B 305 -29.47 -35.90 6.80
C ASP B 305 -29.08 -34.45 7.09
N MET B 306 -29.78 -33.51 6.46
CA MET B 306 -29.41 -32.10 6.59
C MET B 306 -29.63 -31.59 8.01
N GLU B 307 -30.56 -32.18 8.75
CA GLU B 307 -30.74 -31.79 10.14
C GLU B 307 -29.48 -32.07 10.95
N ALA B 308 -28.86 -33.23 10.73
CA ALA B 308 -27.61 -33.55 11.41
C ALA B 308 -26.46 -32.70 10.87
N TYR B 309 -26.38 -32.57 9.54
CA TYR B 309 -25.32 -31.75 8.94
C TYR B 309 -25.35 -30.33 9.46
N THR B 310 -26.53 -29.82 9.80
CA THR B 310 -26.63 -28.48 10.37
C THR B 310 -25.78 -28.33 11.61
N LYS B 311 -25.52 -29.43 12.32
CA LYS B 311 -24.76 -29.43 13.56
C LYS B 311 -23.38 -30.05 13.40
N LEU B 312 -22.86 -30.15 12.18
CA LEU B 312 -21.52 -30.67 11.93
C LEU B 312 -20.64 -29.50 11.47
N THR B 313 -19.77 -29.04 12.36
CA THR B 313 -18.92 -27.89 12.11
C THR B 313 -17.52 -28.18 12.61
N ASP B 314 -16.68 -27.16 12.64
CA ASP B 314 -15.31 -27.32 13.16
C ASP B 314 -15.31 -27.75 14.62
N ASN B 315 -16.43 -27.58 15.32
CA ASN B 315 -16.50 -27.97 16.73
C ASN B 315 -16.13 -29.43 16.92
N ILE B 316 -16.38 -30.27 15.91
CA ILE B 316 -16.00 -31.68 15.98
C ILE B 316 -14.56 -31.79 16.47
N PHE B 317 -13.66 -31.01 15.87
CA PHE B 317 -12.27 -30.96 16.30
C PHE B 317 -12.19 -30.93 17.82
N LEU B 318 -12.74 -29.88 18.43
CA LEU B 318 -12.63 -29.74 19.88
C LEU B 318 -13.35 -30.86 20.60
N GLU B 319 -14.49 -31.31 20.05
CA GLU B 319 -15.19 -32.43 20.67
C GLU B 319 -14.25 -33.61 20.85
N ILE B 320 -13.38 -33.84 19.87
CA ILE B 320 -12.40 -34.91 19.99
C ILE B 320 -11.30 -34.54 20.96
N LEU B 321 -10.81 -33.29 20.89
CA LEU B 321 -9.71 -32.88 21.75
C LEU B 321 -10.09 -32.95 23.22
N TYR B 322 -11.33 -32.61 23.55
CA TYR B 322 -11.79 -32.54 24.93
C TYR B 322 -12.40 -33.84 25.43
N SER B 323 -12.50 -34.87 24.60
CA SER B 323 -13.21 -36.09 24.99
C SER B 323 -12.39 -36.88 26.01
N THR B 324 -13.09 -37.68 26.80
CA THR B 324 -12.48 -38.63 27.71
C THR B 324 -12.78 -40.09 27.36
N ASP B 325 -13.75 -40.35 26.50
CA ASP B 325 -14.07 -41.71 26.07
C ASP B 325 -12.78 -42.41 25.63
N PRO B 326 -12.41 -43.55 26.24
CA PRO B 326 -11.19 -44.23 25.81
C PRO B 326 -11.21 -44.62 24.34
N LYS B 327 -12.39 -44.93 23.79
CA LYS B 327 -12.49 -45.30 22.39
C LYS B 327 -11.98 -44.21 21.46
N LEU B 328 -11.96 -42.96 21.93
CA LEU B 328 -11.51 -41.83 21.12
C LEU B 328 -10.02 -41.52 21.32
N LYS B 329 -9.34 -42.25 22.21
CA LYS B 329 -7.98 -41.88 22.59
C LYS B 329 -7.10 -41.68 21.36
N ASP B 330 -7.10 -42.65 20.45
CA ASP B 330 -6.25 -42.53 19.27
C ASP B 330 -6.50 -41.21 18.56
N ALA B 331 -7.77 -40.93 18.22
CA ALA B 331 -8.07 -39.66 17.58
C ALA B 331 -7.52 -38.50 18.40
N ARG B 332 -7.84 -38.50 19.70
CA ARG B 332 -7.38 -37.43 20.57
C ARG B 332 -5.88 -37.24 20.42
N GLU B 333 -5.12 -38.33 20.46
CA GLU B 333 -3.68 -38.20 20.47
C GLU B 333 -3.19 -37.50 19.22
N ILE B 334 -3.76 -37.83 18.05
CA ILE B 334 -3.34 -37.15 16.83
C ILE B 334 -3.53 -35.65 16.99
N LEU B 335 -4.71 -35.23 17.45
CA LEU B 335 -4.93 -33.81 17.65
C LEU B 335 -3.94 -33.25 18.65
N LYS B 336 -3.66 -34.00 19.72
CA LYS B 336 -2.69 -33.53 20.70
C LYS B 336 -1.33 -33.30 20.06
N GLN B 337 -0.92 -34.19 19.16
CA GLN B 337 0.35 -33.99 18.49
C GLN B 337 0.36 -32.67 17.74
N ILE B 338 -0.77 -32.34 17.08
CA ILE B 338 -0.87 -31.06 16.39
C ILE B 338 -0.58 -29.92 17.36
N GLU B 339 -1.15 -30.00 18.56
CA GLU B 339 -0.92 -28.95 19.55
C GLU B 339 0.55 -28.88 19.92
N TYR B 340 1.22 -30.03 20.03
CA TYR B 340 2.62 -30.05 20.40
C TYR B 340 3.55 -29.80 19.23
N ARG B 341 3.02 -29.75 18.00
CA ARG B 341 3.82 -29.52 16.80
C ARG B 341 4.75 -30.70 16.53
N ASN B 342 4.27 -31.92 16.82
CA ASN B 342 4.93 -33.14 16.40
C ASN B 342 4.14 -33.69 15.21
N LEU B 343 4.54 -33.27 14.01
CA LEU B 343 3.71 -33.46 12.82
C LEU B 343 4.23 -34.60 11.94
N PHE B 344 3.36 -35.01 11.02
CA PHE B 344 3.76 -35.95 9.98
C PHE B 344 4.95 -35.37 9.22
N LYS B 345 5.94 -36.22 8.94
CA LYS B 345 7.14 -35.79 8.24
C LYS B 345 6.93 -35.85 6.74
N TYR B 346 7.49 -34.88 6.04
CA TYR B 346 7.29 -34.71 4.60
C TYR B 346 8.31 -35.55 3.85
N VAL B 347 7.82 -36.46 3.01
CA VAL B 347 8.68 -37.40 2.30
C VAL B 347 8.95 -36.94 0.87
N GLY B 348 7.94 -36.48 0.14
CA GLY B 348 8.23 -36.00 -1.19
C GLY B 348 7.00 -35.57 -1.97
N GLU B 349 7.25 -35.16 -3.22
CA GLU B 349 6.23 -34.64 -4.11
C GLU B 349 6.51 -35.13 -5.53
N THR B 350 5.45 -35.29 -6.31
CA THR B 350 5.53 -35.79 -7.68
C THR B 350 4.29 -35.34 -8.42
N GLN B 351 4.24 -35.62 -9.72
CA GLN B 351 3.11 -35.24 -10.55
C GLN B 351 2.67 -36.40 -11.43
N PRO B 352 1.37 -36.49 -11.72
CA PRO B 352 0.92 -37.46 -12.72
C PRO B 352 1.38 -37.04 -14.12
N THR B 353 1.56 -38.03 -14.98
CA THR B 353 2.12 -37.81 -16.30
C THR B 353 1.00 -37.67 -17.33
N GLY B 354 1.09 -36.64 -18.16
CA GLY B 354 0.04 -36.39 -19.12
C GLY B 354 -1.22 -35.87 -18.46
N GLN B 355 -2.35 -36.24 -19.02
CA GLN B 355 -3.66 -35.80 -18.54
C GLN B 355 -4.19 -36.66 -17.40
N ILE B 356 -3.43 -37.65 -16.95
CA ILE B 356 -3.92 -38.55 -15.90
C ILE B 356 -4.25 -37.76 -14.65
N LYS B 357 -5.40 -38.08 -14.05
CA LYS B 357 -5.88 -37.43 -12.84
C LYS B 357 -6.36 -38.52 -11.89
N ILE B 358 -5.65 -38.68 -10.76
CA ILE B 358 -6.13 -39.60 -9.73
C ILE B 358 -7.49 -39.14 -9.23
N LYS B 359 -8.40 -40.09 -9.08
CA LYS B 359 -9.78 -39.79 -8.70
C LYS B 359 -10.03 -40.13 -7.24
N ARG B 360 -10.96 -39.39 -6.63
CA ARG B 360 -11.16 -39.49 -5.19
C ARG B 360 -11.44 -40.92 -4.75
N GLU B 361 -12.19 -41.67 -5.56
CA GLU B 361 -12.55 -43.04 -5.21
C GLU B 361 -11.34 -43.93 -5.01
N ASP B 362 -10.17 -43.53 -5.53
CA ASP B 362 -8.95 -44.30 -5.40
C ASP B 362 -7.99 -43.75 -4.36
N TYR B 363 -8.31 -42.63 -3.72
CA TYR B 363 -7.41 -42.06 -2.72
C TYR B 363 -7.01 -43.11 -1.69
N GLU B 364 -8.00 -43.83 -1.16
CA GLU B 364 -7.74 -44.80 -0.10
C GLU B 364 -6.80 -45.91 -0.56
N SER B 365 -6.74 -46.18 -1.86
CA SER B 365 -5.85 -47.22 -2.37
C SER B 365 -4.39 -46.77 -2.38
N LEU B 366 -4.14 -45.46 -2.38
CA LEU B 366 -2.79 -44.97 -2.64
C LEU B 366 -1.77 -45.38 -1.59
N PRO B 367 -2.03 -45.26 -0.28
CA PRO B 367 -1.01 -45.70 0.69
C PRO B 367 -0.65 -47.17 0.54
N LYS B 368 -1.64 -48.05 0.40
CA LYS B 368 -1.36 -49.47 0.19
C LYS B 368 -0.40 -49.65 -0.97
N GLU B 369 -0.71 -49.03 -2.11
CA GLU B 369 0.19 -49.09 -3.26
C GLU B 369 1.61 -48.69 -2.85
N VAL B 370 1.75 -47.58 -2.14
CA VAL B 370 3.09 -47.11 -1.78
C VAL B 370 3.81 -48.15 -0.94
N ALA B 371 3.10 -48.79 -0.01
CA ALA B 371 3.74 -49.78 0.84
C ALA B 371 4.06 -51.06 0.10
N SER B 372 3.53 -51.25 -1.11
CA SER B 372 3.77 -52.47 -1.87
C SER B 372 4.93 -52.35 -2.85
N ALA B 373 5.38 -51.14 -3.13
CA ALA B 373 6.50 -50.97 -4.05
C ALA B 373 7.75 -51.64 -3.48
N LYS B 374 8.55 -52.22 -4.38
CA LYS B 374 9.78 -52.88 -3.98
C LYS B 374 10.94 -51.89 -4.14
N PRO B 375 11.59 -51.46 -3.06
CA PRO B 375 12.34 -50.20 -3.13
C PRO B 375 13.42 -50.18 -4.20
N LYS B 376 14.16 -51.28 -4.33
CA LYS B 376 15.23 -51.50 -5.31
C LYS B 376 16.37 -52.27 -4.63
N VAL B 377 17.00 -51.65 -3.65
CA VAL B 377 18.21 -52.22 -3.05
C VAL B 377 17.86 -53.22 -1.97
N LEU B 378 17.36 -52.71 -0.84
CA LEU B 378 16.89 -53.50 0.29
C LEU B 378 16.53 -52.49 1.37
N LEU B 379 15.96 -52.96 2.48
CA LEU B 379 15.63 -52.06 3.57
C LEU B 379 15.78 -52.75 4.92
N ASP B 380 16.29 -51.99 5.90
CA ASP B 380 16.33 -52.47 7.28
C ASP B 380 14.95 -52.38 7.93
N VAL B 381 14.29 -51.24 7.79
CA VAL B 381 12.99 -50.99 8.38
C VAL B 381 11.92 -51.20 7.31
N LYS B 382 10.81 -51.80 7.69
CA LYS B 382 9.67 -52.02 6.79
C LYS B 382 8.47 -51.25 7.33
N LEU B 383 7.79 -50.54 6.44
CA LEU B 383 6.67 -49.67 6.79
C LEU B 383 5.37 -50.21 6.19
N LYS B 384 4.32 -50.18 6.99
CA LYS B 384 3.00 -50.62 6.54
C LYS B 384 2.26 -49.45 5.89
N ALA B 385 1.15 -49.77 5.21
CA ALA B 385 0.39 -48.74 4.51
C ALA B 385 -0.07 -47.65 5.47
N GLU B 386 -0.42 -48.03 6.70
CA GLU B 386 -0.87 -47.05 7.69
C GLU B 386 0.19 -46.01 7.99
N ASP B 387 1.47 -46.30 7.72
CA ASP B 387 2.55 -45.37 8.00
C ASP B 387 2.65 -44.25 6.98
N PHE B 388 1.91 -44.32 5.88
CA PHE B 388 1.99 -43.34 4.81
C PHE B 388 0.72 -42.49 4.76
N ILE B 389 0.89 -41.23 4.33
CA ILE B 389 -0.20 -40.41 3.84
C ILE B 389 0.12 -40.01 2.41
N VAL B 390 -0.85 -40.18 1.53
CA VAL B 390 -0.78 -39.71 0.15
C VAL B 390 -1.80 -38.58 0.01
N ASP B 391 -1.30 -37.38 -0.23
CA ASP B 391 -2.10 -36.17 -0.32
C ASP B 391 -2.16 -35.72 -1.77
N VAL B 392 -3.37 -35.62 -2.31
CA VAL B 392 -3.59 -35.23 -3.70
C VAL B 392 -4.10 -33.79 -3.69
N ILE B 393 -3.36 -32.89 -4.34
CA ILE B 393 -3.65 -31.46 -4.33
C ILE B 393 -4.00 -31.04 -5.75
N ASN B 394 -5.13 -30.36 -5.90
CA ASN B 394 -5.68 -29.97 -7.20
C ASN B 394 -5.76 -28.46 -7.30
N MET B 395 -5.63 -27.96 -8.54
CA MET B 395 -5.80 -26.55 -8.83
C MET B 395 -6.49 -26.39 -10.18
N ASP B 396 -7.42 -25.44 -10.25
CA ASP B 396 -8.13 -25.15 -11.49
C ASP B 396 -7.16 -24.70 -12.58
N HIS B 407 -9.69 -17.12 -22.57
CA HIS B 407 -11.08 -17.04 -23.01
C HIS B 407 -11.88 -16.09 -22.12
N VAL B 408 -11.52 -14.82 -22.14
CA VAL B 408 -12.24 -13.77 -21.44
C VAL B 408 -12.64 -12.73 -22.48
N SER B 409 -13.94 -12.54 -22.65
CA SER B 409 -14.46 -11.70 -23.72
C SER B 409 -14.27 -10.22 -23.40
N PHE B 410 -14.19 -9.42 -24.46
CA PHE B 410 -14.02 -7.98 -24.33
C PHE B 410 -14.94 -7.24 -25.28
N PRO B 432 1.72 -17.44 -15.81
CA PRO B 432 3.12 -17.00 -15.79
C PRO B 432 3.94 -17.65 -14.67
N GLU B 433 3.52 -18.83 -14.21
CA GLU B 433 4.24 -19.53 -13.14
C GLU B 433 3.96 -21.02 -13.25
N LYS B 434 4.29 -21.76 -12.19
CA LYS B 434 4.41 -23.21 -12.25
C LYS B 434 3.18 -23.91 -12.84
N PHE B 435 2.05 -23.85 -12.12
CA PHE B 435 0.82 -24.50 -12.56
C PHE B 435 1.01 -25.97 -12.92
N ALA B 436 0.26 -26.86 -12.26
CA ALA B 436 0.31 -28.29 -12.58
C ALA B 436 -0.96 -28.94 -12.06
N GLU B 437 -1.83 -29.38 -12.98
CA GLU B 437 -3.20 -29.78 -12.66
C GLU B 437 -3.32 -30.63 -11.40
N GLN B 438 -2.29 -31.42 -11.08
CA GLN B 438 -2.35 -32.25 -9.88
C GLN B 438 -0.95 -32.44 -9.31
N LEU B 439 -0.86 -32.39 -7.97
CA LEU B 439 0.36 -32.71 -7.25
C LEU B 439 0.06 -33.86 -6.28
N ILE B 440 0.98 -34.80 -6.17
CA ILE B 440 0.87 -35.90 -5.22
C ILE B 440 2.03 -35.78 -4.24
N ARG B 441 1.73 -35.63 -2.96
CA ARG B 441 2.74 -35.55 -1.92
C ARG B 441 2.59 -36.73 -0.97
N VAL B 442 3.70 -37.21 -0.46
CA VAL B 442 3.72 -38.33 0.48
C VAL B 442 4.39 -37.86 1.76
N TYR B 443 3.71 -38.12 2.88
CA TYR B 443 4.24 -37.90 4.22
C TYR B 443 4.28 -39.23 4.97
N CYS B 444 5.13 -39.30 6.00
CA CYS B 444 5.28 -40.49 6.81
C CYS B 444 4.94 -40.16 8.26
N LYS B 445 4.33 -41.14 8.95
CA LYS B 445 3.93 -40.96 10.34
C LYS B 445 5.04 -41.29 11.33
N LYS B 446 5.86 -42.31 11.03
CA LYS B 446 7.03 -42.60 11.85
C LYS B 446 8.12 -41.58 11.54
N VAL B 447 8.79 -41.09 12.59
CA VAL B 447 9.64 -39.92 12.49
C VAL B 447 11.13 -40.25 12.48
N ASP B 448 11.55 -41.37 13.07
CA ASP B 448 12.98 -41.68 13.15
C ASP B 448 13.61 -41.64 11.76
N ARG B 449 14.92 -41.40 11.73
CA ARG B 449 15.63 -41.22 10.47
C ARG B 449 15.51 -42.45 9.59
N LYS B 450 15.62 -43.63 10.20
CA LYS B 450 15.60 -44.89 9.46
C LYS B 450 14.27 -45.05 8.73
N SER B 451 13.16 -44.81 9.44
CA SER B 451 11.84 -44.94 8.84
C SER B 451 11.65 -43.94 7.70
N LEU B 452 12.19 -42.72 7.86
CA LEU B 452 12.02 -41.71 6.82
C LEU B 452 12.83 -42.06 5.58
N TYR B 453 14.05 -42.59 5.76
CA TYR B 453 14.80 -43.09 4.62
C TYR B 453 14.03 -44.18 3.89
N ALA B 454 13.47 -45.12 4.66
CA ALA B 454 12.67 -46.18 4.06
C ALA B 454 11.49 -45.59 3.28
N ALA B 455 10.81 -44.61 3.88
CA ALA B 455 9.64 -44.00 3.25
C ALA B 455 10.03 -43.35 1.93
N ARG B 456 11.17 -42.65 1.90
CA ARG B 456 11.65 -42.07 0.65
C ARG B 456 11.87 -43.16 -0.40
N GLN B 457 12.47 -44.29 0.01
CA GLN B 457 12.69 -45.37 -0.96
C GLN B 457 11.37 -45.89 -1.52
N TYR B 458 10.41 -46.15 -0.64
CA TYR B 458 9.09 -46.58 -1.08
C TYR B 458 8.50 -45.57 -2.06
N PHE B 459 8.61 -44.29 -1.73
CA PHE B 459 8.00 -43.24 -2.54
C PHE B 459 8.60 -43.20 -3.94
N VAL B 460 9.94 -43.25 -4.02
CA VAL B 460 10.59 -43.17 -5.32
C VAL B 460 10.23 -44.40 -6.17
N GLN B 461 10.25 -45.59 -5.57
CA GLN B 461 9.85 -46.76 -6.33
C GLN B 461 8.42 -46.65 -6.83
N TRP B 462 7.51 -46.22 -5.95
CA TRP B 462 6.11 -46.11 -6.33
C TRP B 462 5.94 -45.11 -7.47
N CYS B 463 6.66 -44.00 -7.43
CA CYS B 463 6.64 -43.07 -8.55
C CYS B 463 7.14 -43.74 -9.83
N ALA B 464 8.14 -44.61 -9.69
CA ALA B 464 8.60 -45.35 -10.87
C ALA B 464 7.52 -46.28 -11.41
N ASP B 465 6.78 -46.95 -10.51
CA ASP B 465 5.81 -47.95 -10.94
C ASP B 465 4.58 -47.32 -11.57
N ARG B 466 4.09 -46.21 -11.00
CA ARG B 466 2.98 -45.49 -11.61
C ARG B 466 3.39 -44.74 -12.86
N ASN B 467 4.69 -44.60 -13.11
CA ASN B 467 5.20 -43.77 -14.21
C ASN B 467 4.96 -42.29 -13.93
N PHE B 468 5.16 -41.88 -12.69
CA PHE B 468 5.10 -40.47 -12.32
C PHE B 468 6.48 -39.85 -12.42
N THR B 469 6.52 -38.52 -12.45
CA THR B 469 7.78 -37.80 -12.52
C THR B 469 8.65 -38.15 -11.31
N LYS B 470 9.94 -38.35 -11.56
CA LYS B 470 10.85 -38.67 -10.48
C LYS B 470 10.92 -37.51 -9.49
N PRO B 471 10.86 -37.77 -8.18
CA PRO B 471 10.84 -36.66 -7.21
C PRO B 471 12.09 -35.80 -7.20
N GLN B 472 12.06 -34.76 -6.36
CA GLN B 472 13.16 -33.81 -6.22
C GLN B 472 14.38 -34.49 -5.59
N ASP B 473 15.54 -33.85 -5.74
CA ASP B 473 16.80 -34.34 -5.19
C ASP B 473 17.05 -35.77 -5.65
N MET C 2 40.44 16.76 -1.04
CA MET C 2 40.41 15.64 -0.11
C MET C 2 38.97 15.18 0.01
N ASP C 3 38.21 15.39 -1.05
CA ASP C 3 36.84 14.92 -1.09
C ASP C 3 36.83 13.40 -1.00
N THR C 4 35.91 12.88 -0.20
CA THR C 4 35.81 11.45 0.08
C THR C 4 34.31 11.13 0.05
N MET C 5 33.94 10.01 0.66
CA MET C 5 32.59 9.47 0.52
C MET C 5 31.56 10.59 0.46
N LYS C 6 30.84 10.66 -0.66
CA LYS C 6 29.77 11.64 -0.83
C LYS C 6 28.44 10.89 -0.74
N VAL C 7 27.57 11.33 0.16
CA VAL C 7 26.30 10.64 0.40
C VAL C 7 25.20 11.39 -0.34
N ILE C 8 24.38 10.65 -1.08
CA ILE C 8 23.26 11.22 -1.81
C ILE C 8 21.98 10.55 -1.32
N ASN C 9 20.93 11.35 -1.19
CA ASN C 9 19.61 10.87 -0.80
C ASN C 9 18.81 10.58 -2.06
N ASP C 10 18.68 9.31 -2.43
CA ASP C 10 17.95 8.80 -3.57
C ASP C 10 16.57 8.30 -3.13
N PRO C 11 15.50 8.57 -3.88
CA PRO C 11 14.16 8.21 -3.40
C PRO C 11 13.84 6.72 -3.48
N ILE C 12 14.66 5.92 -4.15
CA ILE C 12 14.45 4.48 -4.23
C ILE C 12 15.32 3.73 -3.25
N HIS C 13 16.58 4.13 -3.12
CA HIS C 13 17.57 3.40 -2.34
C HIS C 13 17.95 4.10 -1.03
N GLY C 14 17.37 5.26 -0.74
CA GLY C 14 17.70 5.96 0.49
C GLY C 14 19.04 6.66 0.38
N HIS C 15 19.75 6.72 1.51
CA HIS C 15 21.11 7.26 1.49
C HIS C 15 22.04 6.27 0.82
N ILE C 16 22.88 6.75 -0.10
CA ILE C 16 23.87 5.91 -0.76
C ILE C 16 25.18 6.68 -0.82
N GLU C 17 26.26 6.02 -0.41
CA GLU C 17 27.59 6.62 -0.40
C GLU C 17 28.28 6.38 -1.73
N LEU C 18 29.20 7.29 -2.08
CA LEU C 18 29.91 7.21 -3.34
C LEU C 18 31.40 7.46 -3.11
N HIS C 19 32.20 6.59 -3.71
CA HIS C 19 33.66 6.63 -3.59
C HIS C 19 34.23 7.79 -4.39
N PRO C 20 35.29 8.45 -3.90
CA PRO C 20 35.84 9.61 -4.63
C PRO C 20 36.09 9.36 -6.11
N LEU C 21 36.47 8.14 -6.50
CA LEU C 21 36.67 7.85 -7.92
C LEU C 21 35.35 7.94 -8.69
N LEU C 22 34.30 7.35 -8.14
CA LEU C 22 32.98 7.44 -8.78
C LEU C 22 32.52 8.88 -8.85
N VAL C 23 32.81 9.67 -7.81
CA VAL C 23 32.45 11.08 -7.81
C VAL C 23 33.23 11.83 -8.88
N ARG C 24 34.50 11.47 -9.09
CA ARG C 24 35.30 12.10 -10.13
C ARG C 24 34.78 11.75 -11.51
N ILE C 25 34.22 10.56 -11.68
CA ILE C 25 33.63 10.19 -12.97
C ILE C 25 32.29 10.91 -13.16
N ILE C 26 31.50 11.05 -12.10
CA ILE C 26 30.19 11.67 -12.22
C ILE C 26 30.31 13.12 -12.65
N ASP C 27 31.25 13.85 -12.05
CA ASP C 27 31.38 15.29 -12.26
C ASP C 27 32.12 15.61 -13.55
N THR C 28 31.54 15.16 -14.66
CA THR C 28 32.06 15.44 -15.98
C THR C 28 30.90 15.77 -16.90
N PRO C 29 31.15 16.57 -17.94
CA PRO C 29 30.07 16.81 -18.92
C PRO C 29 29.52 15.53 -19.51
N GLN C 30 30.38 14.55 -19.78
CA GLN C 30 29.95 13.34 -20.46
C GLN C 30 28.95 12.54 -19.62
N PHE C 31 29.06 12.61 -18.31
CA PHE C 31 28.14 11.90 -17.42
C PHE C 31 26.98 12.78 -16.99
N GLN C 32 27.25 14.06 -16.68
CA GLN C 32 26.18 14.99 -16.33
C GLN C 32 25.19 15.17 -17.46
N ARG C 33 25.57 14.82 -18.69
CA ARG C 33 24.66 14.90 -19.82
C ARG C 33 23.40 14.05 -19.60
N LEU C 34 23.47 13.02 -18.77
CA LEU C 34 22.33 12.14 -18.58
C LEU C 34 21.24 12.74 -17.69
N ARG C 35 21.49 13.91 -17.10
CA ARG C 35 20.41 14.64 -16.44
C ARG C 35 19.39 15.19 -17.43
N TYR C 36 19.71 15.16 -18.72
CA TYR C 36 18.89 15.80 -19.75
C TYR C 36 18.35 14.79 -20.76
N ILE C 37 18.31 13.51 -20.39
CA ILE C 37 17.71 12.47 -21.22
C ILE C 37 16.69 11.74 -20.35
N LYS C 38 15.42 11.80 -20.75
CA LYS C 38 14.36 11.19 -19.96
C LYS C 38 14.40 9.68 -20.08
N GLN C 39 14.15 9.00 -18.95
CA GLN C 39 14.22 7.55 -18.92
C GLN C 39 13.25 6.92 -19.92
N LEU C 40 11.99 7.34 -19.87
CA LEU C 40 10.93 6.72 -20.66
C LEU C 40 10.56 7.52 -21.89
N GLY C 41 11.39 8.48 -22.28
CA GLY C 41 11.20 9.16 -23.55
C GLY C 41 9.86 9.88 -23.59
N GLY C 42 9.00 9.44 -24.52
CA GLY C 42 7.69 10.05 -24.68
C GLY C 42 6.67 9.65 -23.64
N GLY C 43 6.98 8.66 -22.79
CA GLY C 43 6.02 8.22 -21.79
C GLY C 43 5.64 9.30 -20.80
N TYR C 44 6.49 10.32 -20.63
CA TYR C 44 6.16 11.45 -19.76
C TYR C 44 4.90 12.16 -20.26
N TYR C 45 4.62 12.08 -21.56
CA TYR C 45 3.44 12.70 -22.15
C TYR C 45 2.18 11.86 -21.96
N VAL C 46 2.31 10.68 -21.35
CA VAL C 46 1.14 9.87 -20.99
C VAL C 46 1.12 9.72 -19.48
N PHE C 47 2.29 9.71 -18.84
CA PHE C 47 2.41 9.55 -17.39
C PHE C 47 3.08 10.78 -16.77
N PRO C 48 2.32 11.67 -16.13
CA PRO C 48 2.94 12.88 -15.57
C PRO C 48 4.04 12.61 -14.57
N GLY C 49 4.00 11.48 -13.85
CA GLY C 49 5.02 11.20 -12.86
C GLY C 49 6.34 10.73 -13.42
N ALA C 50 6.39 10.41 -14.71
CA ALA C 50 7.58 9.83 -15.33
C ALA C 50 8.52 10.92 -15.86
N SER C 51 8.95 11.77 -14.93
CA SER C 51 9.88 12.86 -15.24
C SER C 51 11.33 12.46 -15.00
N HIS C 52 11.60 11.26 -14.51
CA HIS C 52 12.95 10.87 -14.13
C HIS C 52 13.83 10.67 -15.36
N ASN C 53 15.14 10.81 -15.15
CA ASN C 53 16.13 10.81 -16.22
C ASN C 53 17.16 9.71 -15.99
N ARG C 54 18.00 9.50 -17.01
CA ARG C 54 18.98 8.42 -16.98
C ARG C 54 20.04 8.62 -15.91
N PHE C 55 20.24 9.85 -15.44
CA PHE C 55 21.31 10.15 -14.48
C PHE C 55 21.06 9.44 -13.15
N GLU C 56 19.90 9.68 -12.55
CA GLU C 56 19.58 9.07 -11.26
C GLU C 56 19.52 7.56 -11.36
N HIS C 57 18.96 7.04 -12.46
CA HIS C 57 18.91 5.60 -12.65
C HIS C 57 20.31 5.01 -12.74
N SER C 58 21.23 5.68 -13.44
CA SER C 58 22.59 5.17 -13.53
C SER C 58 23.27 5.17 -12.17
N LEU C 59 23.04 6.21 -11.36
CA LEU C 59 23.55 6.20 -9.99
C LEU C 59 23.03 4.98 -9.24
N GLY C 60 21.72 4.72 -9.36
CA GLY C 60 21.14 3.59 -8.67
C GLY C 60 21.72 2.26 -9.12
N VAL C 61 21.97 2.12 -10.43
CA VAL C 61 22.54 0.88 -10.94
C VAL C 61 23.94 0.68 -10.39
N GLY C 62 24.75 1.73 -10.38
CA GLY C 62 26.09 1.61 -9.80
C GLY C 62 26.02 1.18 -8.35
N TYR C 63 25.14 1.80 -7.57
CA TYR C 63 25.03 1.46 -6.15
C TYR C 63 24.59 0.01 -5.97
N LEU C 64 23.61 -0.44 -6.76
CA LEU C 64 23.13 -1.81 -6.63
C LEU C 64 24.21 -2.82 -7.00
N ALA C 65 24.96 -2.56 -8.07
CA ALA C 65 26.03 -3.46 -8.46
C ALA C 65 27.08 -3.54 -7.36
N GLY C 66 27.44 -2.39 -6.77
CA GLY C 66 28.37 -2.40 -5.66
C GLY C 66 27.86 -3.24 -4.50
N CYS C 67 26.58 -3.05 -4.14
CA CYS C 67 26.02 -3.83 -3.03
C CYS C 67 26.09 -5.32 -3.32
N LEU C 68 25.69 -5.73 -4.52
CA LEU C 68 25.65 -7.15 -4.84
C LEU C 68 27.04 -7.75 -4.78
N VAL C 69 28.01 -7.12 -5.45
CA VAL C 69 29.35 -7.70 -5.49
C VAL C 69 29.99 -7.71 -4.12
N HIS C 70 29.78 -6.65 -3.33
CA HIS C 70 30.35 -6.60 -1.98
C HIS C 70 29.75 -7.68 -1.09
N ALA C 71 28.43 -7.86 -1.16
CA ALA C 71 27.79 -8.90 -0.35
C ALA C 71 28.28 -10.29 -0.73
N LEU C 72 28.41 -10.55 -2.04
CA LEU C 72 28.93 -11.85 -2.47
C LEU C 72 30.36 -12.04 -1.98
N GLY C 73 31.19 -11.00 -2.07
CA GLY C 73 32.54 -11.10 -1.55
C GLY C 73 32.56 -11.45 -0.08
N GLU C 74 31.67 -10.83 0.70
CA GLU C 74 31.61 -11.14 2.13
C GLU C 74 31.19 -12.60 2.36
N LYS C 75 30.18 -13.07 1.61
CA LYS C 75 29.69 -14.43 1.83
C LYS C 75 30.77 -15.45 1.57
N GLN C 76 31.48 -15.33 0.44
CA GLN C 76 32.39 -16.35 -0.06
C GLN C 76 33.75 -15.73 -0.36
N PRO C 77 34.64 -15.63 0.63
CA PRO C 77 35.98 -15.12 0.34
C PRO C 77 36.77 -16.00 -0.61
N GLU C 78 36.36 -17.26 -0.79
CA GLU C 78 37.05 -18.14 -1.73
C GLU C 78 36.96 -17.63 -3.16
N LEU C 79 35.97 -16.78 -3.46
CA LEU C 79 35.89 -16.16 -4.78
C LEU C 79 37.03 -15.18 -5.02
N GLN C 80 37.67 -14.69 -3.96
CA GLN C 80 38.77 -13.75 -4.06
C GLN C 80 38.35 -12.48 -4.80
N ILE C 81 37.31 -11.84 -4.27
CA ILE C 81 36.82 -10.58 -4.81
C ILE C 81 37.50 -9.44 -4.06
N SER C 82 38.38 -8.73 -4.75
CA SER C 82 39.03 -7.56 -4.17
C SER C 82 38.11 -6.35 -4.26
N GLU C 83 38.44 -5.32 -3.46
CA GLU C 83 37.71 -4.06 -3.57
C GLU C 83 37.92 -3.40 -4.92
N ARG C 84 39.04 -3.70 -5.60
CA ARG C 84 39.24 -3.23 -6.96
C ARG C 84 38.17 -3.78 -7.89
N ASP C 85 37.85 -5.07 -7.75
CA ASP C 85 36.76 -5.66 -8.53
C ASP C 85 35.44 -4.96 -8.21
N VAL C 86 35.21 -4.63 -6.94
CA VAL C 86 34.01 -3.92 -6.56
C VAL C 86 33.93 -2.58 -7.27
N LEU C 87 35.04 -1.83 -7.28
CA LEU C 87 35.03 -0.52 -7.93
C LEU C 87 34.79 -0.65 -9.42
N CYS C 88 35.41 -1.65 -10.07
CA CYS C 88 35.22 -1.81 -11.50
C CYS C 88 33.76 -2.16 -11.82
N VAL C 89 33.15 -3.04 -11.02
CA VAL C 89 31.75 -3.38 -11.24
C VAL C 89 30.86 -2.15 -11.01
N GLN C 90 31.19 -1.35 -9.98
CA GLN C 90 30.45 -0.13 -9.72
C GLN C 90 30.52 0.82 -10.92
N ILE C 91 31.72 0.99 -11.48
CA ILE C 91 31.88 1.88 -12.62
C ILE C 91 31.10 1.37 -13.81
N ALA C 92 31.15 0.06 -14.06
CA ALA C 92 30.39 -0.49 -15.17
C ALA C 92 28.90 -0.24 -14.99
N GLY C 93 28.39 -0.42 -13.77
CA GLY C 93 26.99 -0.11 -13.51
C GLY C 93 26.68 1.36 -13.72
N LEU C 94 27.59 2.24 -13.27
CA LEU C 94 27.37 3.67 -13.41
C LEU C 94 27.30 4.08 -14.87
N CYS C 95 28.16 3.53 -15.71
CA CYS C 95 28.38 4.01 -17.07
C CYS C 95 27.68 3.17 -18.13
N HIS C 96 26.85 2.21 -17.73
CA HIS C 96 26.21 1.34 -18.71
C HIS C 96 25.25 2.11 -19.62
N ASP C 97 24.85 3.32 -19.24
CA ASP C 97 23.83 4.07 -19.96
C ASP C 97 24.36 5.37 -20.57
N LEU C 98 25.68 5.54 -20.65
CA LEU C 98 26.24 6.77 -21.19
C LEU C 98 25.92 6.97 -22.66
N GLY C 99 25.67 5.89 -23.40
CA GLY C 99 25.45 5.98 -24.82
C GLY C 99 24.03 6.25 -25.27
N HIS C 100 23.10 6.46 -24.35
CA HIS C 100 21.72 6.73 -24.74
C HIS C 100 21.62 8.11 -25.38
N GLY C 101 20.74 8.22 -26.37
CA GLY C 101 20.49 9.47 -27.04
C GLY C 101 19.20 10.11 -26.59
N PRO C 102 18.75 11.15 -27.29
CA PRO C 102 17.51 11.83 -26.91
C PRO C 102 16.34 10.85 -26.82
N PHE C 103 15.63 10.90 -25.69
CA PHE C 103 14.42 10.12 -25.45
C PHE C 103 14.70 8.61 -25.40
N SER C 104 15.95 8.23 -25.09
CA SER C 104 16.32 6.86 -24.73
C SER C 104 16.02 5.92 -25.90
N HIS C 105 15.22 4.87 -25.73
CA HIS C 105 15.10 3.81 -26.72
C HIS C 105 14.46 4.27 -28.02
N MET C 106 13.88 5.47 -28.04
CA MET C 106 13.40 6.03 -29.30
C MET C 106 14.55 6.28 -30.26
N PHE C 107 15.70 6.72 -29.75
CA PHE C 107 16.79 7.16 -30.62
C PHE C 107 17.40 6.00 -31.39
N ASP C 108 17.98 5.02 -30.68
CA ASP C 108 18.59 3.89 -31.36
C ASP C 108 17.57 2.85 -31.81
N GLY C 109 16.37 2.87 -31.23
CA GLY C 109 15.35 1.91 -31.60
C GLY C 109 14.61 2.28 -32.87
N ARG C 110 14.32 3.57 -33.06
CA ARG C 110 13.56 4.02 -34.21
C ARG C 110 14.29 5.06 -35.05
N PHE C 111 14.83 6.11 -34.44
CA PHE C 111 15.26 7.27 -35.21
C PHE C 111 16.48 6.95 -36.08
N ILE C 112 17.56 6.42 -35.48
CA ILE C 112 18.76 6.11 -36.26
C ILE C 112 18.45 5.07 -37.33
N PRO C 113 17.69 4.02 -37.06
CA PRO C 113 17.32 3.09 -38.15
C PRO C 113 16.61 3.78 -39.30
N LEU C 114 15.73 4.75 -39.04
CA LEU C 114 15.03 5.43 -40.11
C LEU C 114 15.94 6.41 -40.85
N ALA C 115 16.79 7.12 -40.11
CA ALA C 115 17.65 8.13 -40.72
C ALA C 115 18.77 7.48 -41.54
N ARG C 116 19.47 6.52 -40.96
CA ARG C 116 20.62 5.88 -41.58
C ARG C 116 20.42 4.37 -41.48
N PRO C 117 19.55 3.81 -42.32
CA PRO C 117 19.33 2.35 -42.28
C PRO C 117 20.58 1.55 -42.56
N GLU C 118 21.56 2.11 -43.26
CA GLU C 118 22.78 1.39 -43.55
C GLU C 118 23.63 1.16 -42.30
N VAL C 119 23.44 1.97 -41.26
CA VAL C 119 24.30 1.96 -40.09
C VAL C 119 23.74 0.99 -39.05
N LYS C 120 24.64 0.27 -38.39
CA LYS C 120 24.31 -0.58 -37.25
C LYS C 120 24.81 0.12 -36.00
N TRP C 121 23.88 0.53 -35.13
CA TRP C 121 24.20 1.32 -33.95
C TRP C 121 23.34 0.86 -32.79
N THR C 122 23.94 0.89 -31.59
CA THR C 122 23.22 0.56 -30.36
C THR C 122 23.72 1.46 -29.24
N HIS C 123 22.85 1.72 -28.27
CA HIS C 123 23.22 2.59 -27.16
C HIS C 123 24.36 2.00 -26.32
N GLU C 124 24.58 0.68 -26.39
CA GLU C 124 25.69 0.08 -25.65
C GLU C 124 27.04 0.43 -26.26
N GLN C 125 27.14 0.38 -27.60
CA GLN C 125 28.36 0.84 -28.26
C GLN C 125 28.64 2.30 -27.90
N GLY C 126 27.59 3.13 -27.93
CA GLY C 126 27.77 4.52 -27.54
C GLY C 126 28.20 4.64 -26.09
N SER C 127 27.71 3.76 -25.22
CA SER C 127 28.15 3.79 -23.83
C SER C 127 29.65 3.54 -23.73
N VAL C 128 30.13 2.54 -24.47
CA VAL C 128 31.57 2.24 -24.45
C VAL C 128 32.37 3.43 -24.97
N MET C 129 31.95 3.99 -26.11
CA MET C 129 32.72 5.06 -26.73
C MET C 129 32.70 6.32 -25.88
N MET C 130 31.53 6.65 -25.30
CA MET C 130 31.44 7.80 -24.40
C MET C 130 32.23 7.56 -23.12
N PHE C 131 32.34 6.31 -22.67
CA PHE C 131 33.19 5.99 -21.53
C PHE C 131 34.64 6.30 -21.84
N GLU C 132 35.12 5.84 -23.00
CA GLU C 132 36.49 6.16 -23.40
C GLU C 132 36.70 7.67 -23.49
N HIS C 133 35.73 8.38 -24.08
CA HIS C 133 35.85 9.83 -24.21
C HIS C 133 35.89 10.51 -22.85
N LEU C 134 35.05 10.07 -21.92
CA LEU C 134 35.04 10.62 -20.57
C LEU C 134 36.38 10.40 -19.88
N ILE C 135 36.92 9.18 -20.00
CA ILE C 135 38.20 8.87 -19.39
C ILE C 135 39.27 9.80 -19.92
N ASN C 136 39.35 9.94 -21.25
CA ASN C 136 40.44 10.70 -21.84
C ASN C 136 40.30 12.19 -21.61
N SER C 137 39.06 12.71 -21.56
CA SER C 137 38.85 14.14 -21.47
C SER C 137 39.07 14.70 -20.07
N ASN C 138 39.08 13.85 -19.03
CA ASN C 138 39.13 14.33 -17.66
C ASN C 138 40.24 13.67 -16.85
N GLY C 139 41.26 13.13 -17.50
CA GLY C 139 42.45 12.67 -16.81
C GLY C 139 42.15 11.67 -15.73
N ILE C 140 41.31 10.68 -16.04
CA ILE C 140 40.78 9.80 -15.01
C ILE C 140 41.70 8.62 -14.69
N LYS C 141 42.45 8.13 -15.68
CA LYS C 141 43.33 6.98 -15.45
C LYS C 141 44.25 7.15 -14.26
N PRO C 142 44.93 8.28 -14.08
CA PRO C 142 45.75 8.45 -12.86
C PRO C 142 44.95 8.31 -11.57
N VAL C 143 43.69 8.76 -11.55
CA VAL C 143 42.88 8.57 -10.35
C VAL C 143 42.60 7.08 -10.13
N MET C 144 42.27 6.38 -11.22
CA MET C 144 42.08 4.93 -11.13
C MET C 144 43.30 4.27 -10.50
N GLU C 145 44.49 4.66 -10.95
CA GLU C 145 45.71 4.15 -10.33
C GLU C 145 45.81 4.56 -8.87
N GLN C 146 45.46 5.81 -8.57
CA GLN C 146 45.54 6.31 -7.20
C GLN C 146 44.69 5.47 -6.25
N TYR C 147 43.63 4.85 -6.75
CA TYR C 147 42.77 4.03 -5.91
C TYR C 147 42.92 2.53 -6.19
N GLY C 148 43.93 2.13 -6.95
CA GLY C 148 44.30 0.74 -7.04
C GLY C 148 43.84 -0.01 -8.27
N LEU C 149 43.44 0.67 -9.33
CA LEU C 149 43.01 0.02 -10.55
C LEU C 149 44.16 -0.03 -11.55
N ILE C 150 44.11 -1.03 -12.43
CA ILE C 150 45.10 -1.16 -13.51
C ILE C 150 44.41 -0.70 -14.79
N PRO C 151 44.62 0.54 -15.25
CA PRO C 151 43.79 1.07 -16.34
C PRO C 151 43.63 0.15 -17.54
N GLU C 152 44.72 -0.42 -18.05
CA GLU C 152 44.62 -1.22 -19.27
C GLU C 152 43.67 -2.39 -19.09
N GLU C 153 43.84 -3.15 -17.99
CA GLU C 153 43.00 -4.32 -17.78
C GLU C 153 41.59 -3.92 -17.36
N ASP C 154 41.48 -2.96 -16.44
CA ASP C 154 40.18 -2.66 -15.84
C ASP C 154 39.27 -1.94 -16.81
N ILE C 155 39.82 -1.06 -17.65
CA ILE C 155 38.99 -0.39 -18.65
C ILE C 155 38.38 -1.42 -19.60
N CYS C 156 39.20 -2.39 -20.04
CA CYS C 156 38.68 -3.46 -20.86
C CYS C 156 37.61 -4.25 -20.11
N PHE C 157 37.82 -4.49 -18.83
CA PHE C 157 36.84 -5.22 -18.02
C PHE C 157 35.50 -4.49 -17.99
N ILE C 158 35.53 -3.18 -17.75
CA ILE C 158 34.30 -2.39 -17.70
C ILE C 158 33.62 -2.39 -19.06
N LYS C 159 34.39 -2.18 -20.13
CA LYS C 159 33.82 -2.16 -21.46
C LYS C 159 33.16 -3.50 -21.80
N GLU C 160 33.78 -4.61 -21.38
CA GLU C 160 33.18 -5.92 -21.62
C GLU C 160 31.93 -6.11 -20.77
N GLN C 161 31.93 -5.62 -19.54
CA GLN C 161 30.72 -5.66 -18.72
C GLN C 161 29.58 -4.97 -19.44
N ILE C 162 29.87 -3.86 -20.12
CA ILE C 162 28.80 -3.09 -20.74
C ILE C 162 28.36 -3.72 -22.06
N VAL C 163 29.31 -4.14 -22.90
CA VAL C 163 29.02 -4.52 -24.28
C VAL C 163 29.19 -6.01 -24.51
N GLY C 164 30.22 -6.62 -23.92
CA GLY C 164 30.54 -8.00 -24.19
C GLY C 164 31.93 -8.16 -24.77
N PRO C 165 32.20 -9.30 -25.39
CA PRO C 165 33.55 -9.54 -25.94
C PRO C 165 33.90 -8.51 -27.01
N LEU C 166 35.19 -8.14 -27.06
CA LEU C 166 35.69 -7.17 -28.02
C LEU C 166 36.67 -7.75 -29.03
N GLU C 167 37.23 -8.94 -28.79
CA GLU C 167 38.25 -9.47 -29.69
C GLU C 167 37.62 -9.87 -31.03
N SER C 168 36.48 -10.53 -30.99
CA SER C 168 35.63 -10.83 -32.13
C SER C 168 34.27 -11.09 -31.49
N PRO C 169 33.22 -10.34 -31.83
CA PRO C 169 32.02 -10.39 -31.00
C PRO C 169 31.39 -11.77 -31.04
N VAL C 170 32.07 -12.72 -30.41
CA VAL C 170 31.76 -14.14 -30.51
C VAL C 170 32.24 -14.82 -29.23
N GLU C 171 31.75 -16.03 -28.99
CA GLU C 171 32.22 -16.87 -27.89
C GLU C 171 32.54 -18.25 -28.44
N ASP C 172 33.83 -18.51 -28.69
CA ASP C 172 34.27 -19.81 -29.18
C ASP C 172 34.39 -20.77 -28.00
N SER C 173 34.94 -21.97 -28.24
CA SER C 173 35.09 -22.97 -27.19
C SER C 173 36.28 -22.63 -26.30
N LEU C 174 36.20 -21.46 -25.67
CA LEU C 174 37.23 -20.97 -24.77
C LEU C 174 36.64 -19.77 -24.01
N TRP C 175 37.51 -19.07 -23.28
CA TRP C 175 37.09 -17.89 -22.52
C TRP C 175 37.16 -16.66 -23.42
N PRO C 176 36.06 -15.93 -23.64
CA PRO C 176 36.10 -14.84 -24.62
C PRO C 176 36.62 -13.53 -24.04
N TYR C 177 36.42 -13.31 -22.75
CA TYR C 177 36.75 -12.02 -22.14
C TYR C 177 38.24 -11.94 -21.81
N LYS C 178 38.81 -10.75 -21.95
CA LYS C 178 40.16 -10.47 -21.52
C LYS C 178 40.22 -9.66 -20.22
N GLY C 179 39.11 -9.03 -19.84
CA GLY C 179 39.10 -8.22 -18.63
C GLY C 179 39.31 -9.04 -17.36
N ARG C 180 38.80 -10.26 -17.34
CA ARG C 180 38.92 -11.11 -16.16
C ARG C 180 39.00 -12.56 -16.62
N PRO C 181 39.53 -13.45 -15.79
CA PRO C 181 39.60 -14.88 -16.16
C PRO C 181 38.34 -15.65 -15.81
N GLU C 182 38.32 -16.95 -16.13
CA GLU C 182 37.10 -17.73 -15.98
C GLU C 182 36.62 -17.76 -14.54
N ASN C 183 37.54 -17.78 -13.58
CA ASN C 183 37.15 -17.93 -12.18
C ASN C 183 36.42 -16.71 -11.64
N LYS C 184 36.37 -15.62 -12.40
CA LYS C 184 35.57 -14.44 -12.05
C LYS C 184 34.41 -14.24 -13.02
N SER C 185 34.01 -15.30 -13.73
CA SER C 185 32.97 -15.17 -14.74
C SER C 185 31.70 -14.55 -14.18
N PHE C 186 31.30 -14.97 -12.98
CA PHE C 186 30.08 -14.47 -12.37
C PHE C 186 30.03 -12.95 -12.36
N LEU C 187 31.19 -12.29 -12.33
CA LEU C 187 31.20 -10.84 -12.21
C LEU C 187 30.66 -10.14 -13.46
N TYR C 188 30.70 -10.79 -14.62
CA TYR C 188 30.09 -10.23 -15.81
C TYR C 188 28.57 -10.36 -15.79
N GLU C 189 28.00 -11.09 -14.84
CA GLU C 189 26.56 -11.30 -14.75
C GLU C 189 25.84 -10.23 -13.94
N ILE C 190 26.58 -9.30 -13.34
CA ILE C 190 25.97 -8.39 -12.37
C ILE C 190 25.24 -7.25 -13.07
N VAL C 191 25.92 -6.56 -13.98
CA VAL C 191 25.41 -5.29 -14.52
C VAL C 191 24.44 -5.54 -15.67
N SER C 192 24.89 -6.25 -16.70
CA SER C 192 24.06 -6.55 -17.87
C SER C 192 24.15 -8.05 -18.14
N ASN C 193 23.06 -8.76 -17.87
CA ASN C 193 23.01 -10.21 -18.01
C ASN C 193 22.39 -10.57 -19.36
N LYS C 194 23.20 -11.12 -20.25
CA LYS C 194 22.77 -11.57 -21.56
C LYS C 194 22.33 -13.03 -21.56
N ARG C 195 22.11 -13.62 -20.38
CA ARG C 195 21.88 -15.05 -20.27
C ARG C 195 20.50 -15.41 -19.74
N ASN C 196 20.03 -14.74 -18.69
CA ASN C 196 18.69 -15.04 -18.17
C ASN C 196 17.91 -13.79 -17.75
N GLY C 197 18.40 -12.59 -18.06
CA GLY C 197 17.67 -11.37 -17.75
C GLY C 197 18.00 -10.68 -16.44
N ILE C 198 18.04 -11.44 -15.35
CA ILE C 198 18.21 -10.85 -14.03
C ILE C 198 19.53 -10.07 -13.99
N ASP C 199 19.44 -8.77 -13.73
CA ASP C 199 20.61 -7.96 -13.45
C ASP C 199 20.17 -6.73 -12.66
N VAL C 200 21.16 -6.06 -12.07
CA VAL C 200 20.85 -4.94 -11.18
C VAL C 200 20.28 -3.76 -11.94
N ASP C 201 20.65 -3.61 -13.22
CA ASP C 201 20.06 -2.56 -14.04
C ASP C 201 18.54 -2.68 -14.06
N LYS C 202 18.04 -3.88 -14.33
CA LYS C 202 16.61 -4.10 -14.35
C LYS C 202 16.00 -3.91 -12.97
N TRP C 203 16.69 -4.34 -11.91
CA TRP C 203 16.19 -4.11 -10.56
C TRP C 203 15.93 -2.62 -10.34
N ASP C 204 16.93 -1.79 -10.62
CA ASP C 204 16.79 -0.37 -10.37
C ASP C 204 15.69 0.24 -11.22
N TYR C 205 15.67 -0.06 -12.53
CA TYR C 205 14.70 0.66 -13.35
C TYR C 205 13.29 0.10 -13.21
N PHE C 206 13.14 -1.17 -12.85
CA PHE C 206 11.84 -1.65 -12.40
C PHE C 206 11.33 -0.84 -11.21
N ALA C 207 12.14 -0.79 -10.14
CA ALA C 207 11.69 -0.11 -8.93
C ALA C 207 11.42 1.36 -9.19
N ARG C 208 12.31 2.03 -9.93
CA ARG C 208 12.21 3.47 -10.15
C ARG C 208 11.05 3.81 -11.08
N ASP C 209 10.87 3.04 -12.17
CA ASP C 209 9.74 3.27 -13.05
C ASP C 209 8.42 3.04 -12.33
N CYS C 210 8.35 2.02 -11.47
CA CYS C 210 7.15 1.83 -10.67
C CYS C 210 6.92 3.00 -9.74
N HIS C 211 7.99 3.47 -9.08
CA HIS C 211 7.87 4.58 -8.14
C HIS C 211 7.32 5.83 -8.82
N HIS C 212 7.81 6.12 -10.03
CA HIS C 212 7.45 7.38 -10.69
C HIS C 212 6.17 7.27 -11.52
N LEU C 213 5.90 6.12 -12.13
CA LEU C 213 4.70 5.95 -12.93
C LEU C 213 3.44 5.80 -12.08
N GLY C 214 3.56 5.18 -10.92
CA GLY C 214 2.42 4.82 -10.11
C GLY C 214 1.93 3.40 -10.29
N ILE C 215 2.82 2.47 -10.67
CA ILE C 215 2.48 1.06 -10.84
C ILE C 215 3.00 0.30 -9.63
N GLN C 216 2.26 -0.71 -9.21
CA GLN C 216 2.62 -1.48 -8.04
C GLN C 216 3.91 -2.27 -8.28
N ASN C 217 4.81 -2.23 -7.31
CA ASN C 217 6.06 -3.00 -7.36
C ASN C 217 5.98 -4.13 -6.33
N ASN C 218 6.00 -5.36 -6.80
CA ASN C 218 5.70 -6.51 -5.96
C ASN C 218 6.92 -7.21 -5.38
N PHE C 219 8.12 -6.95 -5.89
CA PHE C 219 9.31 -7.69 -5.50
C PHE C 219 10.24 -6.83 -4.66
N ASP C 220 11.25 -7.49 -4.10
CA ASP C 220 12.15 -6.90 -3.10
C ASP C 220 13.58 -7.27 -3.48
N TYR C 221 14.31 -6.32 -4.05
CA TYR C 221 15.68 -6.62 -4.47
C TYR C 221 16.61 -6.85 -3.29
N LYS C 222 16.33 -6.21 -2.14
CA LYS C 222 17.20 -6.37 -0.99
C LYS C 222 17.21 -7.81 -0.50
N ARG C 223 16.03 -8.45 -0.44
CA ARG C 223 15.99 -9.86 -0.08
C ARG C 223 16.84 -10.69 -1.04
N PHE C 224 16.86 -10.29 -2.32
CA PHE C 224 17.68 -11.01 -3.29
C PHE C 224 19.16 -10.83 -3.03
N ILE C 225 19.58 -9.61 -2.68
CA ILE C 225 21.00 -9.37 -2.39
C ILE C 225 21.42 -10.16 -1.16
N LYS C 226 20.54 -10.21 -0.15
CA LYS C 226 20.89 -10.92 1.08
C LYS C 226 21.13 -12.40 0.83
N PHE C 227 20.29 -13.02 0.01
CA PHE C 227 20.27 -14.47 -0.16
C PHE C 227 21.09 -14.97 -1.34
N ALA C 228 21.89 -14.10 -1.96
CA ALA C 228 22.60 -14.45 -3.19
C ALA C 228 23.92 -15.12 -2.90
N ARG C 229 24.26 -16.11 -3.73
CA ARG C 229 25.53 -16.82 -3.64
C ARG C 229 26.01 -17.12 -5.05
N VAL C 230 27.23 -17.65 -5.14
CA VAL C 230 27.78 -18.13 -6.40
C VAL C 230 27.80 -19.65 -6.33
N CYS C 231 27.17 -20.31 -7.30
CA CYS C 231 27.17 -21.76 -7.37
C CYS C 231 27.65 -22.20 -8.75
N GLU C 232 28.26 -23.38 -8.78
CA GLU C 232 28.83 -23.92 -10.00
C GLU C 232 27.81 -24.80 -10.70
N VAL C 233 27.58 -24.51 -11.98
CA VAL C 233 26.70 -25.29 -12.83
C VAL C 233 27.43 -25.54 -14.14
N ASP C 234 27.62 -26.81 -14.49
CA ASP C 234 28.37 -27.18 -15.69
C ASP C 234 29.76 -26.54 -15.68
N ASN C 235 30.30 -26.27 -14.49
CA ASN C 235 31.58 -25.58 -14.34
C ASN C 235 31.55 -24.22 -15.02
N GLU C 236 30.45 -23.48 -14.78
CA GLU C 236 30.29 -22.16 -15.38
C GLU C 236 30.11 -21.03 -14.36
N LEU C 237 30.01 -21.35 -13.07
CA LEU C 237 30.26 -20.38 -11.99
C LEU C 237 29.32 -19.17 -12.08
N ARG C 238 28.04 -19.43 -11.81
CA ARG C 238 27.00 -18.42 -11.98
C ARG C 238 26.41 -18.00 -10.63
N ILE C 239 25.51 -17.00 -10.71
CA ILE C 239 24.84 -16.41 -9.54
C ILE C 239 23.55 -17.17 -9.29
N CYS C 240 23.24 -17.40 -8.02
CA CYS C 240 22.10 -18.22 -7.62
C CYS C 240 21.53 -17.69 -6.30
N ALA C 241 20.30 -18.09 -6.01
CA ALA C 241 19.62 -17.69 -4.79
C ALA C 241 18.97 -18.91 -4.14
N ARG C 242 18.54 -18.74 -2.89
CA ARG C 242 17.86 -19.82 -2.20
C ARG C 242 16.57 -20.17 -2.92
N ASP C 243 16.21 -21.46 -2.91
CA ASP C 243 14.95 -21.89 -3.49
C ASP C 243 13.78 -21.19 -2.83
N LYS C 244 13.88 -20.90 -1.53
CA LYS C 244 12.82 -20.16 -0.84
C LYS C 244 12.53 -18.85 -1.54
N GLU C 245 13.52 -18.30 -2.25
CA GLU C 245 13.39 -17.01 -2.91
C GLU C 245 12.47 -17.06 -4.13
N VAL C 246 12.02 -18.25 -4.55
CA VAL C 246 11.34 -18.35 -5.84
C VAL C 246 10.18 -17.37 -5.92
N GLY C 247 9.39 -17.26 -4.85
CA GLY C 247 8.23 -16.40 -4.90
C GLY C 247 8.60 -14.98 -5.29
N ASN C 248 9.65 -14.43 -4.65
CA ASN C 248 10.08 -13.08 -4.99
C ASN C 248 10.34 -12.98 -6.49
N LEU C 249 11.04 -13.96 -7.05
CA LEU C 249 11.30 -13.96 -8.48
C LEU C 249 10.00 -13.78 -9.24
N TYR C 250 9.00 -14.61 -8.93
CA TYR C 250 7.73 -14.51 -9.64
C TYR C 250 7.20 -13.08 -9.55
N ASP C 251 7.21 -12.51 -8.35
CA ASP C 251 6.75 -11.14 -8.19
C ASP C 251 7.49 -10.22 -9.15
N MET C 252 8.82 -10.29 -9.14
CA MET C 252 9.61 -9.47 -10.06
C MET C 252 9.09 -9.61 -11.48
N PHE C 253 8.90 -10.85 -11.94
CA PHE C 253 8.49 -11.05 -13.32
C PHE C 253 7.15 -10.39 -13.57
N HIS C 254 6.19 -10.56 -12.65
CA HIS C 254 4.92 -9.87 -12.82
C HIS C 254 5.15 -8.39 -12.98
N THR C 255 5.95 -7.80 -12.10
CA THR C 255 6.28 -6.38 -12.22
C THR C 255 6.77 -6.08 -13.62
N ARG C 256 7.75 -6.86 -14.11
CA ARG C 256 8.27 -6.61 -15.44
C ARG C 256 7.12 -6.56 -16.45
N ASN C 257 6.29 -7.59 -16.44
CA ASN C 257 5.21 -7.65 -17.42
C ASN C 257 4.29 -6.44 -17.26
N SER C 258 3.98 -6.08 -16.02
CA SER C 258 3.09 -4.95 -15.80
C SER C 258 3.70 -3.66 -16.34
N LEU C 259 5.02 -3.50 -16.20
CA LEU C 259 5.64 -2.30 -16.75
C LEU C 259 5.54 -2.30 -18.27
N HIS C 260 5.62 -3.47 -18.90
CA HIS C 260 5.67 -3.51 -20.36
C HIS C 260 4.30 -3.24 -20.97
N ARG C 261 3.26 -3.87 -20.45
CA ARG C 261 1.94 -3.71 -21.05
C ARG C 261 1.34 -2.34 -20.71
N ARG C 262 1.56 -1.87 -19.49
CA ARG C 262 0.91 -0.63 -19.06
C ARG C 262 1.63 0.61 -19.59
N ALA C 263 2.97 0.62 -19.56
CA ALA C 263 3.73 1.81 -19.87
C ALA C 263 4.60 1.67 -21.11
N TYR C 264 5.48 0.68 -21.17
CA TYR C 264 6.45 0.63 -22.27
C TYR C 264 5.77 0.45 -23.62
N GLN C 265 4.63 -0.26 -23.65
CA GLN C 265 3.91 -0.53 -24.89
C GLN C 265 2.60 0.25 -24.97
N HIS C 266 2.49 1.35 -24.24
CA HIS C 266 1.29 2.18 -24.28
C HIS C 266 1.06 2.72 -25.69
N LYS C 267 -0.20 2.64 -26.14
CA LYS C 267 -0.52 3.04 -27.51
C LYS C 267 -0.15 4.49 -27.77
N VAL C 268 -0.63 5.40 -26.92
CA VAL C 268 -0.45 6.83 -27.15
C VAL C 268 1.02 7.23 -26.97
N GLY C 269 1.69 6.65 -25.98
CA GLY C 269 3.09 6.96 -25.79
C GLY C 269 3.94 6.61 -26.99
N ASN C 270 3.66 5.46 -27.60
CA ASN C 270 4.41 5.05 -28.79
C ASN C 270 4.05 5.92 -30.00
N ILE C 271 2.77 6.30 -30.12
CA ILE C 271 2.39 7.23 -31.18
C ILE C 271 3.17 8.53 -31.05
N ILE C 272 3.30 9.04 -29.81
CA ILE C 272 4.02 10.29 -29.59
C ILE C 272 5.52 10.10 -29.85
N ASP C 273 6.06 8.94 -29.50
CA ASP C 273 7.45 8.65 -29.84
C ASP C 273 7.67 8.75 -31.34
N THR C 274 6.77 8.15 -32.13
CA THR C 274 6.92 8.20 -33.58
C THR C 274 6.77 9.63 -34.10
N MET C 275 5.88 10.43 -33.47
CA MET C 275 5.75 11.82 -33.88
C MET C 275 7.04 12.59 -33.64
N ILE C 276 7.67 12.39 -32.48
CA ILE C 276 8.93 13.05 -32.19
C ILE C 276 10.00 12.61 -33.19
N THR C 277 10.04 11.32 -33.51
CA THR C 277 11.02 10.83 -34.48
C THR C 277 10.79 11.48 -35.84
N ASP C 278 9.52 11.64 -36.24
CA ASP C 278 9.21 12.33 -37.49
C ASP C 278 9.74 13.76 -37.48
N ALA C 279 9.52 14.48 -36.38
CA ALA C 279 10.01 15.84 -36.29
C ALA C 279 11.54 15.88 -36.36
N PHE C 280 12.21 14.96 -35.68
CA PHE C 280 13.66 14.90 -35.74
C PHE C 280 14.13 14.68 -37.18
N LEU C 281 13.49 13.74 -37.88
CA LEU C 281 13.86 13.45 -39.25
C LEU C 281 13.70 14.68 -40.15
N LYS C 282 12.58 15.39 -40.00
CA LYS C 282 12.36 16.57 -40.83
C LYS C 282 13.30 17.72 -40.46
N ALA C 283 13.92 17.67 -39.28
CA ALA C 283 14.85 18.70 -38.84
C ALA C 283 16.31 18.33 -39.07
N ASP C 284 16.60 17.09 -39.47
CA ASP C 284 17.97 16.60 -39.42
C ASP C 284 18.89 17.39 -40.33
N ASP C 285 18.41 17.78 -41.51
CA ASP C 285 19.26 18.46 -42.48
C ASP C 285 19.69 19.85 -42.03
N TYR C 286 19.01 20.42 -41.02
CA TYR C 286 19.19 21.83 -40.70
C TYR C 286 19.72 22.11 -39.30
N ILE C 287 19.78 21.12 -38.42
CA ILE C 287 20.35 21.31 -37.09
C ILE C 287 21.83 20.99 -37.14
N GLU C 288 22.61 21.71 -36.34
CA GLU C 288 24.06 21.64 -36.38
C GLU C 288 24.61 21.38 -34.98
N ILE C 289 25.48 20.38 -34.87
CA ILE C 289 26.20 20.09 -33.63
C ILE C 289 27.69 20.10 -33.94
N THR C 290 28.45 20.91 -33.22
CA THR C 290 29.89 21.01 -33.46
C THR C 290 30.62 19.91 -32.69
N GLY C 291 31.43 19.13 -33.41
CA GLY C 291 32.19 18.05 -32.83
C GLY C 291 33.63 18.45 -32.56
N ALA C 292 34.52 17.47 -32.67
CA ALA C 292 35.94 17.70 -32.37
C ALA C 292 36.57 18.58 -33.44
N GLY C 293 37.31 19.59 -33.01
CA GLY C 293 38.01 20.48 -33.91
C GLY C 293 37.10 21.34 -34.78
N GLY C 294 35.97 21.78 -34.23
CA GLY C 294 35.02 22.58 -34.98
C GLY C 294 34.27 21.83 -36.06
N LYS C 295 34.62 20.58 -36.33
CA LYS C 295 33.86 19.77 -37.27
C LYS C 295 32.39 19.79 -36.90
N LYS C 296 31.52 19.58 -37.90
CA LYS C 296 30.09 19.81 -37.74
C LYS C 296 29.31 18.55 -38.04
N TYR C 297 28.27 18.32 -37.23
CA TYR C 297 27.46 17.11 -37.32
C TYR C 297 25.99 17.46 -37.21
N ARG C 298 25.16 16.54 -37.70
CA ARG C 298 23.72 16.63 -37.59
C ARG C 298 23.23 15.72 -36.46
N ILE C 299 21.92 15.70 -36.25
CA ILE C 299 21.37 14.86 -35.20
C ILE C 299 21.68 13.40 -35.46
N SER C 300 21.62 12.98 -36.72
CA SER C 300 21.78 11.58 -37.08
C SER C 300 23.24 11.15 -37.21
N THR C 301 24.19 12.08 -37.16
CA THR C 301 25.60 11.75 -37.29
C THR C 301 26.43 12.12 -36.07
N ALA C 302 25.83 12.75 -35.05
CA ALA C 302 26.55 13.04 -33.83
C ALA C 302 27.03 11.77 -33.14
N ILE C 303 26.44 10.62 -33.47
CA ILE C 303 26.88 9.36 -32.90
C ILE C 303 28.30 9.01 -33.34
N ASP C 304 28.77 9.60 -34.43
CA ASP C 304 30.09 9.32 -34.98
C ASP C 304 31.18 10.18 -34.36
N ASP C 305 30.83 11.06 -33.41
CA ASP C 305 31.80 11.92 -32.75
C ASP C 305 31.28 12.24 -31.36
N MET C 306 32.05 11.85 -30.34
CA MET C 306 31.54 11.90 -28.97
C MET C 306 31.52 13.31 -28.41
N GLU C 307 32.38 14.21 -28.90
CA GLU C 307 32.29 15.60 -28.49
C GLU C 307 30.94 16.19 -28.90
N ALA C 308 30.47 15.87 -30.11
CA ALA C 308 29.16 16.35 -30.55
C ALA C 308 28.05 15.61 -29.82
N TYR C 309 28.17 14.28 -29.70
CA TYR C 309 27.14 13.50 -29.03
C TYR C 309 26.91 13.97 -27.59
N THR C 310 27.96 14.45 -26.93
CA THR C 310 27.82 14.93 -25.56
C THR C 310 26.77 16.02 -25.46
N LYS C 311 26.58 16.81 -26.51
CA LYS C 311 25.66 17.93 -26.51
C LYS C 311 24.32 17.59 -27.17
N LEU C 312 24.09 16.32 -27.48
CA LEU C 312 22.83 15.86 -28.08
C LEU C 312 21.99 15.21 -26.97
N THR C 313 20.92 15.88 -26.56
CA THR C 313 20.06 15.42 -25.49
C THR C 313 18.61 15.68 -25.87
N ASP C 314 17.71 15.57 -24.90
CA ASP C 314 16.30 15.89 -25.15
C ASP C 314 16.11 17.37 -25.51
N ASN C 315 17.11 18.21 -25.20
CA ASN C 315 17.00 19.63 -25.50
C ASN C 315 16.70 19.88 -26.97
N ILE C 316 17.16 18.98 -27.85
CA ILE C 316 16.86 19.06 -29.27
C ILE C 316 15.38 19.38 -29.46
N PHE C 317 14.52 18.61 -28.78
CA PHE C 317 13.08 18.84 -28.83
C PHE C 317 12.77 20.33 -28.75
N LEU C 318 13.13 20.96 -27.64
CA LEU C 318 12.80 22.37 -27.46
C LEU C 318 13.53 23.24 -28.47
N GLU C 319 14.77 22.88 -28.83
CA GLU C 319 15.46 23.65 -29.87
C GLU C 319 14.66 23.66 -31.16
N ILE C 320 14.01 22.54 -31.49
CA ILE C 320 13.12 22.54 -32.64
C ILE C 320 11.87 23.36 -32.35
N LEU C 321 11.34 23.25 -31.13
CA LEU C 321 10.08 23.91 -30.81
C LEU C 321 10.21 25.42 -30.84
N TYR C 322 11.35 25.94 -30.39
CA TYR C 322 11.55 27.38 -30.23
C TYR C 322 12.21 28.02 -31.45
N SER C 323 12.46 27.27 -32.52
CA SER C 323 13.27 27.78 -33.61
C SER C 323 12.49 28.79 -34.45
N THR C 324 13.26 29.63 -35.16
CA THR C 324 12.71 30.58 -36.12
C THR C 324 13.09 30.27 -37.56
N ASP C 325 14.06 29.38 -37.77
CA ASP C 325 14.54 29.09 -39.12
C ASP C 325 13.37 28.62 -39.98
N PRO C 326 13.16 29.19 -41.16
CA PRO C 326 12.05 28.72 -42.00
C PRO C 326 12.14 27.23 -42.32
N LYS C 327 13.35 26.73 -42.55
CA LYS C 327 13.54 25.35 -42.98
C LYS C 327 13.12 24.34 -41.91
N LEU C 328 12.99 24.75 -40.66
CA LEU C 328 12.54 23.86 -39.59
C LEU C 328 11.03 23.93 -39.37
N LYS C 329 10.32 24.76 -40.13
CA LYS C 329 8.88 24.92 -39.90
C LYS C 329 8.18 23.57 -39.84
N ASP C 330 8.40 22.72 -40.84
CA ASP C 330 7.73 21.43 -40.87
C ASP C 330 8.00 20.63 -39.61
N ALA C 331 9.26 20.60 -39.15
CA ALA C 331 9.55 19.92 -37.90
C ALA C 331 8.79 20.55 -36.75
N ARG C 332 8.88 21.89 -36.66
CA ARG C 332 8.31 22.59 -35.52
C ARG C 332 6.81 22.34 -35.42
N GLU C 333 6.11 22.44 -36.55
CA GLU C 333 4.66 22.21 -36.54
C GLU C 333 4.32 20.86 -35.94
N ILE C 334 5.09 19.82 -36.29
CA ILE C 334 4.81 18.49 -35.75
C ILE C 334 4.82 18.56 -34.22
N LEU C 335 5.86 19.16 -33.65
CA LEU C 335 5.93 19.28 -32.21
C LEU C 335 4.74 20.08 -31.68
N LYS C 336 4.36 21.15 -32.40
CA LYS C 336 3.19 21.91 -31.98
C LYS C 336 1.96 21.02 -31.89
N GLN C 337 1.80 20.11 -32.86
CA GLN C 337 0.68 19.18 -32.82
C GLN C 337 0.67 18.44 -31.48
N ILE C 338 1.84 17.96 -31.04
CA ILE C 338 1.92 17.24 -29.78
C ILE C 338 1.41 18.11 -28.64
N GLU C 339 1.82 19.39 -28.62
CA GLU C 339 1.36 20.27 -27.55
C GLU C 339 -0.16 20.42 -27.59
N TYR C 340 -0.75 20.41 -28.77
CA TYR C 340 -2.19 20.55 -28.92
C TYR C 340 -2.92 19.23 -28.78
N ARG C 341 -2.21 18.11 -28.69
CA ARG C 341 -2.81 16.79 -28.59
C ARG C 341 -3.54 16.40 -29.87
N ASN C 342 -3.07 16.89 -31.01
CA ASN C 342 -3.56 16.46 -32.32
C ASN C 342 -2.54 15.44 -32.83
N LEU C 343 -2.74 14.18 -32.46
CA LEU C 343 -1.75 13.13 -32.68
C LEU C 343 -2.08 12.31 -33.92
N PHE C 344 -1.09 11.53 -34.35
CA PHE C 344 -1.33 10.55 -35.40
C PHE C 344 -2.45 9.59 -34.96
N LYS C 345 -3.28 9.19 -35.91
CA LYS C 345 -4.44 8.36 -35.61
C LYS C 345 -4.05 6.89 -35.69
N TYR C 346 -4.56 6.11 -34.74
CA TYR C 346 -4.31 4.68 -34.70
C TYR C 346 -5.11 3.99 -35.80
N VAL C 347 -4.41 3.24 -36.65
CA VAL C 347 -5.06 2.47 -37.70
C VAL C 347 -5.20 1.00 -37.31
N GLY C 348 -4.16 0.41 -36.73
CA GLY C 348 -4.34 -0.93 -36.22
C GLY C 348 -3.04 -1.60 -35.83
N GLU C 349 -3.17 -2.89 -35.50
CA GLU C 349 -2.08 -3.69 -34.94
C GLU C 349 -2.12 -5.10 -35.51
N THR C 350 -0.94 -5.64 -35.81
CA THR C 350 -0.76 -7.00 -36.31
C THR C 350 0.52 -7.56 -35.69
N GLN C 351 0.81 -8.83 -36.01
CA GLN C 351 2.06 -9.45 -35.59
C GLN C 351 2.57 -10.36 -36.70
N PRO C 352 3.88 -10.60 -36.74
CA PRO C 352 4.43 -11.56 -37.71
C PRO C 352 3.98 -12.98 -37.39
N THR C 353 4.00 -13.82 -38.43
CA THR C 353 3.49 -15.19 -38.31
C THR C 353 4.38 -16.05 -37.44
N GLY C 354 5.61 -16.29 -37.89
CA GLY C 354 6.53 -17.13 -37.15
C GLY C 354 7.96 -17.05 -37.61
N GLN C 355 8.85 -16.75 -36.67
CA GLN C 355 10.30 -16.72 -36.87
C GLN C 355 10.76 -15.55 -37.72
N ILE C 356 9.84 -14.89 -38.42
CA ILE C 356 10.20 -13.73 -39.22
C ILE C 356 10.13 -12.52 -38.32
N LYS C 357 11.24 -11.77 -38.29
CA LYS C 357 11.42 -10.63 -37.39
C LYS C 357 11.79 -9.46 -38.27
N ILE C 358 10.99 -8.40 -38.21
CA ILE C 358 11.24 -7.22 -39.02
C ILE C 358 12.57 -6.63 -38.56
N LYS C 359 13.58 -6.69 -39.42
CA LYS C 359 14.89 -6.18 -39.07
C LYS C 359 14.92 -4.66 -39.20
N ARG C 360 15.80 -4.03 -38.43
CA ARG C 360 15.81 -2.58 -38.35
C ARG C 360 16.05 -1.94 -39.71
N GLU C 361 16.96 -2.49 -40.50
CA GLU C 361 17.30 -1.92 -41.80
C GLU C 361 16.10 -1.84 -42.74
N ASP C 362 15.00 -2.51 -42.41
CA ASP C 362 13.81 -2.50 -43.25
C ASP C 362 12.76 -1.50 -42.80
N TYR C 363 12.94 -0.85 -41.64
CA TYR C 363 11.90 0.03 -41.12
C TYR C 363 11.50 1.10 -42.14
N GLU C 364 12.49 1.81 -42.69
CA GLU C 364 12.20 2.87 -43.66
C GLU C 364 11.39 2.36 -44.83
N SER C 365 11.54 1.08 -45.18
CA SER C 365 10.84 0.54 -46.35
C SER C 365 9.36 0.31 -46.09
N LEU C 366 8.91 0.31 -44.83
CA LEU C 366 7.59 -0.23 -44.51
C LEU C 366 6.45 0.71 -44.88
N PRO C 367 6.54 2.01 -44.59
CA PRO C 367 5.44 2.90 -45.02
C PRO C 367 5.17 2.83 -46.51
N LYS C 368 6.21 2.63 -47.31
CA LYS C 368 6.02 2.49 -48.75
C LYS C 368 5.23 1.22 -49.07
N GLU C 369 5.62 0.10 -48.47
CA GLU C 369 4.92 -1.16 -48.72
C GLU C 369 3.42 -1.00 -48.48
N VAL C 370 3.05 -0.43 -47.33
CA VAL C 370 1.63 -0.23 -47.03
C VAL C 370 0.98 0.63 -48.10
N ALA C 371 1.67 1.69 -48.52
CA ALA C 371 1.10 2.57 -49.54
C ALA C 371 0.99 1.89 -50.90
N SER C 372 1.76 0.81 -51.12
CA SER C 372 1.70 0.09 -52.38
C SER C 372 0.68 -1.03 -52.37
N ALA C 373 0.12 -1.37 -51.22
CA ALA C 373 -0.96 -2.36 -51.18
C ALA C 373 -2.12 -1.89 -52.05
N LYS C 374 -2.86 -2.85 -52.59
CA LYS C 374 -3.96 -2.58 -53.51
C LYS C 374 -5.18 -3.34 -53.04
N PRO C 375 -5.98 -2.75 -52.14
CA PRO C 375 -7.13 -3.48 -51.59
C PRO C 375 -8.13 -3.85 -52.68
N LYS C 376 -8.98 -4.82 -52.34
CA LYS C 376 -9.89 -5.39 -53.32
C LYS C 376 -10.96 -4.39 -53.75
N VAL C 377 -11.42 -3.55 -52.82
CA VAL C 377 -12.38 -2.50 -53.13
C VAL C 377 -11.61 -1.21 -53.39
N LEU C 378 -11.82 -0.63 -54.57
CA LEU C 378 -11.20 0.66 -54.87
C LEU C 378 -11.64 1.69 -53.84
N LEU C 379 -10.79 2.70 -53.63
CA LEU C 379 -10.92 3.59 -52.49
C LEU C 379 -11.44 4.95 -52.91
N ASP C 380 -12.14 5.60 -51.97
CA ASP C 380 -12.59 6.97 -52.18
C ASP C 380 -11.39 7.90 -52.38
N VAL C 381 -10.29 7.64 -51.69
CA VAL C 381 -9.09 8.48 -51.75
C VAL C 381 -7.87 7.57 -51.83
N LYS C 382 -6.73 8.17 -52.14
CA LYS C 382 -5.47 7.46 -52.27
C LYS C 382 -4.42 8.15 -51.42
N LEU C 383 -3.71 7.37 -50.60
CA LEU C 383 -2.71 7.88 -49.68
C LEU C 383 -1.32 7.53 -50.17
N LYS C 384 -0.34 8.29 -49.67
CA LYS C 384 1.06 8.13 -50.03
C LYS C 384 1.84 7.58 -48.83
N ALA C 385 3.06 7.12 -49.11
CA ALA C 385 3.89 6.56 -48.06
C ALA C 385 4.12 7.56 -46.94
N GLU C 386 4.24 8.85 -47.29
CA GLU C 386 4.47 9.88 -46.28
C GLU C 386 3.33 9.96 -45.27
N ASP C 387 2.15 9.43 -45.60
CA ASP C 387 1.00 9.53 -44.71
C ASP C 387 0.97 8.45 -43.63
N PHE C 388 1.78 7.41 -43.75
CA PHE C 388 1.73 6.28 -42.84
C PHE C 388 2.90 6.29 -41.87
N ILE C 389 2.66 5.76 -40.67
CA ILE C 389 3.71 5.41 -39.72
C ILE C 389 3.60 3.93 -39.42
N VAL C 390 4.73 3.22 -39.52
CA VAL C 390 4.82 1.81 -39.16
C VAL C 390 5.75 1.71 -37.96
N ASP C 391 5.25 1.18 -36.86
CA ASP C 391 5.91 1.18 -35.57
C ASP C 391 6.13 -0.27 -35.13
N VAL C 392 7.39 -0.66 -35.05
CA VAL C 392 7.78 -2.01 -34.64
C VAL C 392 8.11 -1.97 -33.15
N ILE C 393 7.37 -2.72 -32.35
CA ILE C 393 7.52 -2.74 -30.90
C ILE C 393 8.00 -4.13 -30.51
N ASN C 394 9.17 -4.19 -29.89
CA ASN C 394 9.84 -5.46 -29.60
C ASN C 394 9.78 -5.76 -28.11
N MET C 395 9.50 -7.02 -27.77
CA MET C 395 9.51 -7.49 -26.39
C MET C 395 10.36 -8.74 -26.31
N ASP C 396 11.16 -8.85 -25.26
CA ASP C 396 12.06 -9.99 -25.07
C ASP C 396 11.78 -10.71 -23.76
N ALA C 436 10.96 -14.16 -27.68
CA ALA C 436 10.69 -12.75 -27.90
C ALA C 436 9.60 -12.57 -28.96
N GLU C 437 8.89 -11.45 -28.91
CA GLU C 437 7.76 -11.21 -29.78
C GLU C 437 7.83 -9.80 -30.36
N GLN C 438 7.20 -9.63 -31.53
CA GLN C 438 7.14 -8.38 -32.24
C GLN C 438 5.69 -7.97 -32.45
N LEU C 439 5.37 -6.72 -32.16
CA LEU C 439 4.09 -6.11 -32.50
C LEU C 439 4.32 -5.07 -33.59
N ILE C 440 3.41 -5.00 -34.54
CA ILE C 440 3.48 -4.01 -35.62
C ILE C 440 2.24 -3.15 -35.52
N ARG C 441 2.41 -1.85 -35.39
CA ARG C 441 1.29 -0.91 -35.33
C ARG C 441 1.39 0.04 -36.50
N VAL C 442 0.24 0.44 -37.05
CA VAL C 442 0.20 1.40 -38.14
C VAL C 442 -0.70 2.57 -37.72
N TYR C 443 -0.18 3.78 -37.92
CA TYR C 443 -0.86 5.03 -37.68
C TYR C 443 -0.96 5.81 -39.00
N CYS C 444 -1.94 6.72 -39.05
CA CYS C 444 -2.12 7.61 -40.20
C CYS C 444 -1.98 9.06 -39.76
N LYS C 445 -1.30 9.86 -40.59
CA LYS C 445 -1.10 11.27 -40.30
C LYS C 445 -2.28 12.15 -40.70
N LYS C 446 -3.22 11.61 -41.47
CA LYS C 446 -4.42 12.34 -41.89
C LYS C 446 -5.61 11.89 -41.06
N VAL C 447 -6.47 12.84 -40.71
CA VAL C 447 -7.54 12.57 -39.75
C VAL C 447 -8.93 12.70 -40.34
N ASP C 448 -9.08 13.16 -41.57
CA ASP C 448 -10.40 13.12 -42.21
C ASP C 448 -10.84 11.66 -42.36
N ARG C 449 -12.16 11.47 -42.38
CA ARG C 449 -12.69 10.11 -42.24
C ARG C 449 -12.42 9.26 -43.47
N LYS C 450 -12.51 9.86 -44.66
CA LYS C 450 -12.20 9.12 -45.88
C LYS C 450 -10.78 8.58 -45.85
N SER C 451 -9.83 9.41 -45.41
CA SER C 451 -8.43 8.99 -45.37
C SER C 451 -8.24 7.87 -44.36
N LEU C 452 -8.89 7.94 -43.20
CA LEU C 452 -8.73 6.88 -42.21
C LEU C 452 -9.31 5.56 -42.70
N TYR C 453 -10.48 5.61 -43.35
CA TYR C 453 -11.06 4.39 -43.91
C TYR C 453 -10.12 3.80 -44.96
N ALA C 454 -9.60 4.65 -45.85
CA ALA C 454 -8.69 4.17 -46.88
C ALA C 454 -7.44 3.56 -46.26
N ALA C 455 -6.90 4.20 -45.21
CA ALA C 455 -5.70 3.68 -44.56
C ALA C 455 -5.96 2.33 -43.92
N ARG C 456 -7.15 2.14 -43.33
CA ARG C 456 -7.51 0.82 -42.80
C ARG C 456 -7.52 -0.21 -43.92
N GLN C 457 -8.10 0.14 -45.07
CA GLN C 457 -8.07 -0.77 -46.21
C GLN C 457 -6.63 -1.14 -46.60
N TYR C 458 -5.79 -0.12 -46.77
CA TYR C 458 -4.39 -0.36 -47.12
C TYR C 458 -3.72 -1.29 -46.11
N PHE C 459 -3.96 -1.03 -44.83
CA PHE C 459 -3.29 -1.79 -43.77
C PHE C 459 -3.68 -3.25 -43.81
N VAL C 460 -4.98 -3.54 -43.97
CA VAL C 460 -5.40 -4.93 -44.00
C VAL C 460 -4.83 -5.64 -45.23
N GLN C 461 -4.85 -4.97 -46.39
CA GLN C 461 -4.30 -5.61 -47.58
C GLN C 461 -2.80 -5.87 -47.40
N TRP C 462 -2.08 -4.93 -46.79
CA TRP C 462 -0.65 -5.13 -46.56
C TRP C 462 -0.39 -6.28 -45.61
N CYS C 463 -1.19 -6.38 -44.54
CA CYS C 463 -1.09 -7.55 -43.66
C CYS C 463 -1.27 -8.83 -44.46
N ALA C 464 -2.21 -8.81 -45.42
CA ALA C 464 -2.43 -10.00 -46.25
C ALA C 464 -1.20 -10.31 -47.09
N ASP C 465 -0.64 -9.30 -47.77
CA ASP C 465 0.48 -9.56 -48.67
C ASP C 465 1.67 -10.12 -47.91
N ARG C 466 1.95 -9.59 -46.71
CA ARG C 466 3.05 -10.08 -45.90
C ARG C 466 2.69 -11.32 -45.12
N ASN C 467 1.44 -11.80 -45.20
CA ASN C 467 1.02 -12.92 -44.38
C ASN C 467 1.28 -12.62 -42.90
N PHE C 468 0.51 -11.68 -42.38
CA PHE C 468 0.58 -11.31 -40.97
C PHE C 468 -0.74 -11.64 -40.29
N THR C 469 -0.73 -11.58 -38.96
CA THR C 469 -1.96 -11.75 -38.20
C THR C 469 -3.02 -10.80 -38.75
N LYS C 470 -4.15 -11.36 -39.15
CA LYS C 470 -5.22 -10.54 -39.68
C LYS C 470 -5.68 -9.59 -38.58
N PRO C 471 -5.58 -8.27 -38.75
CA PRO C 471 -6.00 -7.36 -37.68
C PRO C 471 -7.52 -7.20 -37.69
N GLN C 472 -8.13 -7.47 -36.54
CA GLN C 472 -9.56 -7.32 -36.36
C GLN C 472 -9.80 -6.16 -35.42
N ASP C 473 -10.60 -5.19 -35.86
CA ASP C 473 -10.85 -3.98 -35.08
C ASP C 473 -9.58 -3.16 -34.94
N GLY C 474 -8.59 -3.69 -34.23
CA GLY C 474 -7.35 -2.97 -34.00
C GLY C 474 -7.60 -1.68 -33.24
N ASP D 3 -13.99 14.43 -26.88
CA ASP D 3 -14.22 15.48 -25.91
C ASP D 3 -15.03 14.96 -24.71
N THR D 4 -14.41 14.05 -23.96
CA THR D 4 -15.05 13.47 -22.78
C THR D 4 -14.08 13.47 -21.61
N MET D 5 -14.44 12.79 -20.51
CA MET D 5 -13.65 12.86 -19.30
C MET D 5 -12.37 12.05 -19.44
N LYS D 6 -11.23 12.71 -19.29
CA LYS D 6 -9.95 12.01 -19.41
C LYS D 6 -9.47 11.55 -18.04
N VAL D 7 -8.76 10.43 -18.00
CA VAL D 7 -8.19 9.92 -16.77
C VAL D 7 -6.67 9.91 -16.91
N ILE D 8 -5.99 10.48 -15.92
CA ILE D 8 -4.54 10.52 -15.86
C ILE D 8 -4.07 9.79 -14.62
N ASN D 9 -3.06 8.94 -14.77
CA ASN D 9 -2.48 8.23 -13.64
C ASN D 9 -1.30 9.01 -13.08
N ASP D 10 -1.35 9.30 -11.79
CA ASP D 10 -0.38 10.12 -11.09
C ASP D 10 0.16 9.36 -9.89
N PRO D 11 1.47 9.42 -9.63
CA PRO D 11 2.03 8.65 -8.51
C PRO D 11 1.56 9.12 -7.14
N ILE D 12 1.06 10.35 -7.01
CA ILE D 12 0.64 10.88 -5.73
C ILE D 12 -0.86 10.68 -5.50
N HIS D 13 -1.68 10.91 -6.53
CA HIS D 13 -3.12 10.93 -6.37
C HIS D 13 -3.82 9.75 -7.05
N GLY D 14 -3.09 8.90 -7.75
CA GLY D 14 -3.70 7.78 -8.45
C GLY D 14 -4.43 8.20 -9.71
N HIS D 15 -5.63 7.68 -9.92
CA HIS D 15 -6.43 8.08 -11.07
C HIS D 15 -7.08 9.43 -10.79
N ILE D 16 -6.88 10.39 -11.69
CA ILE D 16 -7.48 11.71 -11.56
C ILE D 16 -8.23 12.02 -12.86
N GLU D 17 -9.48 12.43 -12.72
CA GLU D 17 -10.37 12.65 -13.86
C GLU D 17 -10.42 14.14 -14.19
N LEU D 18 -10.34 14.44 -15.49
CA LEU D 18 -10.30 15.80 -16.00
C LEU D 18 -11.53 16.05 -16.87
N HIS D 19 -12.30 17.06 -16.48
CA HIS D 19 -13.40 17.58 -17.26
C HIS D 19 -12.88 18.12 -18.60
N PRO D 20 -13.62 17.96 -19.69
CA PRO D 20 -13.07 18.34 -21.01
C PRO D 20 -12.65 19.79 -21.10
N LEU D 21 -13.27 20.69 -20.34
CA LEU D 21 -12.83 22.08 -20.30
C LEU D 21 -11.41 22.19 -19.75
N LEU D 22 -11.14 21.47 -18.66
CA LEU D 22 -9.79 21.44 -18.10
C LEU D 22 -8.82 20.86 -19.11
N VAL D 23 -9.24 19.82 -19.83
CA VAL D 23 -8.40 19.23 -20.86
C VAL D 23 -8.06 20.27 -21.92
N ARG D 24 -9.06 21.03 -22.37
CA ARG D 24 -8.82 22.04 -23.39
C ARG D 24 -7.83 23.08 -22.91
N ILE D 25 -7.93 23.48 -21.65
CA ILE D 25 -6.95 24.42 -21.11
C ILE D 25 -5.56 23.79 -21.10
N ILE D 26 -5.47 22.53 -20.67
CA ILE D 26 -4.18 21.86 -20.52
C ILE D 26 -3.49 21.71 -21.88
N ASP D 27 -4.23 21.33 -22.90
CA ASP D 27 -3.67 21.04 -24.22
C ASP D 27 -3.43 22.34 -25.00
N THR D 28 -2.55 23.17 -24.46
CA THR D 28 -2.13 24.41 -25.08
C THR D 28 -0.63 24.60 -24.84
N PRO D 29 0.06 25.33 -25.71
CA PRO D 29 1.49 25.58 -25.47
C PRO D 29 1.73 26.35 -24.17
N GLN D 30 0.80 27.25 -23.80
CA GLN D 30 0.98 28.04 -22.59
C GLN D 30 0.96 27.16 -21.35
N PHE D 31 0.16 26.10 -21.35
CA PHE D 31 0.16 25.18 -20.21
C PHE D 31 1.23 24.11 -20.33
N GLN D 32 1.40 23.52 -21.52
CA GLN D 32 2.43 22.50 -21.69
C GLN D 32 3.82 23.05 -21.41
N ARG D 33 3.98 24.38 -21.48
CA ARG D 33 5.25 25.00 -21.15
C ARG D 33 5.77 24.55 -19.78
N LEU D 34 4.86 24.26 -18.85
CA LEU D 34 5.28 23.92 -17.49
C LEU D 34 5.96 22.57 -17.39
N ARG D 35 5.94 21.75 -18.45
CA ARG D 35 6.71 20.52 -18.45
C ARG D 35 8.21 20.77 -18.44
N TYR D 36 8.64 22.01 -18.70
CA TYR D 36 10.05 22.32 -18.93
C TYR D 36 10.60 23.28 -17.87
N ILE D 37 9.93 23.37 -16.72
CA ILE D 37 10.39 24.20 -15.60
C ILE D 37 10.40 23.31 -14.36
N LYS D 38 11.60 23.06 -13.82
CA LYS D 38 11.73 22.17 -12.68
C LYS D 38 11.12 22.78 -11.43
N GLN D 39 10.43 21.94 -10.65
CA GLN D 39 9.72 22.44 -9.47
C GLN D 39 10.69 23.05 -8.46
N LEU D 40 11.84 22.41 -8.25
CA LEU D 40 12.80 22.83 -7.25
C LEU D 40 14.05 23.45 -7.85
N GLY D 41 14.09 23.66 -9.16
CA GLY D 41 15.21 24.37 -9.77
C GLY D 41 16.53 23.69 -9.49
N GLY D 42 17.51 24.50 -9.10
CA GLY D 42 18.86 24.01 -8.84
C GLY D 42 18.92 22.88 -7.85
N GLY D 43 17.83 22.68 -7.09
CA GLY D 43 17.79 21.56 -6.17
C GLY D 43 18.01 20.22 -6.83
N TYR D 44 17.71 20.13 -8.14
CA TYR D 44 17.96 18.87 -8.84
C TYR D 44 19.43 18.50 -8.80
N TYR D 45 20.33 19.48 -8.70
CA TYR D 45 21.76 19.20 -8.68
C TYR D 45 22.26 18.80 -7.30
N VAL D 46 21.36 18.69 -6.31
CA VAL D 46 21.68 18.12 -5.01
C VAL D 46 20.84 16.88 -4.73
N PHE D 47 19.56 16.89 -5.09
CA PHE D 47 18.66 15.76 -4.88
C PHE D 47 18.37 15.09 -6.21
N PRO D 48 19.03 13.97 -6.53
CA PRO D 48 18.89 13.40 -7.89
C PRO D 48 17.50 12.91 -8.21
N GLY D 49 16.59 12.83 -7.25
CA GLY D 49 15.22 12.48 -7.52
C GLY D 49 14.31 13.64 -7.85
N ALA D 50 14.76 14.87 -7.59
CA ALA D 50 13.94 16.06 -7.76
C ALA D 50 13.99 16.56 -9.21
N SER D 51 13.62 15.67 -10.13
CA SER D 51 13.54 15.98 -11.54
C SER D 51 12.15 16.47 -11.97
N HIS D 52 11.20 16.53 -11.04
CA HIS D 52 9.82 16.83 -11.39
C HIS D 52 9.65 18.31 -11.75
N ASN D 53 8.65 18.57 -12.59
CA ASN D 53 8.37 19.89 -13.13
C ASN D 53 7.02 20.37 -12.66
N ARG D 54 6.73 21.64 -12.94
CA ARG D 54 5.51 22.27 -12.43
C ARG D 54 4.25 21.73 -13.10
N PHE D 55 4.37 21.09 -14.26
CA PHE D 55 3.21 20.58 -14.98
C PHE D 55 2.41 19.58 -14.13
N GLU D 56 3.08 18.52 -13.68
CA GLU D 56 2.40 17.49 -12.90
C GLU D 56 1.91 18.05 -11.56
N HIS D 57 2.70 18.93 -10.95
CA HIS D 57 2.28 19.56 -9.70
C HIS D 57 0.99 20.36 -9.89
N SER D 58 0.88 21.09 -11.00
CA SER D 58 -0.33 21.86 -11.28
C SER D 58 -1.52 20.94 -11.51
N LEU D 59 -1.32 19.83 -12.22
CA LEU D 59 -2.39 18.85 -12.35
C LEU D 59 -2.87 18.41 -10.97
N GLY D 60 -1.92 18.14 -10.06
CA GLY D 60 -2.29 17.72 -8.72
C GLY D 60 -3.07 18.78 -7.97
N VAL D 61 -2.66 20.04 -8.10
CA VAL D 61 -3.36 21.13 -7.39
C VAL D 61 -4.78 21.26 -7.91
N GLY D 62 -4.96 21.19 -9.23
CA GLY D 62 -6.31 21.24 -9.78
C GLY D 62 -7.17 20.10 -9.26
N TYR D 63 -6.63 18.89 -9.28
CA TYR D 63 -7.36 17.73 -8.77
C TYR D 63 -7.78 17.96 -7.32
N LEU D 64 -6.85 18.42 -6.48
CA LEU D 64 -7.13 18.57 -5.06
C LEU D 64 -8.16 19.66 -4.80
N ALA D 65 -8.06 20.79 -5.52
CA ALA D 65 -9.07 21.83 -5.38
C ALA D 65 -10.45 21.28 -5.72
N GLY D 66 -10.54 20.53 -6.83
CA GLY D 66 -11.81 19.90 -7.16
C GLY D 66 -12.33 19.00 -6.06
N CYS D 67 -11.44 18.15 -5.52
CA CYS D 67 -11.85 17.22 -4.47
C CYS D 67 -12.39 17.98 -3.25
N LEU D 68 -11.67 18.99 -2.80
CA LEU D 68 -12.06 19.69 -1.58
C LEU D 68 -13.37 20.44 -1.76
N VAL D 69 -13.49 21.18 -2.87
CA VAL D 69 -14.72 21.95 -3.07
C VAL D 69 -15.91 21.02 -3.25
N HIS D 70 -15.71 19.89 -3.96
CA HIS D 70 -16.81 18.94 -4.15
C HIS D 70 -17.23 18.31 -2.82
N ALA D 71 -16.26 17.97 -1.96
CA ALA D 71 -16.61 17.41 -0.66
C ALA D 71 -17.37 18.41 0.18
N LEU D 72 -16.92 19.67 0.20
CA LEU D 72 -17.64 20.67 0.96
C LEU D 72 -19.06 20.84 0.43
N GLY D 73 -19.21 20.83 -0.89
CA GLY D 73 -20.55 20.96 -1.46
C GLY D 73 -21.44 19.78 -1.11
N GLU D 74 -20.92 18.57 -1.19
CA GLU D 74 -21.75 17.39 -0.93
C GLU D 74 -22.16 17.31 0.53
N LYS D 75 -21.27 17.72 1.45
CA LYS D 75 -21.63 17.66 2.86
C LYS D 75 -22.57 18.79 3.28
N GLN D 76 -22.46 19.98 2.66
CA GLN D 76 -23.22 21.15 3.06
C GLN D 76 -23.88 21.78 1.85
N PRO D 77 -25.06 21.29 1.46
CA PRO D 77 -25.78 21.93 0.34
C PRO D 77 -26.20 23.37 0.63
N GLU D 78 -26.31 23.75 1.92
CA GLU D 78 -26.74 25.10 2.26
C GLU D 78 -25.81 26.17 1.69
N LEU D 79 -24.55 25.82 1.40
CA LEU D 79 -23.61 26.78 0.86
C LEU D 79 -23.87 27.09 -0.61
N GLN D 80 -24.70 26.30 -1.28
CA GLN D 80 -25.04 26.52 -2.69
C GLN D 80 -23.79 26.52 -3.58
N ILE D 81 -22.87 25.59 -3.30
CA ILE D 81 -21.74 25.38 -4.19
C ILE D 81 -22.27 24.75 -5.48
N SER D 82 -22.05 25.42 -6.59
CA SER D 82 -22.47 24.92 -7.89
C SER D 82 -21.31 24.23 -8.59
N GLU D 83 -21.66 23.36 -9.54
CA GLU D 83 -20.62 22.73 -10.36
C GLU D 83 -19.82 23.78 -11.12
N ARG D 84 -20.44 24.91 -11.44
CA ARG D 84 -19.70 26.03 -12.02
C ARG D 84 -18.62 26.51 -11.07
N ASP D 85 -18.95 26.66 -9.78
CA ASP D 85 -17.95 27.03 -8.78
C ASP D 85 -16.86 25.97 -8.70
N VAL D 86 -17.24 24.69 -8.73
CA VAL D 86 -16.26 23.61 -8.67
C VAL D 86 -15.28 23.73 -9.83
N LEU D 87 -15.81 23.95 -11.04
CA LEU D 87 -14.95 24.05 -12.22
C LEU D 87 -14.03 25.26 -12.14
N CYS D 88 -14.55 26.40 -11.65
CA CYS D 88 -13.71 27.58 -11.55
C CYS D 88 -12.57 27.37 -10.55
N VAL D 89 -12.89 26.78 -9.39
CA VAL D 89 -11.86 26.46 -8.41
C VAL D 89 -10.83 25.51 -9.02
N GLN D 90 -11.30 24.53 -9.80
CA GLN D 90 -10.40 23.58 -10.43
C GLN D 90 -9.46 24.28 -11.41
N ILE D 91 -9.98 25.20 -12.21
CA ILE D 91 -9.14 25.92 -13.16
C ILE D 91 -8.12 26.78 -12.42
N ALA D 92 -8.56 27.46 -11.35
CA ALA D 92 -7.61 28.24 -10.57
C ALA D 92 -6.48 27.37 -10.05
N GLY D 93 -6.83 26.20 -9.49
CA GLY D 93 -5.79 25.27 -9.06
C GLY D 93 -4.87 24.86 -10.19
N LEU D 94 -5.45 24.61 -11.38
CA LEU D 94 -4.66 24.17 -12.51
C LEU D 94 -3.63 25.21 -12.94
N CYS D 95 -4.05 26.48 -12.99
CA CYS D 95 -3.26 27.52 -13.65
C CYS D 95 -2.51 28.42 -12.68
N HIS D 96 -2.47 28.07 -11.39
CA HIS D 96 -1.90 28.97 -10.39
C HIS D 96 -0.40 29.20 -10.59
N ASP D 97 0.31 28.27 -11.24
CA ASP D 97 1.75 28.39 -11.43
C ASP D 97 2.13 28.69 -12.88
N LEU D 98 1.17 29.11 -13.70
CA LEU D 98 1.49 29.42 -15.09
C LEU D 98 2.56 30.50 -15.21
N GLY D 99 2.68 31.37 -14.20
CA GLY D 99 3.61 32.48 -14.27
C GLY D 99 5.04 32.16 -13.94
N HIS D 100 5.33 30.96 -13.43
CA HIS D 100 6.69 30.64 -13.02
C HIS D 100 7.64 30.69 -14.21
N GLY D 101 8.90 30.95 -13.92
CA GLY D 101 9.92 31.06 -14.93
C GLY D 101 10.99 29.99 -14.77
N PRO D 102 12.07 30.11 -15.54
CA PRO D 102 13.12 29.08 -15.49
C PRO D 102 13.61 28.86 -14.06
N PHE D 103 13.61 27.59 -13.66
CA PHE D 103 14.04 27.19 -12.31
C PHE D 103 13.18 27.80 -11.22
N SER D 104 11.90 28.04 -11.55
CA SER D 104 10.89 28.43 -10.58
C SER D 104 11.30 29.60 -9.71
N HIS D 105 11.38 29.41 -8.39
CA HIS D 105 11.47 30.53 -7.46
C HIS D 105 12.78 31.29 -7.57
N MET D 106 13.78 30.73 -8.26
CA MET D 106 14.99 31.48 -8.54
C MET D 106 14.73 32.67 -9.45
N PHE D 107 13.79 32.53 -10.39
CA PHE D 107 13.59 33.57 -11.41
C PHE D 107 13.00 34.84 -10.81
N ASP D 108 11.82 34.72 -10.18
CA ASP D 108 11.22 35.90 -9.56
C ASP D 108 11.81 36.22 -8.20
N GLY D 109 12.37 35.22 -7.51
CA GLY D 109 12.98 35.47 -6.22
C GLY D 109 14.29 36.23 -6.33
N ARG D 110 15.14 35.84 -7.28
CA ARG D 110 16.49 36.38 -7.37
C ARG D 110 16.82 37.08 -8.68
N PHE D 111 16.59 36.43 -9.83
CA PHE D 111 17.20 36.90 -11.07
C PHE D 111 16.59 38.22 -11.53
N ILE D 112 15.26 38.31 -11.57
CA ILE D 112 14.61 39.55 -11.98
C ILE D 112 15.02 40.70 -11.05
N PRO D 113 15.08 40.51 -9.73
CA PRO D 113 15.59 41.59 -8.86
C PRO D 113 16.97 42.10 -9.25
N LEU D 114 17.88 41.21 -9.64
CA LEU D 114 19.23 41.65 -9.99
C LEU D 114 19.28 42.28 -11.38
N ALA D 115 18.57 41.70 -12.34
CA ALA D 115 18.59 42.22 -13.70
C ALA D 115 17.85 43.56 -13.78
N ARG D 116 16.66 43.62 -13.19
CA ARG D 116 15.80 44.80 -13.25
C ARG D 116 15.34 45.13 -11.83
N PRO D 117 16.17 45.81 -11.05
CA PRO D 117 15.76 46.15 -9.68
C PRO D 117 14.57 47.08 -9.61
N GLU D 118 14.23 47.77 -10.70
CA GLU D 118 13.18 48.78 -10.69
C GLU D 118 11.78 48.21 -10.87
N VAL D 119 11.65 46.93 -11.20
CA VAL D 119 10.36 46.35 -11.55
C VAL D 119 9.87 45.48 -10.39
N LYS D 120 8.55 45.45 -10.22
CA LYS D 120 7.89 44.68 -9.18
C LYS D 120 7.17 43.52 -9.86
N TRP D 121 7.77 42.33 -9.80
CA TRP D 121 7.29 41.17 -10.54
C TRP D 121 7.15 39.98 -9.60
N THR D 122 6.03 39.27 -9.74
CA THR D 122 5.79 38.02 -9.02
C THR D 122 5.29 36.98 -10.01
N HIS D 123 5.55 35.71 -9.71
CA HIS D 123 5.06 34.64 -10.56
C HIS D 123 3.54 34.54 -10.54
N GLU D 124 2.88 35.12 -9.52
CA GLU D 124 1.42 35.14 -9.53
C GLU D 124 0.87 36.15 -10.52
N GLN D 125 1.47 37.34 -10.59
CA GLN D 125 1.17 38.28 -11.66
C GLN D 125 1.35 37.62 -13.01
N GLY D 126 2.46 36.90 -13.18
CA GLY D 126 2.70 36.18 -14.42
C GLY D 126 1.69 35.10 -14.67
N SER D 127 1.21 34.45 -13.61
CA SER D 127 0.18 33.43 -13.78
C SER D 127 -1.10 34.05 -14.32
N VAL D 128 -1.47 35.23 -13.82
CA VAL D 128 -2.66 35.91 -14.34
C VAL D 128 -2.47 36.30 -15.79
N MET D 129 -1.31 36.89 -16.10
CA MET D 129 -1.06 37.34 -17.48
C MET D 129 -1.04 36.15 -18.44
N MET D 130 -0.41 35.05 -18.02
CA MET D 130 -0.32 33.87 -18.86
C MET D 130 -1.68 33.18 -19.00
N PHE D 131 -2.51 33.23 -17.95
CA PHE D 131 -3.87 32.70 -18.06
C PHE D 131 -4.67 33.47 -19.09
N GLU D 132 -4.59 34.80 -19.04
CA GLU D 132 -5.27 35.62 -20.05
C GLU D 132 -4.73 35.31 -21.45
N HIS D 133 -3.41 35.20 -21.58
CA HIS D 133 -2.81 34.90 -22.88
C HIS D 133 -3.29 33.55 -23.41
N LEU D 134 -3.31 32.53 -22.54
CA LEU D 134 -3.77 31.21 -22.95
C LEU D 134 -5.21 31.26 -23.43
N ILE D 135 -6.09 31.90 -22.65
CA ILE D 135 -7.50 31.97 -23.03
C ILE D 135 -7.65 32.68 -24.36
N ASN D 136 -7.02 33.84 -24.51
CA ASN D 136 -7.21 34.63 -25.72
C ASN D 136 -6.57 33.97 -26.94
N SER D 137 -5.53 33.15 -26.73
CA SER D 137 -4.86 32.49 -27.83
C SER D 137 -5.52 31.18 -28.25
N ASN D 138 -6.35 30.57 -27.38
CA ASN D 138 -6.83 29.23 -27.66
C ASN D 138 -8.36 29.11 -27.64
N GLY D 139 -9.08 30.22 -27.78
CA GLY D 139 -10.52 30.15 -27.91
C GLY D 139 -11.21 29.46 -26.76
N ILE D 140 -10.83 29.80 -25.53
CA ILE D 140 -11.33 29.07 -24.36
C ILE D 140 -12.68 29.61 -23.89
N LYS D 141 -12.95 30.90 -24.13
CA LYS D 141 -14.18 31.49 -23.60
C LYS D 141 -15.44 30.79 -24.11
N PRO D 142 -15.58 30.50 -25.41
CA PRO D 142 -16.78 29.77 -25.86
C PRO D 142 -16.92 28.41 -25.21
N VAL D 143 -15.82 27.71 -24.94
CA VAL D 143 -15.91 26.42 -24.26
C VAL D 143 -16.43 26.62 -22.84
N MET D 144 -15.91 27.63 -22.14
CA MET D 144 -16.44 27.98 -20.82
C MET D 144 -17.94 28.20 -20.88
N GLU D 145 -18.39 29.03 -21.83
CA GLU D 145 -19.82 29.30 -21.96
C GLU D 145 -20.58 28.00 -22.25
N GLN D 146 -19.99 27.12 -23.05
CA GLN D 146 -20.64 25.84 -23.38
C GLN D 146 -20.83 24.98 -22.15
N TYR D 147 -19.90 25.05 -21.19
CA TYR D 147 -19.98 24.22 -19.99
C TYR D 147 -20.52 24.98 -18.78
N GLY D 148 -21.22 26.10 -18.99
CA GLY D 148 -21.96 26.76 -17.94
C GLY D 148 -21.30 27.98 -17.33
N LEU D 149 -20.02 28.21 -17.59
CA LEU D 149 -19.34 29.34 -17.00
C LEU D 149 -19.83 30.66 -17.62
N ILE D 150 -19.66 31.74 -16.88
CA ILE D 150 -19.89 33.09 -17.37
C ILE D 150 -18.53 33.76 -17.46
N PRO D 151 -17.95 33.89 -18.66
CA PRO D 151 -16.52 34.23 -18.75
C PRO D 151 -16.10 35.49 -18.02
N GLU D 152 -16.87 36.56 -18.02
CA GLU D 152 -16.44 37.77 -17.32
C GLU D 152 -16.27 37.50 -15.82
N GLU D 153 -17.39 37.19 -15.16
CA GLU D 153 -17.37 36.94 -13.72
C GLU D 153 -16.35 35.87 -13.37
N ASP D 154 -16.35 34.76 -14.13
CA ASP D 154 -15.57 33.60 -13.72
C ASP D 154 -14.09 33.74 -14.03
N ILE D 155 -13.72 34.41 -15.12
CA ILE D 155 -12.31 34.72 -15.35
C ILE D 155 -11.80 35.65 -14.26
N CYS D 156 -12.60 36.65 -13.88
CA CYS D 156 -12.20 37.50 -12.77
C CYS D 156 -12.05 36.68 -11.49
N PHE D 157 -12.97 35.74 -11.26
CA PHE D 157 -12.92 34.91 -10.06
C PHE D 157 -11.65 34.07 -10.03
N ILE D 158 -11.29 33.47 -11.17
CA ILE D 158 -10.09 32.64 -11.23
C ILE D 158 -8.84 33.49 -10.97
N LYS D 159 -8.78 34.67 -11.59
CA LYS D 159 -7.63 35.54 -11.37
C LYS D 159 -7.54 35.98 -9.92
N GLU D 160 -8.68 36.27 -9.29
CA GLU D 160 -8.68 36.63 -7.87
C GLU D 160 -8.22 35.47 -7.01
N GLN D 161 -8.63 34.24 -7.36
CA GLN D 161 -8.14 33.07 -6.64
C GLN D 161 -6.63 32.96 -6.74
N ILE D 162 -6.07 33.32 -7.91
CA ILE D 162 -4.63 33.15 -8.10
C ILE D 162 -3.84 34.25 -7.38
N VAL D 163 -4.29 35.50 -7.48
CA VAL D 163 -3.44 36.64 -7.13
C VAL D 163 -3.99 37.47 -5.97
N GLY D 164 -5.28 37.39 -5.66
CA GLY D 164 -5.88 38.28 -4.69
C GLY D 164 -6.63 39.40 -5.37
N PRO D 165 -7.34 40.20 -4.60
CA PRO D 165 -8.12 41.30 -5.18
C PRO D 165 -7.24 42.49 -5.49
N LEU D 166 -7.78 43.39 -6.32
CA LEU D 166 -7.20 44.72 -6.41
C LEU D 166 -7.14 45.30 -5.00
N GLU D 167 -5.95 45.75 -4.59
CA GLU D 167 -5.80 46.23 -3.22
C GLU D 167 -6.47 47.57 -3.01
N SER D 168 -6.34 48.48 -3.98
CA SER D 168 -6.75 49.87 -3.79
C SER D 168 -8.24 50.05 -3.48
N PRO D 169 -9.17 49.35 -4.14
CA PRO D 169 -10.60 49.58 -3.93
C PRO D 169 -11.16 49.95 -2.55
N VAL D 170 -11.03 49.14 -1.49
CA VAL D 170 -11.70 49.48 -0.24
C VAL D 170 -10.83 49.13 0.94
N GLU D 171 -10.81 50.03 1.93
CA GLU D 171 -10.16 49.82 3.22
C GLU D 171 -11.16 49.99 4.35
N ASP D 172 -12.45 49.73 4.07
CA ASP D 172 -13.54 49.90 5.01
C ASP D 172 -14.09 48.56 5.50
N SER D 173 -13.24 47.52 5.52
CA SER D 173 -13.69 46.17 5.85
C SER D 173 -14.84 45.75 4.94
N LEU D 174 -14.84 46.25 3.72
CA LEU D 174 -15.85 45.92 2.73
C LEU D 174 -15.32 44.79 1.85
N TRP D 175 -16.18 43.79 1.59
CA TRP D 175 -15.79 42.63 0.78
C TRP D 175 -15.05 43.11 -0.47
N PRO D 176 -13.75 42.85 -0.58
CA PRO D 176 -12.97 43.41 -1.69
C PRO D 176 -13.01 42.60 -2.97
N TYR D 177 -13.70 41.46 -3.00
CA TYR D 177 -13.69 40.57 -4.14
C TYR D 177 -14.88 40.84 -5.04
N LYS D 178 -14.64 40.80 -6.36
CA LYS D 178 -15.69 40.97 -7.35
C LYS D 178 -16.04 39.66 -8.06
N GLY D 179 -15.26 38.60 -7.86
CA GLY D 179 -15.54 37.35 -8.56
C GLY D 179 -16.67 36.54 -7.94
N ARG D 180 -16.89 36.69 -6.64
CA ARG D 180 -17.94 35.95 -5.95
C ARG D 180 -18.37 36.77 -4.74
N PRO D 181 -19.59 36.55 -4.24
CA PRO D 181 -20.06 37.30 -3.08
C PRO D 181 -19.47 36.78 -1.78
N GLU D 182 -19.73 37.52 -0.70
CA GLU D 182 -19.11 37.22 0.59
C GLU D 182 -19.55 35.85 1.12
N ASN D 183 -20.77 35.41 0.78
CA ASN D 183 -21.26 34.15 1.33
C ASN D 183 -20.59 32.93 0.70
N LYS D 184 -19.75 33.13 -0.31
CA LYS D 184 -18.86 32.09 -0.81
C LYS D 184 -17.39 32.41 -0.52
N SER D 185 -17.14 33.24 0.49
CA SER D 185 -15.77 33.65 0.80
C SER D 185 -14.86 32.45 1.00
N PHE D 186 -15.39 31.36 1.57
CA PHE D 186 -14.56 30.19 1.84
C PHE D 186 -13.93 29.65 0.56
N LEU D 187 -14.59 29.81 -0.59
CA LEU D 187 -14.03 29.31 -1.84
C LEU D 187 -12.68 29.93 -2.15
N TYR D 188 -12.38 31.12 -1.61
CA TYR D 188 -11.10 31.76 -1.85
C TYR D 188 -9.97 31.18 -1.02
N GLU D 189 -10.27 30.33 -0.04
CA GLU D 189 -9.25 29.76 0.84
C GLU D 189 -8.68 28.45 0.30
N ILE D 190 -9.15 27.97 -0.84
CA ILE D 190 -8.83 26.61 -1.27
C ILE D 190 -7.47 26.57 -1.96
N VAL D 191 -7.32 27.31 -3.07
CA VAL D 191 -6.12 27.17 -3.89
C VAL D 191 -4.91 27.81 -3.20
N SER D 192 -5.09 29.03 -2.69
CA SER D 192 -4.01 29.76 -2.02
C SER D 192 -4.57 30.44 -0.78
N ASN D 193 -4.17 29.97 0.40
CA ASN D 193 -4.64 30.50 1.67
C ASN D 193 -3.49 31.27 2.32
N LYS D 194 -3.67 32.59 2.47
CA LYS D 194 -2.66 33.41 3.12
C LYS D 194 -2.73 33.33 4.64
N ARG D 195 -3.92 33.08 5.19
CA ARG D 195 -4.12 33.22 6.63
C ARG D 195 -3.43 32.11 7.40
N ASN D 196 -3.86 30.86 7.22
CA ASN D 196 -3.32 29.74 7.97
C ASN D 196 -2.40 28.86 7.16
N GLY D 197 -2.21 29.14 5.87
CA GLY D 197 -1.31 28.35 5.05
C GLY D 197 -1.76 26.93 4.82
N ILE D 198 -3.06 26.67 4.87
CA ILE D 198 -3.62 25.36 4.57
C ILE D 198 -4.33 25.50 3.22
N ASP D 199 -3.63 25.12 2.15
CA ASP D 199 -4.21 25.14 0.81
C ASP D 199 -3.75 23.91 0.05
N VAL D 200 -4.41 23.65 -1.08
CA VAL D 200 -4.16 22.41 -1.81
C VAL D 200 -2.85 22.46 -2.59
N ASP D 201 -2.40 23.67 -2.96
CA ASP D 201 -1.06 23.80 -3.53
C ASP D 201 -0.02 23.23 -2.59
N LYS D 202 -0.10 23.60 -1.31
CA LYS D 202 0.86 23.11 -0.33
C LYS D 202 0.74 21.61 -0.14
N TRP D 203 -0.49 21.09 -0.06
CA TRP D 203 -0.66 19.65 0.06
C TRP D 203 0.06 18.94 -1.09
N ASP D 204 -0.22 19.36 -2.32
CA ASP D 204 0.36 18.66 -3.46
C ASP D 204 1.88 18.72 -3.44
N TYR D 205 2.45 19.91 -3.27
CA TYR D 205 3.91 19.94 -3.41
C TYR D 205 4.62 19.39 -2.18
N PHE D 206 4.02 19.45 -0.99
CA PHE D 206 4.58 18.70 0.14
C PHE D 206 4.67 17.23 -0.21
N ALA D 207 3.56 16.63 -0.65
CA ALA D 207 3.55 15.20 -0.92
C ALA D 207 4.50 14.85 -2.07
N ARG D 208 4.43 15.60 -3.17
CA ARG D 208 5.23 15.31 -4.35
C ARG D 208 6.72 15.51 -4.09
N ASP D 209 7.08 16.60 -3.40
CA ASP D 209 8.47 16.84 -3.07
C ASP D 209 9.02 15.75 -2.15
N CYS D 210 8.23 15.32 -1.16
CA CYS D 210 8.66 14.20 -0.33
C CYS D 210 8.83 12.94 -1.16
N HIS D 211 7.89 12.68 -2.07
CA HIS D 211 7.98 11.53 -2.95
C HIS D 211 9.29 11.53 -3.73
N HIS D 212 9.70 12.69 -4.24
CA HIS D 212 10.87 12.77 -5.09
C HIS D 212 12.18 12.94 -4.32
N LEU D 213 12.13 13.34 -3.05
CA LEU D 213 13.32 13.58 -2.26
C LEU D 213 13.68 12.43 -1.33
N GLY D 214 12.82 11.44 -1.17
CA GLY D 214 13.06 10.39 -0.21
C GLY D 214 12.87 10.85 1.23
N ILE D 215 11.77 11.56 1.49
CA ILE D 215 11.42 12.04 2.81
C ILE D 215 10.03 11.51 3.14
N GLN D 216 9.88 10.99 4.36
CA GLN D 216 8.58 10.46 4.79
C GLN D 216 7.61 11.60 5.06
N ASN D 217 6.41 11.51 4.49
CA ASN D 217 5.35 12.48 4.71
C ASN D 217 4.24 11.80 5.51
N ASN D 218 4.00 12.30 6.72
CA ASN D 218 3.00 11.71 7.61
C ASN D 218 1.63 12.35 7.47
N PHE D 219 1.50 13.45 6.75
CA PHE D 219 0.21 14.09 6.55
C PHE D 219 -0.63 13.30 5.55
N ASP D 220 -1.92 13.19 5.84
CA ASP D 220 -2.87 12.47 5.00
C ASP D 220 -3.95 13.46 4.56
N TYR D 221 -3.80 14.03 3.37
CA TYR D 221 -4.75 15.03 2.89
C TYR D 221 -6.14 14.44 2.69
N LYS D 222 -6.22 13.16 2.35
CA LYS D 222 -7.53 12.54 2.11
C LYS D 222 -8.39 12.57 3.38
N ARG D 223 -7.78 12.24 4.52
CA ARG D 223 -8.51 12.30 5.79
C ARG D 223 -8.99 13.71 6.08
N PHE D 224 -8.10 14.70 5.92
CA PHE D 224 -8.46 16.08 6.20
C PHE D 224 -9.62 16.53 5.32
N ILE D 225 -9.59 16.17 4.03
CA ILE D 225 -10.70 16.49 3.14
C ILE D 225 -11.97 15.80 3.63
N LYS D 226 -11.86 14.51 3.97
CA LYS D 226 -13.02 13.77 4.44
C LYS D 226 -13.70 14.47 5.61
N PHE D 227 -12.90 15.08 6.49
CA PHE D 227 -13.43 15.69 7.70
C PHE D 227 -13.56 17.21 7.62
N ALA D 228 -13.25 17.82 6.49
CA ALA D 228 -13.32 19.27 6.39
C ALA D 228 -14.77 19.74 6.35
N ARG D 229 -15.04 20.86 7.00
CA ARG D 229 -16.35 21.49 7.00
C ARG D 229 -16.19 22.98 6.72
N VAL D 230 -17.31 23.65 6.49
CA VAL D 230 -17.35 25.11 6.43
C VAL D 230 -18.05 25.58 7.71
N CYS D 231 -17.37 26.43 8.46
CA CYS D 231 -17.90 26.88 9.73
C CYS D 231 -17.56 28.35 9.94
N GLU D 232 -18.31 28.97 10.85
CA GLU D 232 -18.25 30.42 11.06
C GLU D 232 -17.18 30.76 12.09
N VAL D 233 -16.30 31.68 11.73
CA VAL D 233 -15.26 32.19 12.64
C VAL D 233 -15.41 33.70 12.68
N ASP D 234 -15.75 34.22 13.87
CA ASP D 234 -16.04 35.64 14.03
C ASP D 234 -17.30 35.98 13.23
N ASN D 235 -17.14 36.34 11.96
CA ASN D 235 -18.24 36.31 11.01
C ASN D 235 -17.84 35.72 9.66
N GLU D 236 -16.55 35.58 9.38
CA GLU D 236 -16.11 35.00 8.11
C GLU D 236 -16.44 33.52 8.07
N LEU D 237 -16.92 33.06 6.91
CA LEU D 237 -17.08 31.64 6.67
C LEU D 237 -15.73 31.07 6.27
N ARG D 238 -15.29 30.00 6.94
CA ARG D 238 -13.94 29.51 6.75
C ARG D 238 -13.92 27.99 6.71
N ILE D 239 -12.83 27.47 6.17
CA ILE D 239 -12.59 26.04 6.06
C ILE D 239 -12.11 25.55 7.42
N CYS D 240 -12.96 24.80 8.12
CA CYS D 240 -12.67 24.34 9.47
C CYS D 240 -12.40 22.83 9.47
N ALA D 241 -11.52 22.44 10.40
CA ALA D 241 -11.10 21.05 10.54
C ALA D 241 -11.80 20.41 11.75
N ARG D 242 -12.00 19.11 11.66
CA ARG D 242 -12.49 18.36 12.81
C ARG D 242 -11.42 18.30 13.90
N ASP D 243 -11.87 18.29 15.16
CA ASP D 243 -10.92 18.28 16.27
C ASP D 243 -10.00 17.07 16.21
N LYS D 244 -10.54 15.89 15.85
CA LYS D 244 -9.71 14.70 15.81
C LYS D 244 -8.53 14.87 14.86
N GLU D 245 -8.67 15.72 13.84
CA GLU D 245 -7.61 15.91 12.86
C GLU D 245 -6.41 16.65 13.44
N VAL D 246 -6.46 17.06 14.70
CA VAL D 246 -5.38 17.86 15.27
C VAL D 246 -4.04 17.19 15.03
N GLY D 247 -3.96 15.89 15.31
CA GLY D 247 -2.70 15.18 15.11
C GLY D 247 -2.21 15.30 13.68
N ASN D 248 -3.11 15.04 12.73
CA ASN D 248 -2.76 15.20 11.33
C ASN D 248 -2.10 16.56 11.09
N LEU D 249 -2.72 17.62 11.62
CA LEU D 249 -2.16 18.95 11.41
C LEU D 249 -0.71 19.01 11.90
N TYR D 250 -0.46 18.52 13.11
CA TYR D 250 0.91 18.53 13.63
C TYR D 250 1.84 17.93 12.58
N ASP D 251 1.51 16.73 12.11
CA ASP D 251 2.38 16.05 11.16
C ASP D 251 2.60 16.92 9.93
N MET D 252 1.52 17.51 9.40
CA MET D 252 1.67 18.37 8.23
C MET D 252 2.73 19.43 8.49
N PHE D 253 2.60 20.16 9.60
CA PHE D 253 3.56 21.23 9.86
C PHE D 253 4.95 20.67 10.01
N HIS D 254 5.07 19.51 10.68
CA HIS D 254 6.38 18.89 10.82
C HIS D 254 6.94 18.46 9.47
N THR D 255 6.08 18.08 8.53
CA THR D 255 6.54 17.86 7.17
C THR D 255 7.05 19.16 6.57
N ARG D 256 6.28 20.24 6.72
CA ARG D 256 6.69 21.53 6.17
C ARG D 256 8.07 21.92 6.69
N ASN D 257 8.23 21.93 8.02
CA ASN D 257 9.53 22.22 8.60
C ASN D 257 10.61 21.30 8.00
N SER D 258 10.32 20.00 7.96
CA SER D 258 11.31 19.05 7.44
C SER D 258 11.66 19.38 6.00
N LEU D 259 10.69 19.84 5.22
CA LEU D 259 10.97 20.17 3.83
C LEU D 259 11.80 21.44 3.70
N HIS D 260 11.63 22.39 4.62
CA HIS D 260 12.32 23.66 4.47
C HIS D 260 13.78 23.55 4.89
N ARG D 261 14.04 22.92 6.04
CA ARG D 261 15.40 22.81 6.54
C ARG D 261 16.24 21.90 5.66
N ARG D 262 15.68 20.78 5.20
CA ARG D 262 16.47 19.79 4.49
C ARG D 262 16.62 20.11 3.01
N ALA D 263 15.58 20.68 2.37
CA ALA D 263 15.60 20.88 0.93
C ALA D 263 15.55 22.36 0.54
N TYR D 264 14.51 23.09 0.93
CA TYR D 264 14.30 24.43 0.36
C TYR D 264 15.43 25.38 0.72
N GLN D 265 16.04 25.22 1.89
CA GLN D 265 17.13 26.07 2.34
C GLN D 265 18.47 25.35 2.28
N HIS D 266 18.58 24.33 1.42
CA HIS D 266 19.83 23.62 1.29
C HIS D 266 20.94 24.58 0.83
N LYS D 267 22.11 24.42 1.43
CA LYS D 267 23.20 25.37 1.23
C LYS D 267 23.74 25.27 -0.20
N VAL D 268 24.06 24.05 -0.63
CA VAL D 268 24.60 23.84 -1.97
C VAL D 268 23.55 24.17 -3.02
N GLY D 269 22.28 23.87 -2.73
CA GLY D 269 21.23 24.18 -3.68
C GLY D 269 21.11 25.67 -3.97
N ASN D 270 21.12 26.48 -2.90
CA ASN D 270 21.04 27.92 -3.09
C ASN D 270 22.31 28.47 -3.74
N ILE D 271 23.47 27.88 -3.43
CA ILE D 271 24.70 28.31 -4.11
C ILE D 271 24.58 28.06 -5.61
N ILE D 272 24.08 26.89 -6.00
CA ILE D 272 23.92 26.58 -7.41
C ILE D 272 22.88 27.52 -8.04
N ASP D 273 21.84 27.86 -7.29
CA ASP D 273 20.88 28.83 -7.77
C ASP D 273 21.56 30.14 -8.13
N THR D 274 22.44 30.62 -7.24
CA THR D 274 23.12 31.89 -7.52
C THR D 274 24.06 31.76 -8.71
N MET D 275 24.72 30.62 -8.86
CA MET D 275 25.58 30.43 -10.04
C MET D 275 24.76 30.49 -11.32
N ILE D 276 23.59 29.84 -11.32
CA ILE D 276 22.73 29.88 -12.51
C ILE D 276 22.28 31.31 -12.78
N THR D 277 21.91 32.05 -11.74
CA THR D 277 21.50 33.43 -11.93
C THR D 277 22.64 34.27 -12.49
N ASP D 278 23.87 34.00 -12.05
CA ASP D 278 25.01 34.75 -12.56
C ASP D 278 25.23 34.48 -14.04
N ALA D 279 25.11 33.21 -14.44
CA ALA D 279 25.21 32.90 -15.87
C ALA D 279 24.11 33.59 -16.67
N PHE D 280 22.88 33.58 -16.15
CA PHE D 280 21.79 34.27 -16.82
C PHE D 280 22.11 35.75 -17.00
N LEU D 281 22.57 36.40 -15.93
CA LEU D 281 22.89 37.83 -16.01
C LEU D 281 23.99 38.09 -17.02
N LYS D 282 24.99 37.21 -17.07
CA LYS D 282 26.07 37.38 -18.05
C LYS D 282 25.62 37.06 -19.47
N ALA D 283 24.48 36.38 -19.64
CA ALA D 283 23.93 36.10 -20.96
C ALA D 283 22.72 36.97 -21.30
N ASP D 284 22.27 37.83 -20.38
CA ASP D 284 21.04 38.56 -20.61
C ASP D 284 21.13 39.45 -21.84
N ASP D 285 22.25 40.15 -22.02
CA ASP D 285 22.39 41.09 -23.12
C ASP D 285 22.59 40.42 -24.47
N TYR D 286 22.60 39.09 -24.55
CA TYR D 286 22.95 38.38 -25.78
C TYR D 286 21.96 37.33 -26.24
N ILE D 287 20.96 36.99 -25.44
CA ILE D 287 19.98 35.97 -25.81
C ILE D 287 18.73 36.66 -26.35
N GLU D 288 18.20 36.13 -27.45
CA GLU D 288 17.05 36.71 -28.13
C GLU D 288 15.87 35.76 -28.06
N ILE D 289 14.75 36.23 -27.50
CA ILE D 289 13.49 35.51 -27.51
C ILE D 289 12.54 36.31 -28.40
N THR D 290 11.96 35.65 -29.40
CA THR D 290 11.05 36.32 -30.32
C THR D 290 9.65 36.34 -29.72
N GLY D 291 9.04 37.53 -29.68
CA GLY D 291 7.73 37.69 -29.07
C GLY D 291 6.67 38.16 -30.05
N ALA D 292 5.65 38.84 -29.52
CA ALA D 292 4.53 39.28 -30.34
C ALA D 292 5.01 40.27 -31.40
N GLY D 293 4.45 40.15 -32.61
CA GLY D 293 4.82 41.02 -33.71
C GLY D 293 6.24 40.86 -34.18
N GLY D 294 6.95 39.82 -33.72
CA GLY D 294 8.34 39.64 -34.06
C GLY D 294 9.32 40.40 -33.18
N LYS D 295 8.82 41.24 -32.28
CA LYS D 295 9.69 41.94 -31.35
C LYS D 295 10.59 40.93 -30.62
N LYS D 296 11.86 41.28 -30.49
CA LYS D 296 12.84 40.42 -29.84
C LYS D 296 13.05 40.87 -28.41
N TYR D 297 13.16 39.91 -27.50
CA TYR D 297 13.19 40.18 -26.07
C TYR D 297 14.40 39.50 -25.45
N ARG D 298 14.71 39.93 -24.23
CA ARG D 298 15.78 39.35 -23.43
C ARG D 298 15.19 38.49 -22.33
N ILE D 299 16.07 37.80 -21.60
CA ILE D 299 15.62 36.93 -20.51
C ILE D 299 14.95 37.77 -19.42
N SER D 300 15.47 38.97 -19.17
CA SER D 300 14.88 39.85 -18.17
C SER D 300 13.65 40.61 -18.68
N THR D 301 13.44 40.65 -20.00
CA THR D 301 12.29 41.36 -20.56
C THR D 301 11.20 40.45 -21.11
N ALA D 302 11.44 39.14 -21.17
CA ALA D 302 10.41 38.24 -21.67
C ALA D 302 9.14 38.29 -20.82
N ILE D 303 9.25 38.72 -19.56
CA ILE D 303 8.08 38.82 -18.69
C ILE D 303 7.14 39.94 -19.12
N ASP D 304 7.53 40.77 -20.08
CA ASP D 304 6.70 41.86 -20.57
C ASP D 304 5.92 41.48 -21.82
N ASP D 305 6.08 40.26 -22.32
CA ASP D 305 5.37 39.81 -23.51
C ASP D 305 5.11 38.31 -23.37
N MET D 306 3.85 37.94 -23.22
CA MET D 306 3.52 36.54 -22.92
C MET D 306 3.83 35.62 -24.08
N GLU D 307 3.80 36.12 -25.32
CA GLU D 307 4.20 35.30 -26.45
C GLU D 307 5.66 34.87 -26.32
N ALA D 308 6.53 35.80 -25.91
CA ALA D 308 7.93 35.46 -25.69
C ALA D 308 8.15 34.69 -24.40
N TYR D 309 7.38 35.02 -23.35
CA TYR D 309 7.51 34.29 -22.09
C TYR D 309 7.14 32.82 -22.27
N THR D 310 6.22 32.53 -23.18
CA THR D 310 5.81 31.15 -23.41
C THR D 310 7.00 30.27 -23.80
N LYS D 311 8.03 30.87 -24.42
CA LYS D 311 9.19 30.13 -24.91
C LYS D 311 10.40 30.23 -23.99
N LEU D 312 10.21 30.69 -22.76
CA LEU D 312 11.32 30.88 -21.81
C LEU D 312 11.17 29.88 -20.68
N THR D 313 12.03 28.85 -20.68
CA THR D 313 11.95 27.76 -19.72
C THR D 313 13.37 27.40 -19.31
N ASP D 314 13.51 26.27 -18.61
CA ASP D 314 14.84 25.80 -18.20
C ASP D 314 15.73 25.53 -19.40
N ASN D 315 15.15 25.33 -20.59
CA ASN D 315 15.95 25.14 -21.80
C ASN D 315 17.03 26.19 -21.95
N ILE D 316 16.77 27.40 -21.44
CA ILE D 316 17.75 28.49 -21.58
C ILE D 316 19.10 28.04 -21.03
N PHE D 317 19.09 27.41 -19.86
CA PHE D 317 20.29 26.82 -19.29
C PHE D 317 21.08 26.09 -20.37
N LEU D 318 20.46 25.09 -20.98
CA LEU D 318 21.17 24.29 -21.97
C LEU D 318 21.54 25.12 -23.19
N GLU D 319 20.68 26.06 -23.58
CA GLU D 319 21.03 26.92 -24.70
C GLU D 319 22.35 27.64 -24.43
N ILE D 320 22.56 28.06 -23.18
CA ILE D 320 23.82 28.70 -22.83
C ILE D 320 24.95 27.69 -22.78
N LEU D 321 24.65 26.47 -22.33
CA LEU D 321 25.71 25.47 -22.14
C LEU D 321 26.22 24.92 -23.45
N TYR D 322 25.36 24.82 -24.46
CA TYR D 322 25.71 24.21 -25.74
C TYR D 322 26.17 25.21 -26.79
N SER D 323 26.22 26.51 -26.46
CA SER D 323 26.38 27.52 -27.49
C SER D 323 27.84 27.67 -27.91
N THR D 324 28.03 28.22 -29.11
CA THR D 324 29.34 28.53 -29.66
C THR D 324 29.59 30.03 -29.81
N ASP D 325 28.58 30.86 -29.59
CA ASP D 325 28.72 32.30 -29.76
C ASP D 325 29.76 32.84 -28.79
N PRO D 326 30.80 33.54 -29.26
CA PRO D 326 31.82 34.04 -28.32
C PRO D 326 31.25 34.91 -27.23
N LYS D 327 30.26 35.74 -27.55
CA LYS D 327 29.75 36.69 -26.57
C LYS D 327 29.16 36.00 -25.34
N LEU D 328 28.77 34.74 -25.46
CA LEU D 328 28.19 34.01 -24.34
C LEU D 328 29.22 33.24 -23.53
N LYS D 329 30.48 33.21 -23.97
CA LYS D 329 31.48 32.38 -23.32
C LYS D 329 31.47 32.60 -21.80
N ASP D 330 31.47 33.87 -21.38
CA ASP D 330 31.40 34.18 -19.96
C ASP D 330 30.36 33.32 -19.27
N ALA D 331 29.08 33.50 -19.64
CA ALA D 331 28.02 32.72 -19.02
C ALA D 331 28.30 31.23 -19.19
N ARG D 332 28.66 30.82 -20.40
CA ARG D 332 28.87 29.41 -20.68
C ARG D 332 29.91 28.81 -19.75
N GLU D 333 30.85 29.62 -19.27
CA GLU D 333 31.87 29.07 -18.38
C GLU D 333 31.28 28.76 -17.01
N ILE D 334 30.47 29.66 -16.46
CA ILE D 334 29.91 29.43 -15.13
C ILE D 334 29.20 28.08 -15.09
N LEU D 335 28.33 27.84 -16.07
CA LEU D 335 27.59 26.59 -16.11
C LEU D 335 28.54 25.41 -16.27
N LYS D 336 29.58 25.57 -17.10
CA LYS D 336 30.56 24.50 -17.21
C LYS D 336 31.11 24.14 -15.85
N GLN D 337 31.39 25.14 -15.01
CA GLN D 337 31.89 24.86 -13.67
C GLN D 337 30.89 24.04 -12.87
N ILE D 338 29.59 24.36 -13.00
CA ILE D 338 28.57 23.56 -12.33
C ILE D 338 28.72 22.10 -12.73
N GLU D 339 28.94 21.85 -14.03
CA GLU D 339 29.11 20.47 -14.48
C GLU D 339 30.31 19.82 -13.81
N TYR D 340 31.41 20.57 -13.67
CA TYR D 340 32.61 20.03 -13.05
C TYR D 340 32.56 20.06 -11.52
N ARG D 341 31.52 20.66 -10.95
CA ARG D 341 31.37 20.75 -9.49
C ARG D 341 32.42 21.67 -8.89
N ASN D 342 32.71 22.77 -9.58
CA ASN D 342 33.63 23.81 -9.12
C ASN D 342 32.76 25.04 -8.81
N LEU D 343 32.25 25.09 -7.58
CA LEU D 343 31.19 26.00 -7.21
C LEU D 343 31.69 27.11 -6.30
N PHE D 344 30.87 28.14 -6.15
CA PHE D 344 31.17 29.23 -5.22
C PHE D 344 31.29 28.68 -3.81
N LYS D 345 31.98 29.43 -2.95
CA LYS D 345 32.35 28.95 -1.62
C LYS D 345 31.53 29.66 -0.55
N TYR D 346 31.05 28.87 0.41
CA TYR D 346 30.16 29.36 1.47
C TYR D 346 30.97 30.15 2.48
N VAL D 347 30.75 31.45 2.54
CA VAL D 347 31.49 32.30 3.47
C VAL D 347 30.76 32.42 4.81
N GLY D 348 29.44 32.59 4.81
CA GLY D 348 28.76 32.57 6.10
C GLY D 348 27.29 32.93 6.02
N GLU D 349 26.68 32.96 7.21
CA GLU D 349 25.25 33.20 7.38
C GLU D 349 25.01 34.22 8.50
N THR D 350 23.90 34.95 8.37
CA THR D 350 23.52 35.99 9.32
C THR D 350 22.01 36.19 9.26
N GLN D 351 21.48 36.94 10.21
CA GLN D 351 20.07 37.30 10.27
C GLN D 351 19.91 38.79 10.53
N PRO D 352 18.76 39.36 10.16
CA PRO D 352 18.48 40.77 10.48
C PRO D 352 17.64 40.99 11.75
N THR D 353 17.42 39.96 12.55
CA THR D 353 16.62 40.09 13.78
C THR D 353 17.02 41.34 14.54
N GLY D 354 16.04 42.20 14.81
CA GLY D 354 16.27 43.51 15.37
C GLY D 354 16.32 44.62 14.34
N GLN D 355 16.41 44.27 13.05
CA GLN D 355 16.36 45.23 11.95
C GLN D 355 15.18 44.88 11.05
N ILE D 356 14.82 45.82 10.19
CA ILE D 356 13.81 45.58 9.16
C ILE D 356 14.41 44.63 8.13
N LYS D 357 13.57 44.07 7.27
CA LYS D 357 13.99 43.06 6.30
C LYS D 357 14.52 43.72 5.04
N ILE D 358 15.48 43.05 4.39
CA ILE D 358 16.04 43.57 3.15
C ILE D 358 15.01 43.41 2.04
N LYS D 359 14.79 44.49 1.29
CA LYS D 359 13.79 44.52 0.24
C LYS D 359 14.37 44.01 -1.07
N ARG D 360 13.47 43.51 -1.93
CA ARG D 360 13.91 43.00 -3.23
C ARG D 360 14.71 44.04 -3.99
N GLU D 361 14.16 45.25 -4.11
CA GLU D 361 14.75 46.30 -4.94
C GLU D 361 16.10 46.76 -4.41
N ASP D 362 16.55 46.21 -3.28
CA ASP D 362 17.85 46.55 -2.71
C ASP D 362 18.91 45.48 -2.95
N TYR D 363 18.55 44.35 -3.56
CA TYR D 363 19.50 43.24 -3.65
C TYR D 363 20.76 43.66 -4.40
N GLU D 364 20.62 44.40 -5.49
CA GLU D 364 21.78 44.80 -6.27
C GLU D 364 22.79 45.57 -5.43
N SER D 365 22.33 46.27 -4.39
CA SER D 365 23.23 47.03 -3.55
C SER D 365 24.12 46.14 -2.70
N LEU D 366 23.61 44.96 -2.32
CA LEU D 366 24.25 44.18 -1.26
C LEU D 366 25.69 43.80 -1.56
N PRO D 367 26.03 43.25 -2.74
CA PRO D 367 27.42 42.81 -2.95
C PRO D 367 28.42 43.93 -2.69
N LYS D 368 28.28 45.04 -3.42
CA LYS D 368 29.21 46.15 -3.26
C LYS D 368 29.37 46.51 -1.80
N GLU D 369 28.25 46.64 -1.07
CA GLU D 369 28.32 47.04 0.32
C GLU D 369 29.29 46.15 1.09
N VAL D 370 29.15 44.82 0.94
CA VAL D 370 30.02 43.91 1.66
C VAL D 370 31.48 44.19 1.30
N ALA D 371 31.75 44.34 0.01
CA ALA D 371 33.13 44.59 -0.42
C ALA D 371 33.61 45.96 0.03
N SER D 372 32.69 46.91 0.23
CA SER D 372 33.11 48.25 0.62
C SER D 372 33.46 48.33 2.09
N ALA D 373 32.71 47.63 2.94
CA ALA D 373 33.04 47.60 4.36
C ALA D 373 34.48 47.14 4.54
N LYS D 374 35.29 47.99 5.17
CA LYS D 374 36.72 47.78 5.26
C LYS D 374 37.06 47.17 6.62
N PRO D 375 37.54 45.92 6.67
CA PRO D 375 37.94 45.36 7.96
C PRO D 375 39.21 46.01 8.49
N LYS D 376 39.46 45.81 9.79
CA LYS D 376 40.70 46.26 10.41
C LYS D 376 41.63 45.05 10.49
N VAL D 377 42.19 44.71 9.33
CA VAL D 377 43.09 43.58 9.13
C VAL D 377 44.08 44.00 8.05
N LEU D 378 45.08 43.16 7.79
CA LEU D 378 45.98 43.44 6.68
C LEU D 378 45.23 43.23 5.36
N LEU D 379 45.31 44.23 4.49
CA LEU D 379 44.54 44.27 3.25
C LEU D 379 45.34 43.77 2.05
N ASP D 380 46.31 42.89 2.28
CA ASP D 380 47.14 42.40 1.19
C ASP D 380 46.34 41.59 0.18
N VAL D 381 45.16 41.10 0.56
CA VAL D 381 44.28 40.36 -0.33
C VAL D 381 42.96 41.10 -0.39
N LYS D 382 42.66 41.72 -1.53
CA LYS D 382 41.52 42.60 -1.68
C LYS D 382 40.47 41.99 -2.60
N LEU D 383 39.23 42.43 -2.42
CA LEU D 383 38.10 41.97 -3.20
C LEU D 383 37.27 43.18 -3.64
N LYS D 384 36.44 43.00 -4.65
CA LYS D 384 35.79 44.11 -5.34
C LYS D 384 34.29 44.20 -5.08
N ALA D 385 33.54 43.15 -5.40
CA ALA D 385 32.07 43.18 -5.38
C ALA D 385 31.55 42.13 -6.35
N GLU D 386 32.13 42.07 -7.55
CA GLU D 386 31.87 40.97 -8.46
C GLU D 386 32.27 39.64 -7.85
N ASP D 387 33.22 39.66 -6.91
CA ASP D 387 33.68 38.45 -6.23
C ASP D 387 32.69 37.95 -5.20
N PHE D 388 31.62 38.69 -4.92
CA PHE D 388 30.73 38.41 -3.80
C PHE D 388 29.35 37.98 -4.29
N ILE D 389 28.67 37.20 -3.46
CA ILE D 389 27.25 36.87 -3.65
C ILE D 389 26.55 37.01 -2.31
N VAL D 390 25.44 37.74 -2.31
CA VAL D 390 24.57 37.86 -1.15
C VAL D 390 23.23 37.24 -1.51
N ASP D 391 22.82 36.23 -0.75
CA ASP D 391 21.61 35.46 -0.99
C ASP D 391 20.65 35.70 0.16
N VAL D 392 19.50 36.27 -0.14
CA VAL D 392 18.47 36.58 0.86
C VAL D 392 17.40 35.50 0.77
N ILE D 393 17.27 34.70 1.83
CA ILE D 393 16.33 33.58 1.88
C ILE D 393 15.35 33.87 3.00
N ASN D 394 14.13 34.26 2.65
CA ASN D 394 13.08 34.57 3.62
C ASN D 394 12.05 33.45 3.61
N MET D 395 12.04 32.65 4.67
CA MET D 395 11.09 31.55 4.77
C MET D 395 9.69 32.10 4.99
N ASP D 396 8.79 31.83 4.05
CA ASP D 396 7.39 32.24 4.16
C ASP D 396 6.73 31.55 5.35
N ASN D 403 0.81 31.23 15.72
CA ASN D 403 1.28 30.86 14.39
C ASN D 403 1.05 29.37 14.07
N PRO D 404 1.58 28.45 14.89
CA PRO D 404 1.67 27.06 14.46
C PRO D 404 0.36 26.36 14.15
N ILE D 405 -0.52 26.22 15.14
CA ILE D 405 -1.77 25.49 14.98
C ILE D 405 -2.91 26.28 15.60
N ASP D 406 -2.72 27.59 15.72
CA ASP D 406 -3.70 28.47 16.34
C ASP D 406 -4.48 29.30 15.35
N HIS D 407 -3.92 29.56 14.17
CA HIS D 407 -4.70 30.21 13.11
C HIS D 407 -5.72 29.26 12.50
N VAL D 408 -5.50 27.95 12.63
CA VAL D 408 -6.47 26.96 12.16
C VAL D 408 -7.68 26.97 13.08
N SER D 409 -8.86 26.78 12.49
CA SER D 409 -10.12 26.81 13.23
C SER D 409 -10.76 25.43 13.19
N PHE D 410 -11.05 24.88 14.36
CA PHE D 410 -11.62 23.55 14.48
C PHE D 410 -13.12 23.62 14.79
N TYR D 411 -13.76 22.46 14.79
CA TYR D 411 -15.18 22.37 15.12
C TYR D 411 -15.45 21.02 15.77
N CYS D 412 -16.57 20.95 16.48
CA CYS D 412 -16.99 19.76 17.19
C CYS D 412 -18.13 19.06 16.44
N LYS D 413 -18.15 17.73 16.53
CA LYS D 413 -19.26 16.98 15.95
C LYS D 413 -20.58 17.35 16.60
N THR D 414 -20.54 17.71 17.88
CA THR D 414 -21.76 18.09 18.58
C THR D 414 -22.41 19.32 17.95
N ALA D 415 -21.59 20.34 17.64
CA ALA D 415 -22.07 21.61 17.11
C ALA D 415 -21.24 21.97 15.88
N PRO D 416 -21.55 21.39 14.72
CA PRO D 416 -20.68 21.63 13.55
C PRO D 416 -20.73 23.05 13.03
N ASN D 417 -21.81 23.79 13.25
CA ASN D 417 -21.95 25.10 12.63
C ASN D 417 -20.88 26.07 13.11
N ARG D 418 -20.62 26.10 14.41
CA ARG D 418 -19.68 27.06 14.98
C ARG D 418 -18.28 26.44 15.06
N ALA D 419 -17.31 27.26 15.48
CA ALA D 419 -15.92 26.85 15.60
C ALA D 419 -15.50 26.79 17.06
N ILE D 420 -14.55 25.91 17.35
CA ILE D 420 -14.02 25.78 18.71
C ILE D 420 -13.23 27.04 19.05
N ARG D 421 -13.32 27.45 20.31
CA ARG D 421 -12.61 28.63 20.79
C ARG D 421 -11.29 28.22 21.44
N ILE D 422 -10.24 28.99 21.14
CA ILE D 422 -8.90 28.72 21.64
C ILE D 422 -8.28 30.04 22.08
N THR D 423 -7.45 29.97 23.13
CA THR D 423 -6.79 31.16 23.70
C THR D 423 -5.37 31.22 23.16
N LYS D 424 -5.19 31.96 22.07
CA LYS D 424 -3.90 32.10 21.40
C LYS D 424 -3.15 30.77 21.40
N ASN D 425 -2.12 30.60 22.24
CA ASN D 425 -1.30 29.40 22.12
C ASN D 425 -2.09 28.13 22.43
N GLN D 426 -2.47 27.91 23.68
CA GLN D 426 -3.20 26.70 24.09
C GLN D 426 -2.63 25.48 23.35
N VAL D 427 -1.37 25.18 23.64
CA VAL D 427 -0.65 24.11 22.95
C VAL D 427 0.45 23.60 23.85
N SER D 428 0.88 22.36 23.59
CA SER D 428 2.07 21.83 24.24
C SER D 428 3.27 22.70 23.91
N GLN D 429 4.24 22.74 24.83
CA GLN D 429 5.46 23.48 24.55
C GLN D 429 6.05 23.06 23.21
N LEU D 430 6.02 21.77 22.93
CA LEU D 430 6.44 21.27 21.63
C LEU D 430 5.45 21.74 20.56
N LEU D 431 5.99 22.21 19.43
CA LEU D 431 5.19 22.78 18.37
C LEU D 431 6.05 22.81 17.10
N PRO D 432 5.44 22.98 15.93
CA PRO D 432 6.24 23.19 14.72
C PRO D 432 7.03 24.49 14.82
N GLU D 433 6.30 25.61 14.99
CA GLU D 433 6.85 26.94 15.23
C GLU D 433 8.29 27.13 14.75
N LYS D 434 9.21 27.46 15.65
CA LYS D 434 10.59 27.82 15.31
C LYS D 434 10.65 29.20 14.66
N PHE D 435 10.13 29.33 13.44
CA PHE D 435 10.08 30.60 12.70
C PHE D 435 11.46 31.01 12.19
N ALA D 436 11.53 31.43 10.92
CA ALA D 436 12.79 31.76 10.25
C ALA D 436 12.67 33.00 9.37
N GLU D 437 12.21 34.13 9.93
CA GLU D 437 11.81 35.30 9.14
C GLU D 437 12.71 35.55 7.93
N GLN D 438 13.99 35.84 8.15
CA GLN D 438 14.90 36.10 7.03
C GLN D 438 16.32 35.66 7.39
N LEU D 439 16.95 34.99 6.43
CA LEU D 439 18.35 34.56 6.52
C LEU D 439 19.13 35.19 5.38
N ILE D 440 20.41 35.45 5.62
CA ILE D 440 21.30 36.07 4.64
C ILE D 440 22.57 35.24 4.58
N ARG D 441 22.93 34.77 3.39
CA ARG D 441 24.15 34.01 3.21
C ARG D 441 25.07 34.74 2.24
N VAL D 442 26.36 34.73 2.55
CA VAL D 442 27.37 35.33 1.68
C VAL D 442 28.28 34.22 1.18
N TYR D 443 28.46 34.18 -0.15
CA TYR D 443 29.36 33.28 -0.84
C TYR D 443 30.39 34.09 -1.61
N CYS D 444 31.51 33.44 -1.97
CA CYS D 444 32.60 34.07 -2.69
C CYS D 444 32.95 33.25 -3.92
N LYS D 445 33.06 33.92 -5.07
CA LYS D 445 33.40 33.22 -6.31
C LYS D 445 34.88 32.87 -6.37
N LYS D 446 35.75 33.76 -5.88
CA LYS D 446 37.18 33.45 -5.84
C LYS D 446 37.42 32.28 -4.89
N VAL D 447 38.42 31.47 -5.21
CA VAL D 447 38.48 30.12 -4.68
C VAL D 447 39.73 29.84 -3.86
N ASP D 448 40.81 30.54 -4.14
CA ASP D 448 42.05 30.30 -3.40
C ASP D 448 41.81 30.54 -1.90
N ARG D 449 42.69 29.95 -1.09
CA ARG D 449 42.49 29.95 0.36
C ARG D 449 42.71 31.31 1.00
N LYS D 450 43.23 32.29 0.27
CA LYS D 450 43.55 33.59 0.85
C LYS D 450 42.36 34.55 0.72
N SER D 451 41.90 34.79 -0.50
CA SER D 451 40.73 35.65 -0.68
C SER D 451 39.53 35.09 0.07
N LEU D 452 39.41 33.75 0.13
CA LEU D 452 38.39 33.16 0.99
C LEU D 452 38.55 33.64 2.42
N TYR D 453 39.79 33.79 2.88
CA TYR D 453 40.01 34.32 4.22
C TYR D 453 39.47 35.75 4.34
N ALA D 454 39.88 36.64 3.43
CA ALA D 454 39.52 38.05 3.54
C ALA D 454 38.01 38.28 3.42
N ALA D 455 37.34 37.49 2.58
CA ALA D 455 35.90 37.61 2.43
C ALA D 455 35.21 37.50 3.78
N ARG D 456 35.75 36.66 4.69
CA ARG D 456 35.14 36.52 6.00
C ARG D 456 35.29 37.80 6.83
N GLN D 457 36.44 38.48 6.71
CA GLN D 457 36.60 39.76 7.40
C GLN D 457 35.59 40.77 6.88
N TYR D 458 35.46 40.87 5.56
CA TYR D 458 34.47 41.77 4.98
C TYR D 458 33.07 41.41 5.50
N PHE D 459 32.77 40.12 5.57
CA PHE D 459 31.44 39.67 5.98
C PHE D 459 31.14 40.05 7.42
N VAL D 460 32.10 39.82 8.33
CA VAL D 460 31.86 40.14 9.74
C VAL D 460 31.70 41.65 9.91
N GLN D 461 32.57 42.44 9.27
CA GLN D 461 32.46 43.89 9.43
C GLN D 461 31.15 44.41 8.83
N TRP D 462 30.72 43.86 7.70
CA TRP D 462 29.45 44.26 7.12
C TRP D 462 28.28 43.90 8.03
N CYS D 463 28.31 42.71 8.62
CA CYS D 463 27.26 42.32 9.54
C CYS D 463 27.20 43.27 10.73
N ALA D 464 28.35 43.66 11.26
CA ALA D 464 28.36 44.64 12.35
C ALA D 464 27.83 45.99 11.88
N ASP D 465 28.21 46.41 10.67
CA ASP D 465 27.83 47.73 10.18
C ASP D 465 26.32 47.82 9.97
N ARG D 466 25.69 46.76 9.47
CA ARG D 466 24.24 46.72 9.33
C ARG D 466 23.54 46.32 10.62
N ASN D 467 24.29 46.05 11.68
CA ASN D 467 23.74 45.62 12.97
C ASN D 467 23.00 44.29 12.85
N PHE D 468 23.39 43.46 11.88
CA PHE D 468 22.89 42.11 11.79
C PHE D 468 23.56 41.25 12.87
N THR D 469 23.09 39.99 12.99
CA THR D 469 23.63 39.10 14.00
C THR D 469 25.07 38.75 13.67
N LYS D 470 25.69 37.95 14.54
CA LYS D 470 27.10 37.62 14.43
C LYS D 470 27.27 36.27 13.75
N PRO D 471 27.99 36.18 12.63
CA PRO D 471 28.17 34.86 12.01
C PRO D 471 28.86 33.88 12.95
N GLN D 472 28.40 32.64 12.92
CA GLN D 472 28.98 31.56 13.70
C GLN D 472 30.09 30.86 12.90
N ASP D 473 30.99 30.21 13.63
CA ASP D 473 32.08 29.50 12.98
C ASP D 473 31.55 28.39 12.08
N GLY D 474 32.45 27.82 11.28
CA GLY D 474 32.09 26.77 10.35
C GLY D 474 33.28 26.20 9.62
C4 YWI E . -26.42 -8.74 11.69
C14 YWI E . -33.64 -7.32 17.77
C5 YWI E . -25.82 -9.98 11.58
C6 YWI E . -26.64 -11.12 11.36
C11 YWI E . -31.50 -3.71 17.17
C8 YWI E . -24.23 -8.58 11.90
C10 YWI E . -30.58 -4.17 16.05
C12 YWI E . -31.43 -4.50 18.48
C13 YWI E . -32.86 -6.48 18.74
N1 YWI E . -27.98 -10.76 11.31
N2 YWI E . -29.81 -9.35 11.34
N3 YWI E . -27.72 -8.42 11.63
C1' YWI E . -25.52 -6.38 12.06
C15 YWI E . -33.25 -7.27 16.43
C16 YWI E . -33.94 -7.99 15.48
C17 YWI E . -35.02 -8.76 15.85
C18 YWI E . -35.43 -8.87 17.18
C19 YWI E . -36.62 -9.70 17.54
C2 YWI E . -28.48 -9.48 11.43
C2' YWI E . -26.53 -5.64 11.20
C20 YWI E . -37.54 -10.05 16.56
C21 YWI E . -38.63 -10.85 16.85
C22 YWI E . -38.79 -11.36 18.12
C23 YWI E . -37.85 -11.06 19.08
C24 YWI E . -36.77 -10.24 18.81
C25 YWI E . -34.74 -8.11 18.12
C3' YWI E . -27.64 -5.29 12.18
C4' YWI E . -26.85 -5.12 13.47
C5' YWI E . -27.63 -5.12 14.76
N5 YWI E . -31.78 -5.89 18.23
N7 YWI E . -24.46 -9.87 11.70
N9 YWI E . -25.40 -7.83 11.88
O1B YWI E . -30.22 -5.32 13.33
O1G YWI E . -33.35 -6.13 19.80
O2 YWI E . -28.46 -6.30 14.84
O3' YWI E . -28.33 -4.10 11.81
O3A YWI E . -30.75 -5.51 15.76
O3B YWI E . -30.52 -7.61 14.47
O4' YWI E . -25.91 -6.21 13.44
O6 YWI E . -26.30 -12.30 11.25
PB YWI E . -30.02 -6.21 14.51
BR1 YWI E . -38.07 -11.79 20.82
HOG2 YWI E . -31.30 -2.78 17.36
HO2' YWI E . -32.43 -3.75 16.84
H8 YWI E . -23.37 -8.22 12.01
HOB2 YWI E . -30.77 -3.64 15.25
HOA2 YWI E . -29.65 -4.01 16.31
H17 YWI E . -30.53 -4.44 18.85
HOG3 YWI E . -32.05 -4.11 19.13
HN1 YWI E . -28.58 -11.42 11.16
HN22 YWI E . -30.31 -10.06 11.20
HN21 YWI E . -30.17 -8.55 11.41
H1' YWI E . -24.67 -5.92 11.88
H19 YWI E . -32.51 -6.75 16.18
H20 YWI E . -33.67 -7.95 14.58
H21 YWI E . -35.51 -9.23 15.18
H2' YWI E . -26.14 -4.84 10.81
H6 YWI E . -26.86 -6.23 10.49
H22 YWI E . -37.42 -9.74 15.67
H23 YWI E . -39.26 -11.05 16.18
H24 YWI E . -39.53 -11.92 18.33
H25 YWI E . -36.14 -10.06 19.48
H26 YWI E . -35.01 -8.14 19.04
H3' YWI E . -28.31 -6.02 12.26
H4' YWI E . -26.39 -4.23 13.46
H5'' YWI E . -27.00 -5.10 15.52
H5' YWI E . -28.20 -4.31 14.80
H18 YWI E . -31.25 -6.34 17.71
HO3' YWI E . -28.66 -4.20 11.04
FE FE F . -4.07 -8.43 25.14
C4 YWI G . 3.62 -22.04 13.69
C14 YWI G . 7.84 -31.15 12.12
C5 YWI G . 2.46 -21.84 14.43
C6 YWI G . 2.38 -22.42 15.72
C11 YWI G . 7.92 -28.44 9.56
C8 YWI G . 2.14 -20.83 12.57
C10 YWI G . 7.76 -27.01 9.99
C12 YWI G . 6.72 -29.30 9.96
C13 YWI G . 7.24 -31.61 10.80
N1 YWI G . 3.55 -23.10 16.04
N2 YWI G . 5.67 -23.95 15.71
N3 YWI G . 4.73 -22.70 14.01
C1' YWI G . 4.35 -21.28 11.38
C15 YWI G . 8.27 -29.89 12.51
C16 YWI G . 8.81 -29.69 13.77
C17 YWI G . 8.93 -30.75 14.65
C18 YWI G . 8.48 -32.02 14.31
C19 YWI G . 8.63 -33.17 15.25
C2 YWI G . 4.65 -23.23 15.23
C2' YWI G . 5.82 -21.01 11.69
C20 YWI G . 9.48 -33.09 16.36
C21 YWI G . 9.61 -34.15 17.23
C22 YWI G . 8.85 -35.30 17.05
C23 YWI G . 7.99 -35.37 15.98
C24 YWI G . 7.86 -34.32 15.09
C25 YWI G . 7.96 -32.21 13.03
C3' YWI G . 6.55 -22.25 11.21
C4' YWI G . 5.58 -22.81 10.16
C5' YWI G . 5.73 -24.27 9.83
N5 YWI G . 6.98 -30.73 9.83
N7 YWI G . 1.55 -21.09 13.72
N9 YWI G . 3.41 -21.38 12.50
O1B YWI G . 7.81 -24.68 11.86
O1G YWI G . 7.16 -32.82 10.58
O2 YWI G . 5.46 -25.07 10.99
O3' YWI G . 7.82 -21.94 10.62
O3A YWI G . 7.13 -26.99 11.23
O3B YWI G . 6.05 -26.01 13.21
O4' YWI G . 4.29 -22.56 10.74
O6 YWI G . 1.44 -22.36 16.53
PB YWI G . 6.66 -25.62 11.91
BR1 YWI G . 6.95 -36.94 15.72
HOG2 YWI G . 8.04 -28.49 8.59
HO2' YWI G . 8.73 -28.82 9.96
H8 YWI G . 1.73 -20.33 11.88
HOB2 YWI G . 8.64 -26.58 10.05
HOA2 YWI G . 7.22 -26.52 9.33
H17 YWI G . 6.49 -29.11 10.89
HOG3 YWI G . 5.96 -29.05 9.41
HN1 YWI G . 3.59 -23.50 16.84
HN22 YWI G . 5.63 -24.30 16.51
HN21 YWI G . 6.40 -24.05 15.22
H1' YWI G . 4.11 -20.56 10.77
H19 YWI G . 8.19 -29.16 11.91
H20 YWI G . 9.09 -28.82 14.02
H21 YWI G . 9.32 -30.61 15.50
H2' YWI G . 6.12 -20.21 11.21
H6 YWI G . 5.95 -20.87 12.65
H22 YWI G . 9.97 -32.30 16.50
H23 YWI G . 10.20 -34.08 17.96
H24 YWI G . 8.94 -36.01 17.66
H25 YWI G . 7.26 -34.39 14.37
H26 YWI G . 7.68 -33.07 12.77
H3' YWI G . 6.69 -22.88 11.96
H4' YWI G . 5.70 -22.31 9.31
H5'' YWI G . 5.09 -24.50 9.10
H5' YWI G . 6.65 -24.44 9.50
H18 YWI G . 6.96 -31.03 9.01
HO3' YWI G . 8.28 -21.54 11.18
FE FE H . -17.26 -19.26 -1.80
C4 YWI I . -2.58 13.38 -21.16
C14 YWI I . -5.58 11.47 -30.72
C5 YWI I . -1.59 14.29 -20.88
C6 YWI I . -1.69 15.60 -21.43
C11 YWI I . -5.47 8.71 -28.44
C8 YWI I . -1.03 12.51 -19.87
C10 YWI I . -5.68 9.18 -27.02
C12 YWI I . -4.22 9.26 -29.10
C13 YWI I . -4.82 10.30 -31.31
N1 YWI I . -2.84 15.73 -22.20
N2 YWI I . -4.82 15.07 -23.20
N3 YWI I . -3.69 13.52 -21.91
C1' YWI I . -2.91 10.92 -20.45
C15 YWI I . -5.97 11.69 -29.40
C16 YWI I . -6.68 12.82 -29.05
C17 YWI I . -7.03 13.75 -30.02
C18 YWI I . -6.64 13.58 -31.34
C19 YWI I . -7.04 14.57 -32.38
C2 YWI I . -3.78 14.74 -22.42
C2' YWI I . -4.42 10.92 -20.26
C20 YWI I . -8.11 15.44 -32.17
C21 YWI I . -8.47 16.38 -33.12
C22 YWI I . -7.74 16.50 -34.29
C23 YWI I . -6.66 15.68 -34.48
C24 YWI I . -6.28 14.73 -33.55
C25 YWI I . -5.94 12.42 -31.67
C3' YWI I . -4.98 10.60 -21.64
C4' YWI I . -3.85 9.73 -22.22
C5' YWI I . -3.84 9.69 -23.74
N5 YWI I . -4.34 9.30 -30.55
N7 YWI I . -0.62 13.75 -20.08
N9 YWI I . -2.22 12.22 -20.50
O1B YWI I . -6.50 11.71 -25.58
O1G YWI I . -4.72 10.24 -32.54
O2 YWI I . -5.11 10.17 -24.21
O3' YWI I . -6.20 9.89 -21.59
O3A YWI I . -4.85 10.25 -26.74
O3B YWI I . -3.99 12.12 -25.30
O4' YWI I . -2.64 10.32 -21.73
O6 YWI I . -0.91 16.55 -21.29
PB YWI I . -5.12 11.18 -25.46
BR1 YWI I . -5.63 15.86 -36.07
HOG2 YWI I . -5.44 7.73 -28.45
HO2' YWI I . -6.25 8.98 -28.97
H8 YWI I . -0.54 11.89 -19.34
HOB2 YWI I . -6.61 9.45 -26.88
HOA2 YWI I . -5.48 8.44 -26.39
H17 YWI I . -4.03 10.16 -28.76
HOG3 YWI I . -3.45 8.69 -28.86
HN1 YWI I . -2.99 16.52 -22.58
HN22 YWI I . -4.88 15.88 -23.53
HN21 YWI I . -5.44 14.47 -23.36
H1' YWI I . -2.59 10.37 -19.70
H19 YWI I . -5.73 11.07 -28.73
H20 YWI I . -6.93 12.97 -28.14
H21 YWI I . -7.54 14.50 -29.78
H2' YWI I . -4.68 10.23 -19.61
H6 YWI I . -4.73 11.79 -19.95
H22 YWI I . -8.60 15.39 -31.37
H23 YWI I . -9.22 16.93 -32.97
H24 YWI I . -7.98 17.14 -34.94
H25 YWI I . -5.53 14.20 -33.69
H26 YWI I . -5.70 12.28 -32.57
H3' YWI I . -5.10 11.43 -22.16
H4' YWI I . -3.92 8.79 -21.91
H5'' YWI I . -3.11 10.27 -24.07
H5' YWI I . -3.68 8.77 -24.05
H18 YWI I . -4.07 8.59 -30.98
HO3' YWI I . -6.77 10.36 -21.20
FE FE J . 19.99 1.16 -17.35
C4 YWI K . 26.23 15.52 -5.92
C14 YWI K . 32.90 23.27 -3.61
C5 YWI K . 25.62 15.37 -7.15
C6 YWI K . 26.43 15.45 -8.32
C11 YWI K . 30.20 22.03 -1.23
C8 YWI K . 24.06 15.16 -5.71
C10 YWI K . 30.09 20.54 -1.42
C12 YWI K . 30.09 22.79 -2.54
C13 YWI K . 31.95 24.35 -3.16
N1 YWI K . 27.75 15.69 -7.99
N2 YWI K . 29.57 16.07 -6.60
N3 YWI K . 27.50 15.75 -5.62
C1' YWI K . 25.32 15.47 -3.53
C15 YWI K . 32.88 21.92 -3.27
C16 YWI K . 33.84 21.06 -3.77
C17 YWI K . 34.82 21.53 -4.63
C18 YWI K . 34.85 22.86 -5.03
C19 YWI K . 35.91 23.36 -5.94
C2 YWI K . 28.26 15.84 -6.71
C2' YWI K . 26.52 14.89 -2.81
C20 YWI K . 37.06 22.60 -6.20
C21 YWI K . 38.05 23.05 -7.05
C22 YWI K . 37.90 24.26 -7.70
C23 YWI K . 36.76 25.01 -7.47
C24 YWI K . 35.77 24.57 -6.62
C25 YWI K . 33.88 23.71 -4.49
C3' YWI K . 27.29 16.10 -2.31
C4' YWI K . 26.19 17.16 -2.19
C5' YWI K . 26.63 18.59 -2.25
N5 YWI K . 30.82 24.06 -2.50
N7 YWI K . 24.27 15.14 -7.01
N9 YWI K . 25.21 15.37 -4.99
O1B YWI K . 29.54 17.83 -2.39
O1G YWI K . 32.31 25.53 -3.25
O2 YWI K . 27.44 18.79 -3.43
O3' YWI K . 27.90 15.87 -1.04
O3A YWI K . 28.98 20.26 -2.20
O3B YWI K . 29.65 19.36 -4.45
O4' YWI K . 25.32 16.88 -3.30
O6 YWI K . 26.07 15.34 -9.50
PB YWI K . 29.01 18.98 -3.16
BR1 YWI K . 36.55 26.67 -8.38
HOG2 YWI K . 29.50 22.34 -0.62
HO2' YWI K . 31.07 22.24 -0.81
H8 YWI K . 23.20 15.04 -5.33
HOB2 YWI K . 30.90 20.19 -1.86
HOA2 YWI K . 30.00 20.10 -0.55
H17 YWI K . 30.46 22.24 -3.27
HOG3 YWI K . 29.15 22.97 -2.74
HN1 YWI K . 28.34 15.76 -8.67
HN22 YWI K . 30.06 16.12 -7.33
HN21 YWI K . 29.94 16.16 -5.82
H1' YWI K . 24.59 14.98 -3.08
H19 YWI K . 32.21 21.58 -2.69
H20 YWI K . 33.82 20.14 -3.53
H21 YWI K . 35.48 20.93 -4.96
H2' YWI K . 26.25 14.32 -2.06
H6 YWI K . 27.07 14.37 -3.43
H22 YWI K . 37.16 21.76 -5.77
H23 YWI K . 38.81 22.54 -7.19
H24 YWI K . 38.57 24.58 -8.28
H25 YWI K . 35.00 25.09 -6.49
H26 YWI K . 33.91 24.63 -4.73
H3' YWI K . 27.98 16.37 -2.96
H4' YWI K . 25.72 17.04 -1.34
H5'' YWI K . 25.85 19.19 -2.28
H5' YWI K . 27.16 18.80 -1.44
H18 YWI K . 30.48 24.67 -2.00
HO3' YWI K . 28.42 15.22 -1.10
FE FE L . 2.11 25.50 -6.78
#